data_7UTG
# 
_entry.id   7UTG 
# 
_audit_conform.dict_name       mmcif_pdbx.dic 
_audit_conform.dict_version    5.397 
_audit_conform.dict_location   http://mmcif.pdb.org/dictionaries/ascii/mmcif_pdbx.dic 
# 
loop_
_database_2.database_id 
_database_2.database_code 
_database_2.pdbx_database_accession 
_database_2.pdbx_DOI 
PDB   7UTG         pdb_00007utg 10.2210/pdb7utg/pdb 
WWPDB D_1000264876 ?            ?                   
# 
loop_
_pdbx_audit_revision_history.ordinal 
_pdbx_audit_revision_history.data_content_type 
_pdbx_audit_revision_history.major_revision 
_pdbx_audit_revision_history.minor_revision 
_pdbx_audit_revision_history.revision_date 
1 'Structure model' 1 0 2022-12-21 
2 'Structure model' 1 1 2023-01-11 
3 'Structure model' 1 2 2023-10-25 
4 'Structure model' 1 3 2024-10-23 
# 
_pdbx_audit_revision_details.ordinal             1 
_pdbx_audit_revision_details.revision_ordinal    1 
_pdbx_audit_revision_details.data_content_type   'Structure model' 
_pdbx_audit_revision_details.provider            repository 
_pdbx_audit_revision_details.type                'Initial release' 
_pdbx_audit_revision_details.description         ? 
_pdbx_audit_revision_details.details             ? 
# 
loop_
_pdbx_audit_revision_group.ordinal 
_pdbx_audit_revision_group.revision_ordinal 
_pdbx_audit_revision_group.data_content_type 
_pdbx_audit_revision_group.group 
1 2 'Structure model' 'Database references'    
2 3 'Structure model' 'Data collection'        
3 3 'Structure model' 'Refinement description' 
4 4 'Structure model' 'Structure summary'      
# 
loop_
_pdbx_audit_revision_category.ordinal 
_pdbx_audit_revision_category.revision_ordinal 
_pdbx_audit_revision_category.data_content_type 
_pdbx_audit_revision_category.category 
1 2 'Structure model' citation                      
2 2 'Structure model' citation_author               
3 3 'Structure model' chem_comp_atom                
4 3 'Structure model' chem_comp_bond                
5 3 'Structure model' pdbx_initial_refinement_model 
6 4 'Structure model' pdbx_entry_details            
7 4 'Structure model' pdbx_modification_feature     
# 
loop_
_pdbx_audit_revision_item.ordinal 
_pdbx_audit_revision_item.revision_ordinal 
_pdbx_audit_revision_item.data_content_type 
_pdbx_audit_revision_item.item 
1 2 'Structure model' '_citation.journal_volume'                     
2 2 'Structure model' '_citation.page_first'                         
3 2 'Structure model' '_citation.page_last'                          
4 2 'Structure model' '_citation.pdbx_database_id_PubMed'            
5 2 'Structure model' '_citation.title'                              
6 2 'Structure model' '_citation_author.identifier_ORCID'            
7 4 'Structure model' '_pdbx_entry_details.has_protein_modification' 
# 
_pdbx_database_status.status_code                     REL 
_pdbx_database_status.status_code_sf                  REL 
_pdbx_database_status.status_code_mr                  ? 
_pdbx_database_status.entry_id                        7UTG 
_pdbx_database_status.recvd_initial_deposition_date   2022-04-26 
_pdbx_database_status.SG_entry                        N 
_pdbx_database_status.deposit_site                    RCSB 
_pdbx_database_status.process_site                    RCSB 
_pdbx_database_status.status_code_cs                  ? 
_pdbx_database_status.status_code_nmr_data            ? 
_pdbx_database_status.methods_development_category    ? 
_pdbx_database_status.pdb_format_compatible           Y 
# 
_pdbx_contact_author.id                 3 
_pdbx_contact_author.email              dassama@stanford.edu 
_pdbx_contact_author.name_first         Laura 
_pdbx_contact_author.name_last          Dassama 
_pdbx_contact_author.name_mi            M.K. 
_pdbx_contact_author.role               'principal investigator/group leader' 
_pdbx_contact_author.identifier_ORCID   0000-0002-0851-6373 
# 
loop_
_audit_author.name 
_audit_author.pdbx_ordinal 
_audit_author.identifier_ORCID 
'Dassama, L.M.K.' 1 0000-0002-0851-6373 
'Zhai, L.'        2 0000-0003-3566-3472 
# 
_citation.abstract                  ? 
_citation.abstract_id_CAS           ? 
_citation.book_id_ISBN              ? 
_citation.book_publisher            ? 
_citation.book_publisher_city       ? 
_citation.book_title                ? 
_citation.coordinate_linkage        ? 
_citation.country                   US 
_citation.database_id_Medline       ? 
_citation.details                   ? 
_citation.id                        primary 
_citation.journal_abbrev            'Acs Cent.Sci.' 
_citation.journal_id_ASTM           ? 
_citation.journal_id_CSD            ? 
_citation.journal_id_ISSN           2374-7951 
_citation.journal_full              ? 
_citation.journal_issue             ? 
_citation.journal_volume            8 
_citation.language                  ? 
_citation.page_first                1695 
_citation.page_last                 1703 
_citation.title                     'A Cell-Permeant Nanobody-Based Degrader That Induces Fetal Hemoglobin.' 
_citation.year                      2022 
_citation.database_id_CSD           ? 
_citation.pdbx_database_id_DOI      10.1021/acscentsci.2c00998 
_citation.pdbx_database_id_PubMed   36589886 
_citation.pdbx_database_id_patent   ? 
_citation.unpublished_flag          ? 
# 
loop_
_citation_author.citation_id 
_citation_author.name 
_citation_author.ordinal 
_citation_author.identifier_ORCID 
primary 'Shen, F.'        1 ?                   
primary 'Zheng, G.'       2 ?                   
primary 'Setegne, M.'     3 ?                   
primary 'Tenglin, K.'     4 ?                   
primary 'Izadi, M.'       5 ?                   
primary 'Xie, H.'         6 ?                   
primary 'Zhai, L.'        7 ?                   
primary 'Orkin, S.H.'     8 ?                   
primary 'Dassama, L.M.K.' 9 0000-0002-0851-6373 
# 
loop_
_entity.id 
_entity.type 
_entity.src_method 
_entity.pdbx_description 
_entity.formula_weight 
_entity.pdbx_number_of_molecules 
_entity.pdbx_ec 
_entity.pdbx_mutation 
_entity.pdbx_fragment 
_entity.details 
1 polymer     man '2D9-V102G nanobody' 14059.435 1  ? ? ? ? 
2 non-polymer syn 'SULFATE ION'        96.063    2  ? ? ? ? 
3 water       nat water                18.015    81 ? ? ? ? 
# 
_entity_poly.entity_id                      1 
_entity_poly.type                           'polypeptide(L)' 
_entity_poly.nstd_linkage                   no 
_entity_poly.nstd_monomer                   no 
_entity_poly.pdbx_seq_one_letter_code       
;QVQLVESGGGLVQAGGSLRLSCAASGSIFVNNAMGWYRQAPGKERELVAAISASGGSTYYADSVKGRFTISRDNAKNTVY
LQMNSLKPEDTAVYYCAADQDGYPYEYWGQGTQVTVSSLESAWSHPQFEK
;
_entity_poly.pdbx_seq_one_letter_code_can   
;QVQLVESGGGLVQAGGSLRLSCAASGSIFVNNAMGWYRQAPGKERELVAAISASGGSTYYADSVKGRFTISRDNAKNTVY
LQMNSLKPEDTAVYYCAADQDGYPYEYWGQGTQVTVSSLESAWSHPQFEK
;
_entity_poly.pdbx_strand_id                 A 
_entity_poly.pdbx_target_identifier         ? 
# 
loop_
_pdbx_entity_nonpoly.entity_id 
_pdbx_entity_nonpoly.name 
_pdbx_entity_nonpoly.comp_id 
2 'SULFATE ION' SO4 
3 water         HOH 
# 
loop_
_entity_poly_seq.entity_id 
_entity_poly_seq.num 
_entity_poly_seq.mon_id 
_entity_poly_seq.hetero 
1 1   GLN n 
1 2   VAL n 
1 3   GLN n 
1 4   LEU n 
1 5   VAL n 
1 6   GLU n 
1 7   SER n 
1 8   GLY n 
1 9   GLY n 
1 10  GLY n 
1 11  LEU n 
1 12  VAL n 
1 13  GLN n 
1 14  ALA n 
1 15  GLY n 
1 16  GLY n 
1 17  SER n 
1 18  LEU n 
1 19  ARG n 
1 20  LEU n 
1 21  SER n 
1 22  CYS n 
1 23  ALA n 
1 24  ALA n 
1 25  SER n 
1 26  GLY n 
1 27  SER n 
1 28  ILE n 
1 29  PHE n 
1 30  VAL n 
1 31  ASN n 
1 32  ASN n 
1 33  ALA n 
1 34  MET n 
1 35  GLY n 
1 36  TRP n 
1 37  TYR n 
1 38  ARG n 
1 39  GLN n 
1 40  ALA n 
1 41  PRO n 
1 42  GLY n 
1 43  LYS n 
1 44  GLU n 
1 45  ARG n 
1 46  GLU n 
1 47  LEU n 
1 48  VAL n 
1 49  ALA n 
1 50  ALA n 
1 51  ILE n 
1 52  SER n 
1 53  ALA n 
1 54  SER n 
1 55  GLY n 
1 56  GLY n 
1 57  SER n 
1 58  THR n 
1 59  TYR n 
1 60  TYR n 
1 61  ALA n 
1 62  ASP n 
1 63  SER n 
1 64  VAL n 
1 65  LYS n 
1 66  GLY n 
1 67  ARG n 
1 68  PHE n 
1 69  THR n 
1 70  ILE n 
1 71  SER n 
1 72  ARG n 
1 73  ASP n 
1 74  ASN n 
1 75  ALA n 
1 76  LYS n 
1 77  ASN n 
1 78  THR n 
1 79  VAL n 
1 80  TYR n 
1 81  LEU n 
1 82  GLN n 
1 83  MET n 
1 84  ASN n 
1 85  SER n 
1 86  LEU n 
1 87  LYS n 
1 88  PRO n 
1 89  GLU n 
1 90  ASP n 
1 91  THR n 
1 92  ALA n 
1 93  VAL n 
1 94  TYR n 
1 95  TYR n 
1 96  CYS n 
1 97  ALA n 
1 98  ALA n 
1 99  ASP n 
1 100 GLN n 
1 101 ASP n 
1 102 GLY n 
1 103 TYR n 
1 104 PRO n 
1 105 TYR n 
1 106 GLU n 
1 107 TYR n 
1 108 TRP n 
1 109 GLY n 
1 110 GLN n 
1 111 GLY n 
1 112 THR n 
1 113 GLN n 
1 114 VAL n 
1 115 THR n 
1 116 VAL n 
1 117 SER n 
1 118 SER n 
1 119 LEU n 
1 120 GLU n 
1 121 SER n 
1 122 ALA n 
1 123 TRP n 
1 124 SER n 
1 125 HIS n 
1 126 PRO n 
1 127 GLN n 
1 128 PHE n 
1 129 GLU n 
1 130 LYS n 
# 
_entity_src_gen.entity_id                          1 
_entity_src_gen.pdbx_src_id                        1 
_entity_src_gen.pdbx_alt_source_flag               sample 
_entity_src_gen.pdbx_seq_type                      'Biological sequence' 
_entity_src_gen.pdbx_beg_seq_num                   1 
_entity_src_gen.pdbx_end_seq_num                   130 
_entity_src_gen.gene_src_common_name               ? 
_entity_src_gen.gene_src_genus                     ? 
_entity_src_gen.pdbx_gene_src_gene                 ? 
_entity_src_gen.gene_src_species                   ? 
_entity_src_gen.gene_src_strain                    ? 
_entity_src_gen.gene_src_tissue                    ? 
_entity_src_gen.gene_src_tissue_fraction           ? 
_entity_src_gen.gene_src_details                   ? 
_entity_src_gen.pdbx_gene_src_fragment             ? 
_entity_src_gen.pdbx_gene_src_scientific_name      'Vicugna pacos' 
_entity_src_gen.pdbx_gene_src_ncbi_taxonomy_id     30538 
_entity_src_gen.pdbx_gene_src_variant              ? 
_entity_src_gen.pdbx_gene_src_cell_line            ? 
_entity_src_gen.pdbx_gene_src_atcc                 ? 
_entity_src_gen.pdbx_gene_src_organ                ? 
_entity_src_gen.pdbx_gene_src_organelle            ? 
_entity_src_gen.pdbx_gene_src_cell                 ? 
_entity_src_gen.pdbx_gene_src_cellular_location    ? 
_entity_src_gen.host_org_common_name               ? 
_entity_src_gen.pdbx_host_org_scientific_name      'Escherichia coli' 
_entity_src_gen.pdbx_host_org_ncbi_taxonomy_id     562 
_entity_src_gen.host_org_genus                     ? 
_entity_src_gen.pdbx_host_org_gene                 ? 
_entity_src_gen.pdbx_host_org_organ                ? 
_entity_src_gen.host_org_species                   ? 
_entity_src_gen.pdbx_host_org_tissue               ? 
_entity_src_gen.pdbx_host_org_tissue_fraction      ? 
_entity_src_gen.pdbx_host_org_strain               ? 
_entity_src_gen.pdbx_host_org_variant              ? 
_entity_src_gen.pdbx_host_org_cell_line            ? 
_entity_src_gen.pdbx_host_org_atcc                 ? 
_entity_src_gen.pdbx_host_org_culture_collection   ? 
_entity_src_gen.pdbx_host_org_cell                 ? 
_entity_src_gen.pdbx_host_org_organelle            ? 
_entity_src_gen.pdbx_host_org_cellular_location    ? 
_entity_src_gen.pdbx_host_org_vector_type          ? 
_entity_src_gen.pdbx_host_org_vector               ? 
_entity_src_gen.host_org_details                   ? 
_entity_src_gen.expression_system_id               ? 
_entity_src_gen.plasmid_name                       ? 
_entity_src_gen.plasmid_details                    ? 
_entity_src_gen.pdbx_description                   ? 
# 
loop_
_chem_comp.id 
_chem_comp.type 
_chem_comp.mon_nstd_flag 
_chem_comp.name 
_chem_comp.pdbx_synonyms 
_chem_comp.formula 
_chem_comp.formula_weight 
ALA 'L-peptide linking' y ALANINE         ? 'C3 H7 N O2'     89.093  
ARG 'L-peptide linking' y ARGININE        ? 'C6 H15 N4 O2 1' 175.209 
ASN 'L-peptide linking' y ASPARAGINE      ? 'C4 H8 N2 O3'    132.118 
ASP 'L-peptide linking' y 'ASPARTIC ACID' ? 'C4 H7 N O4'     133.103 
CYS 'L-peptide linking' y CYSTEINE        ? 'C3 H7 N O2 S'   121.158 
GLN 'L-peptide linking' y GLUTAMINE       ? 'C5 H10 N2 O3'   146.144 
GLU 'L-peptide linking' y 'GLUTAMIC ACID' ? 'C5 H9 N O4'     147.129 
GLY 'peptide linking'   y GLYCINE         ? 'C2 H5 N O2'     75.067  
HIS 'L-peptide linking' y HISTIDINE       ? 'C6 H10 N3 O2 1' 156.162 
HOH non-polymer         . WATER           ? 'H2 O'           18.015  
ILE 'L-peptide linking' y ISOLEUCINE      ? 'C6 H13 N O2'    131.173 
LEU 'L-peptide linking' y LEUCINE         ? 'C6 H13 N O2'    131.173 
LYS 'L-peptide linking' y LYSINE          ? 'C6 H15 N2 O2 1' 147.195 
MET 'L-peptide linking' y METHIONINE      ? 'C5 H11 N O2 S'  149.211 
PHE 'L-peptide linking' y PHENYLALANINE   ? 'C9 H11 N O2'    165.189 
PRO 'L-peptide linking' y PROLINE         ? 'C5 H9 N O2'     115.130 
SER 'L-peptide linking' y SERINE          ? 'C3 H7 N O3'     105.093 
SO4 non-polymer         . 'SULFATE ION'   ? 'O4 S -2'        96.063  
THR 'L-peptide linking' y THREONINE       ? 'C4 H9 N O3'     119.119 
TRP 'L-peptide linking' y TRYPTOPHAN      ? 'C11 H12 N2 O2'  204.225 
TYR 'L-peptide linking' y TYROSINE        ? 'C9 H11 N O3'    181.189 
VAL 'L-peptide linking' y VALINE          ? 'C5 H11 N O2'    117.146 
# 
loop_
_pdbx_poly_seq_scheme.asym_id 
_pdbx_poly_seq_scheme.entity_id 
_pdbx_poly_seq_scheme.seq_id 
_pdbx_poly_seq_scheme.mon_id 
_pdbx_poly_seq_scheme.ndb_seq_num 
_pdbx_poly_seq_scheme.pdb_seq_num 
_pdbx_poly_seq_scheme.auth_seq_num 
_pdbx_poly_seq_scheme.pdb_mon_id 
_pdbx_poly_seq_scheme.auth_mon_id 
_pdbx_poly_seq_scheme.pdb_strand_id 
_pdbx_poly_seq_scheme.pdb_ins_code 
_pdbx_poly_seq_scheme.hetero 
A 1 1   GLN 1   1   ?   ?   ?   A . n 
A 1 2   VAL 2   2   2   VAL VAL A . n 
A 1 3   GLN 3   3   3   GLN GLN A . n 
A 1 4   LEU 4   4   4   LEU LEU A . n 
A 1 5   VAL 5   5   5   VAL VAL A . n 
A 1 6   GLU 6   6   6   GLU GLU A . n 
A 1 7   SER 7   7   7   SER SER A . n 
A 1 8   GLY 8   8   8   GLY GLY A . n 
A 1 9   GLY 9   9   9   GLY GLY A . n 
A 1 10  GLY 10  10  10  GLY GLY A . n 
A 1 11  LEU 11  11  11  LEU LEU A . n 
A 1 12  VAL 12  12  12  VAL VAL A . n 
A 1 13  GLN 13  13  13  GLN GLN A . n 
A 1 14  ALA 14  14  14  ALA ALA A . n 
A 1 15  GLY 15  15  15  GLY GLY A . n 
A 1 16  GLY 16  16  16  GLY GLY A . n 
A 1 17  SER 17  17  17  SER SER A . n 
A 1 18  LEU 18  18  18  LEU LEU A . n 
A 1 19  ARG 19  19  19  ARG ARG A . n 
A 1 20  LEU 20  20  20  LEU LEU A . n 
A 1 21  SER 21  21  21  SER SER A . n 
A 1 22  CYS 22  22  22  CYS CYS A . n 
A 1 23  ALA 23  23  23  ALA ALA A . n 
A 1 24  ALA 24  24  24  ALA ALA A . n 
A 1 25  SER 25  25  25  SER SER A . n 
A 1 26  GLY 26  26  26  GLY GLY A . n 
A 1 27  SER 27  27  27  SER SER A . n 
A 1 28  ILE 28  28  28  ILE ILE A . n 
A 1 29  PHE 29  29  29  PHE PHE A . n 
A 1 30  VAL 30  30  30  VAL VAL A . n 
A 1 31  ASN 31  31  31  ASN ASN A . n 
A 1 32  ASN 32  32  32  ASN ASN A . n 
A 1 33  ALA 33  33  33  ALA ALA A . n 
A 1 34  MET 34  34  34  MET MET A . n 
A 1 35  GLY 35  35  35  GLY GLY A . n 
A 1 36  TRP 36  36  36  TRP TRP A . n 
A 1 37  TYR 37  37  37  TYR TYR A . n 
A 1 38  ARG 38  38  38  ARG ARG A . n 
A 1 39  GLN 39  39  39  GLN GLN A . n 
A 1 40  ALA 40  40  40  ALA ALA A . n 
A 1 41  PRO 41  41  41  PRO PRO A . n 
A 1 42  GLY 42  42  42  GLY GLY A . n 
A 1 43  LYS 43  43  43  LYS LYS A . n 
A 1 44  GLU 44  44  44  GLU GLU A . n 
A 1 45  ARG 45  45  45  ARG ARG A . n 
A 1 46  GLU 46  46  46  GLU GLU A . n 
A 1 47  LEU 47  47  47  LEU LEU A . n 
A 1 48  VAL 48  48  48  VAL VAL A . n 
A 1 49  ALA 49  49  49  ALA ALA A . n 
A 1 50  ALA 50  50  50  ALA ALA A . n 
A 1 51  ILE 51  51  51  ILE ILE A . n 
A 1 52  SER 52  52  52  SER SER A . n 
A 1 53  ALA 53  53  53  ALA ALA A . n 
A 1 54  SER 54  54  54  SER SER A . n 
A 1 55  GLY 55  55  55  GLY GLY A . n 
A 1 56  GLY 56  56  56  GLY GLY A . n 
A 1 57  SER 57  57  57  SER SER A . n 
A 1 58  THR 58  58  58  THR THR A . n 
A 1 59  TYR 59  59  59  TYR TYR A . n 
A 1 60  TYR 60  60  60  TYR TYR A . n 
A 1 61  ALA 61  61  61  ALA ALA A . n 
A 1 62  ASP 62  62  62  ASP ASP A . n 
A 1 63  SER 63  63  63  SER SER A . n 
A 1 64  VAL 64  64  64  VAL VAL A . n 
A 1 65  LYS 65  65  65  LYS LYS A . n 
A 1 66  GLY 66  66  66  GLY GLY A . n 
A 1 67  ARG 67  67  67  ARG ARG A . n 
A 1 68  PHE 68  68  68  PHE PHE A . n 
A 1 69  THR 69  69  69  THR THR A . n 
A 1 70  ILE 70  70  70  ILE ILE A . n 
A 1 71  SER 71  71  71  SER SER A . n 
A 1 72  ARG 72  72  72  ARG ARG A . n 
A 1 73  ASP 73  73  73  ASP ASP A . n 
A 1 74  ASN 74  74  74  ASN ASN A . n 
A 1 75  ALA 75  75  75  ALA ALA A . n 
A 1 76  LYS 76  76  76  LYS LYS A . n 
A 1 77  ASN 77  77  77  ASN ASN A . n 
A 1 78  THR 78  78  78  THR THR A . n 
A 1 79  VAL 79  79  79  VAL VAL A . n 
A 1 80  TYR 80  80  80  TYR TYR A . n 
A 1 81  LEU 81  81  81  LEU LEU A . n 
A 1 82  GLN 82  82  82  GLN GLN A . n 
A 1 83  MET 83  83  83  MET MET A . n 
A 1 84  ASN 84  84  84  ASN ASN A . n 
A 1 85  SER 85  85  85  SER SER A . n 
A 1 86  LEU 86  86  86  LEU LEU A . n 
A 1 87  LYS 87  87  87  LYS LYS A . n 
A 1 88  PRO 88  88  88  PRO PRO A . n 
A 1 89  GLU 89  89  89  GLU GLU A . n 
A 1 90  ASP 90  90  90  ASP ASP A . n 
A 1 91  THR 91  91  91  THR THR A . n 
A 1 92  ALA 92  92  92  ALA ALA A . n 
A 1 93  VAL 93  93  93  VAL VAL A . n 
A 1 94  TYR 94  94  94  TYR TYR A . n 
A 1 95  TYR 95  95  95  TYR TYR A . n 
A 1 96  CYS 96  96  96  CYS CYS A . n 
A 1 97  ALA 97  97  97  ALA ALA A . n 
A 1 98  ALA 98  98  98  ALA ALA A . n 
A 1 99  ASP 99  99  99  ASP ASP A . n 
A 1 100 GLN 100 100 100 GLN GLN A . n 
A 1 101 ASP 101 101 101 ASP ASP A . n 
A 1 102 GLY 102 102 102 GLY GLY A . n 
A 1 103 TYR 103 103 103 TYR TYR A . n 
A 1 104 PRO 104 104 104 PRO PRO A . n 
A 1 105 TYR 105 105 105 TYR TYR A . n 
A 1 106 GLU 106 106 106 GLU GLU A . n 
A 1 107 TYR 107 107 107 TYR TYR A . n 
A 1 108 TRP 108 108 108 TRP TRP A . n 
A 1 109 GLY 109 109 109 GLY GLY A . n 
A 1 110 GLN 110 110 110 GLN GLN A . n 
A 1 111 GLY 111 111 111 GLY GLY A . n 
A 1 112 THR 112 112 112 THR THR A . n 
A 1 113 GLN 113 113 113 GLN GLN A . n 
A 1 114 VAL 114 114 114 VAL VAL A . n 
A 1 115 THR 115 115 115 THR THR A . n 
A 1 116 VAL 116 116 116 VAL VAL A . n 
A 1 117 SER 117 117 117 SER SER A . n 
A 1 118 SER 118 118 118 SER SER A . n 
A 1 119 LEU 119 119 119 LEU LEU A . n 
A 1 120 GLU 120 120 120 GLU GLU A . n 
A 1 121 SER 121 121 121 SER SER A . n 
A 1 122 ALA 122 122 122 ALA ALA A . n 
A 1 123 TRP 123 123 123 TRP TRP A . n 
A 1 124 SER 124 124 124 SER SER A . n 
A 1 125 HIS 125 125 125 HIS HIS A . n 
A 1 126 PRO 126 126 ?   ?   ?   A . n 
A 1 127 GLN 127 127 ?   ?   ?   A . n 
A 1 128 PHE 128 128 ?   ?   ?   A . n 
A 1 129 GLU 129 129 ?   ?   ?   A . n 
A 1 130 LYS 130 130 ?   ?   ?   A . n 
# 
_pdbx_entity_instance_feature.ordinal        1 
_pdbx_entity_instance_feature.comp_id        SO4 
_pdbx_entity_instance_feature.asym_id        ? 
_pdbx_entity_instance_feature.seq_num        ? 
_pdbx_entity_instance_feature.auth_comp_id   SO4 
_pdbx_entity_instance_feature.auth_asym_id   ? 
_pdbx_entity_instance_feature.auth_seq_num   ? 
_pdbx_entity_instance_feature.feature_type   'SUBJECT OF INVESTIGATION' 
_pdbx_entity_instance_feature.details        ? 
# 
loop_
_pdbx_nonpoly_scheme.asym_id 
_pdbx_nonpoly_scheme.entity_id 
_pdbx_nonpoly_scheme.mon_id 
_pdbx_nonpoly_scheme.ndb_seq_num 
_pdbx_nonpoly_scheme.pdb_seq_num 
_pdbx_nonpoly_scheme.auth_seq_num 
_pdbx_nonpoly_scheme.pdb_mon_id 
_pdbx_nonpoly_scheme.auth_mon_id 
_pdbx_nonpoly_scheme.pdb_strand_id 
_pdbx_nonpoly_scheme.pdb_ins_code 
B 2 SO4 1  201 170 SO4 SO4 A . 
C 2 SO4 1  202 171 SO4 SO4 A . 
D 3 HOH 1  301 63  HOH HOH A . 
D 3 HOH 2  302 27  HOH HOH A . 
D 3 HOH 3  303 35  HOH HOH A . 
D 3 HOH 4  304 76  HOH HOH A . 
D 3 HOH 5  305 74  HOH HOH A . 
D 3 HOH 6  306 28  HOH HOH A . 
D 3 HOH 7  307 54  HOH HOH A . 
D 3 HOH 8  308 14  HOH HOH A . 
D 3 HOH 9  309 49  HOH HOH A . 
D 3 HOH 10 310 53  HOH HOH A . 
D 3 HOH 11 311 70  HOH HOH A . 
D 3 HOH 12 312 13  HOH HOH A . 
D 3 HOH 13 313 47  HOH HOH A . 
D 3 HOH 14 314 81  HOH HOH A . 
D 3 HOH 15 315 41  HOH HOH A . 
D 3 HOH 16 316 22  HOH HOH A . 
D 3 HOH 17 317 45  HOH HOH A . 
D 3 HOH 18 318 43  HOH HOH A . 
D 3 HOH 19 319 79  HOH HOH A . 
D 3 HOH 20 320 20  HOH HOH A . 
D 3 HOH 21 321 33  HOH HOH A . 
D 3 HOH 22 322 3   HOH HOH A . 
D 3 HOH 23 323 58  HOH HOH A . 
D 3 HOH 24 324 57  HOH HOH A . 
D 3 HOH 25 325 82  HOH HOH A . 
D 3 HOH 26 326 77  HOH HOH A . 
D 3 HOH 27 327 83  HOH HOH A . 
D 3 HOH 28 328 66  HOH HOH A . 
D 3 HOH 29 329 61  HOH HOH A . 
D 3 HOH 30 330 84  HOH HOH A . 
D 3 HOH 31 331 6   HOH HOH A . 
D 3 HOH 32 332 44  HOH HOH A . 
D 3 HOH 33 333 40  HOH HOH A . 
D 3 HOH 34 334 69  HOH HOH A . 
D 3 HOH 35 335 68  HOH HOH A . 
D 3 HOH 36 336 9   HOH HOH A . 
D 3 HOH 37 337 26  HOH HOH A . 
D 3 HOH 38 338 4   HOH HOH A . 
D 3 HOH 39 339 15  HOH HOH A . 
D 3 HOH 40 340 32  HOH HOH A . 
D 3 HOH 41 341 60  HOH HOH A . 
D 3 HOH 42 342 42  HOH HOH A . 
D 3 HOH 43 343 75  HOH HOH A . 
D 3 HOH 44 344 51  HOH HOH A . 
D 3 HOH 45 345 36  HOH HOH A . 
D 3 HOH 46 346 56  HOH HOH A . 
D 3 HOH 47 347 30  HOH HOH A . 
D 3 HOH 48 348 17  HOH HOH A . 
D 3 HOH 49 349 2   HOH HOH A . 
D 3 HOH 50 350 21  HOH HOH A . 
D 3 HOH 51 351 19  HOH HOH A . 
D 3 HOH 52 352 65  HOH HOH A . 
D 3 HOH 53 353 50  HOH HOH A . 
D 3 HOH 54 354 12  HOH HOH A . 
D 3 HOH 55 355 38  HOH HOH A . 
D 3 HOH 56 356 64  HOH HOH A . 
D 3 HOH 57 357 31  HOH HOH A . 
D 3 HOH 58 358 24  HOH HOH A . 
D 3 HOH 59 359 8   HOH HOH A . 
D 3 HOH 60 360 48  HOH HOH A . 
D 3 HOH 61 361 7   HOH HOH A . 
D 3 HOH 62 362 52  HOH HOH A . 
D 3 HOH 63 363 5   HOH HOH A . 
D 3 HOH 64 364 62  HOH HOH A . 
D 3 HOH 65 365 37  HOH HOH A . 
D 3 HOH 66 366 23  HOH HOH A . 
D 3 HOH 67 367 67  HOH HOH A . 
D 3 HOH 68 368 11  HOH HOH A . 
D 3 HOH 69 369 18  HOH HOH A . 
D 3 HOH 70 370 39  HOH HOH A . 
D 3 HOH 71 371 59  HOH HOH A . 
D 3 HOH 72 372 25  HOH HOH A . 
D 3 HOH 73 373 1   HOH HOH A . 
D 3 HOH 74 374 16  HOH HOH A . 
D 3 HOH 75 375 29  HOH HOH A . 
D 3 HOH 76 376 46  HOH HOH A . 
D 3 HOH 77 377 72  HOH HOH A . 
D 3 HOH 78 378 34  HOH HOH A . 
D 3 HOH 79 379 55  HOH HOH A . 
D 3 HOH 80 380 73  HOH HOH A . 
D 3 HOH 81 381 71  HOH HOH A . 
# 
loop_
_software.citation_id 
_software.classification 
_software.compiler_name 
_software.compiler_version 
_software.contact_author 
_software.contact_author_email 
_software.date 
_software.description 
_software.dependencies 
_software.hardware 
_software.language 
_software.location 
_software.mods 
_software.name 
_software.os 
_software.os_version 
_software.type 
_software.version 
_software.pdbx_ordinal 
? 'data scaling'    ? ? ? ? ? ? ? ? ? ? ? XSCALE      ? ? ? .           1 
? refinement        ? ? ? ? ? ? ? ? ? ? ? PHENIX      ? ? ? 1.20.1_4487 2 
? 'data extraction' ? ? ? ? ? ? ? ? ? ? ? PDB_EXTRACT ? ? ? 3.27        3 
? 'data reduction'  ? ? ? ? ? ? ? ? ? ? ? XDS         ? ? ? .           4 
? phasing           ? ? ? ? ? ? ? ? ? ? ? PHASER      ? ? ? .           5 
# 
_cell.angle_alpha                  90.000 
_cell.angle_alpha_esd              ? 
_cell.angle_beta                   90.000 
_cell.angle_beta_esd               ? 
_cell.angle_gamma                  90.000 
_cell.angle_gamma_esd              ? 
_cell.entry_id                     7UTG 
_cell.details                      ? 
_cell.formula_units_Z              ? 
_cell.length_a                     36.619 
_cell.length_a_esd                 ? 
_cell.length_b                     52.247 
_cell.length_b_esd                 ? 
_cell.length_c                     54.757 
_cell.length_c_esd                 ? 
_cell.volume                       ? 
_cell.volume_esd                   ? 
_cell.Z_PDB                        4 
_cell.reciprocal_angle_alpha       ? 
_cell.reciprocal_angle_beta        ? 
_cell.reciprocal_angle_gamma       ? 
_cell.reciprocal_angle_alpha_esd   ? 
_cell.reciprocal_angle_beta_esd    ? 
_cell.reciprocal_angle_gamma_esd   ? 
_cell.reciprocal_length_a          ? 
_cell.reciprocal_length_b          ? 
_cell.reciprocal_length_c          ? 
_cell.reciprocal_length_a_esd      ? 
_cell.reciprocal_length_b_esd      ? 
_cell.reciprocal_length_c_esd      ? 
_cell.pdbx_unique_axis             ? 
_cell.pdbx_esd_method              ? 
# 
_symmetry.entry_id                         7UTG 
_symmetry.cell_setting                     ? 
_symmetry.Int_Tables_number                19 
_symmetry.space_group_name_Hall            ? 
_symmetry.space_group_name_H-M             'P 21 21 21' 
_symmetry.pdbx_full_space_group_name_H-M   ? 
# 
_exptl.absorpt_coefficient_mu     ? 
_exptl.absorpt_correction_T_max   ? 
_exptl.absorpt_correction_T_min   ? 
_exptl.absorpt_correction_type    ? 
_exptl.absorpt_process_details    ? 
_exptl.entry_id                   7UTG 
_exptl.crystals_number            1 
_exptl.details                    ? 
_exptl.method                     'X-RAY DIFFRACTION' 
_exptl.method_details             ? 
# 
_exptl_crystal.colour                       ? 
_exptl_crystal.density_diffrn               ? 
_exptl_crystal.density_Matthews             1.79 
_exptl_crystal.density_method               ? 
_exptl_crystal.density_percent_sol          31.4 
_exptl_crystal.description                  ? 
_exptl_crystal.F_000                        ? 
_exptl_crystal.id                           1 
_exptl_crystal.preparation                  ? 
_exptl_crystal.size_max                     ? 
_exptl_crystal.size_mid                     ? 
_exptl_crystal.size_min                     ? 
_exptl_crystal.size_rad                     ? 
_exptl_crystal.colour_lustre                ? 
_exptl_crystal.colour_modifier              ? 
_exptl_crystal.colour_primary               ? 
_exptl_crystal.density_meas                 ? 
_exptl_crystal.density_meas_esd             ? 
_exptl_crystal.density_meas_gt              ? 
_exptl_crystal.density_meas_lt              ? 
_exptl_crystal.density_meas_temp            ? 
_exptl_crystal.density_meas_temp_esd        ? 
_exptl_crystal.density_meas_temp_gt         ? 
_exptl_crystal.density_meas_temp_lt         ? 
_exptl_crystal.pdbx_crystal_image_url       ? 
_exptl_crystal.pdbx_crystal_image_format    ? 
_exptl_crystal.pdbx_mosaicity               ? 
_exptl_crystal.pdbx_mosaicity_esd           ? 
_exptl_crystal.pdbx_mosaic_method           ? 
_exptl_crystal.pdbx_mosaic_block_size       ? 
_exptl_crystal.pdbx_mosaic_block_size_esd   ? 
# 
_exptl_crystal_grow.apparatus       ? 
_exptl_crystal_grow.atmosphere      ? 
_exptl_crystal_grow.crystal_id      1 
_exptl_crystal_grow.details         ? 
_exptl_crystal_grow.method          'VAPOR DIFFUSION, SITTING DROP' 
_exptl_crystal_grow.method_ref      ? 
_exptl_crystal_grow.pH              8.5 
_exptl_crystal_grow.pressure        ? 
_exptl_crystal_grow.pressure_esd    ? 
_exptl_crystal_grow.seeding         ? 
_exptl_crystal_grow.seeding_ref     ? 
_exptl_crystal_grow.temp            293.15 
_exptl_crystal_grow.temp_details    ? 
_exptl_crystal_grow.temp_esd        ? 
_exptl_crystal_grow.time            ? 
_exptl_crystal_grow.pdbx_details    '1.5 M Ammonium sulfate, 0.1 M Tris pH 8.5' 
_exptl_crystal_grow.pdbx_pH_range   ? 
# 
_diffrn.ambient_environment              ? 
_diffrn.ambient_temp                     100 
_diffrn.ambient_temp_details             ? 
_diffrn.ambient_temp_esd                 ? 
_diffrn.crystal_id                       1 
_diffrn.crystal_support                  ? 
_diffrn.crystal_treatment                ? 
_diffrn.details                          ? 
_diffrn.id                               1 
_diffrn.ambient_pressure                 ? 
_diffrn.ambient_pressure_esd             ? 
_diffrn.ambient_pressure_gt              ? 
_diffrn.ambient_pressure_lt              ? 
_diffrn.ambient_temp_gt                  ? 
_diffrn.ambient_temp_lt                  ? 
_diffrn.pdbx_serial_crystal_experiment   N 
# 
_diffrn_detector.details                      ? 
_diffrn_detector.detector                     PIXEL 
_diffrn_detector.diffrn_id                    1 
_diffrn_detector.type                         'DECTRIS EIGER X 16M' 
_diffrn_detector.area_resol_mean              ? 
_diffrn_detector.dtime                        ? 
_diffrn_detector.pdbx_frames_total            ? 
_diffrn_detector.pdbx_collection_time_total   ? 
_diffrn_detector.pdbx_collection_date         2022-04-01 
_diffrn_detector.pdbx_frequency               ? 
# 
_diffrn_radiation.collimation                      ? 
_diffrn_radiation.diffrn_id                        1 
_diffrn_radiation.filter_edge                      ? 
_diffrn_radiation.inhomogeneity                    ? 
_diffrn_radiation.monochromator                    ? 
_diffrn_radiation.polarisn_norm                    ? 
_diffrn_radiation.polarisn_ratio                   ? 
_diffrn_radiation.probe                            ? 
_diffrn_radiation.type                             ? 
_diffrn_radiation.xray_symbol                      ? 
_diffrn_radiation.wavelength_id                    1 
_diffrn_radiation.pdbx_monochromatic_or_laue_m_l   M 
_diffrn_radiation.pdbx_wavelength_list             ? 
_diffrn_radiation.pdbx_wavelength                  ? 
_diffrn_radiation.pdbx_diffrn_protocol             'SINGLE WAVELENGTH' 
_diffrn_radiation.pdbx_analyzer                    ? 
_diffrn_radiation.pdbx_scattering_type             x-ray 
# 
_diffrn_radiation_wavelength.id           1 
_diffrn_radiation_wavelength.wavelength   0.97946 
_diffrn_radiation_wavelength.wt           1.0 
# 
_diffrn_source.current                     ? 
_diffrn_source.details                     ? 
_diffrn_source.diffrn_id                   1 
_diffrn_source.power                       ? 
_diffrn_source.size                        ? 
_diffrn_source.source                      SYNCHROTRON 
_diffrn_source.target                      ? 
_diffrn_source.type                        'SSRL BEAMLINE BL12-1' 
_diffrn_source.voltage                     ? 
_diffrn_source.take-off_angle              ? 
_diffrn_source.pdbx_wavelength_list        0.97946 
_diffrn_source.pdbx_wavelength             ? 
_diffrn_source.pdbx_synchrotron_beamline   BL12-1 
_diffrn_source.pdbx_synchrotron_site       SSRL 
# 
_reflns.B_iso_Wilson_estimate                          15.570 
_reflns.entry_id                                       7UTG 
_reflns.data_reduction_details                         ? 
_reflns.data_reduction_method                          ? 
_reflns.d_resolution_high                              1.25 
_reflns.d_resolution_low                               30.440 
_reflns.details                                        ? 
_reflns.limit_h_max                                    ? 
_reflns.limit_h_min                                    ? 
_reflns.limit_k_max                                    ? 
_reflns.limit_k_min                                    ? 
_reflns.limit_l_max                                    ? 
_reflns.limit_l_min                                    ? 
_reflns.number_all                                     ? 
_reflns.number_obs                                     54642 
_reflns.observed_criterion                             ? 
_reflns.observed_criterion_F_max                       ? 
_reflns.observed_criterion_F_min                       ? 
_reflns.observed_criterion_I_max                       ? 
_reflns.observed_criterion_I_min                       ? 
_reflns.observed_criterion_sigma_F                     ? 
_reflns.observed_criterion_sigma_I                     ? 
_reflns.percent_possible_obs                           97.3300 
_reflns.R_free_details                                 ? 
_reflns.Rmerge_F_all                                   ? 
_reflns.Rmerge_F_obs                                   ? 
_reflns.Friedel_coverage                               ? 
_reflns.number_gt                                      ? 
_reflns.threshold_expression                           ? 
_reflns.pdbx_redundancy                                7.4 
_reflns.pdbx_Rmerge_I_obs                              ? 
_reflns.pdbx_Rmerge_I_all                              ? 
_reflns.pdbx_Rsym_value                                ? 
_reflns.pdbx_netI_over_av_sigmaI                       ? 
_reflns.pdbx_netI_over_sigmaI                          1.82 
_reflns.pdbx_res_netI_over_av_sigmaI_2                 ? 
_reflns.pdbx_res_netI_over_sigmaI_2                    ? 
_reflns.pdbx_chi_squared                               ? 
_reflns.pdbx_scaling_rejects                           ? 
_reflns.pdbx_d_res_high_opt                            ? 
_reflns.pdbx_d_res_low_opt                             ? 
_reflns.pdbx_d_res_opt_method                          ? 
_reflns.phase_calculation_details                      ? 
_reflns.pdbx_Rrim_I_all                                ? 
_reflns.pdbx_Rpim_I_all                                ? 
_reflns.pdbx_d_opt                                     ? 
_reflns.pdbx_number_measured_all                       ? 
_reflns.pdbx_diffrn_id                                 1 
_reflns.pdbx_ordinal                                   1 
_reflns.pdbx_CC_half                                   0.834 
_reflns.pdbx_CC_star                                   ? 
_reflns.pdbx_R_split                                   ? 
_reflns.pdbx_aniso_diffraction_limit_axis_1_ortho[1]   ? 
_reflns.pdbx_aniso_diffraction_limit_axis_1_ortho[2]   ? 
_reflns.pdbx_aniso_diffraction_limit_axis_1_ortho[3]   ? 
_reflns.pdbx_aniso_diffraction_limit_axis_2_ortho[1]   ? 
_reflns.pdbx_aniso_diffraction_limit_axis_2_ortho[2]   ? 
_reflns.pdbx_aniso_diffraction_limit_axis_2_ortho[3]   ? 
_reflns.pdbx_aniso_diffraction_limit_axis_3_ortho[1]   ? 
_reflns.pdbx_aniso_diffraction_limit_axis_3_ortho[2]   ? 
_reflns.pdbx_aniso_diffraction_limit_axis_3_ortho[3]   ? 
_reflns.pdbx_aniso_diffraction_limit_1                 ? 
_reflns.pdbx_aniso_diffraction_limit_2                 ? 
_reflns.pdbx_aniso_diffraction_limit_3                 ? 
_reflns.pdbx_aniso_B_tensor_eigenvector_1_ortho[1]     ? 
_reflns.pdbx_aniso_B_tensor_eigenvector_1_ortho[2]     ? 
_reflns.pdbx_aniso_B_tensor_eigenvector_1_ortho[3]     ? 
_reflns.pdbx_aniso_B_tensor_eigenvector_2_ortho[1]     ? 
_reflns.pdbx_aniso_B_tensor_eigenvector_2_ortho[2]     ? 
_reflns.pdbx_aniso_B_tensor_eigenvector_2_ortho[3]     ? 
_reflns.pdbx_aniso_B_tensor_eigenvector_3_ortho[1]     ? 
_reflns.pdbx_aniso_B_tensor_eigenvector_3_ortho[2]     ? 
_reflns.pdbx_aniso_B_tensor_eigenvector_3_ortho[3]     ? 
_reflns.pdbx_aniso_B_tensor_eigenvalue_1               ? 
_reflns.pdbx_aniso_B_tensor_eigenvalue_2               ? 
_reflns.pdbx_aniso_B_tensor_eigenvalue_3               ? 
_reflns.pdbx_orthogonalization_convention              ? 
_reflns.pdbx_percent_possible_ellipsoidal              ? 
_reflns.pdbx_percent_possible_spherical                ? 
_reflns.pdbx_percent_possible_ellipsoidal_anomalous    ? 
_reflns.pdbx_percent_possible_spherical_anomalous      ? 
_reflns.pdbx_redundancy_anomalous                      ? 
_reflns.pdbx_CC_half_anomalous                         ? 
_reflns.pdbx_absDiff_over_sigma_anomalous              ? 
_reflns.pdbx_percent_possible_anomalous                ? 
_reflns.pdbx_observed_signal_threshold                 ? 
_reflns.pdbx_signal_type                               ? 
_reflns.pdbx_signal_details                            ? 
_reflns.pdbx_signal_software_id                        ? 
_reflns.pdbx_CC_split_method                           ? 
# 
_reflns_shell.d_res_high                                    1.25 
_reflns_shell.d_res_low                                     1.2700 
_reflns_shell.meanI_over_sigI_all                           ? 
_reflns_shell.meanI_over_sigI_obs                           ? 
_reflns_shell.number_measured_all                           ? 
_reflns_shell.number_measured_obs                           ? 
_reflns_shell.number_possible                               ? 
_reflns_shell.number_unique_all                             ? 
_reflns_shell.number_unique_obs                             1476 
_reflns_shell.percent_possible_all                          75.0000 
_reflns_shell.percent_possible_obs                          ? 
_reflns_shell.Rmerge_F_all                                  ? 
_reflns_shell.Rmerge_F_obs                                  ? 
_reflns_shell.Rmerge_I_all                                  ? 
_reflns_shell.Rmerge_I_obs                                  ? 
_reflns_shell.meanI_over_sigI_gt                            ? 
_reflns_shell.meanI_over_uI_all                             ? 
_reflns_shell.meanI_over_uI_gt                              ? 
_reflns_shell.number_measured_gt                            ? 
_reflns_shell.number_unique_gt                              ? 
_reflns_shell.percent_possible_gt                           ? 
_reflns_shell.Rmerge_F_gt                                   ? 
_reflns_shell.Rmerge_I_gt                                   ? 
_reflns_shell.pdbx_redundancy                               ? 
_reflns_shell.pdbx_Rsym_value                               ? 
_reflns_shell.pdbx_chi_squared                              ? 
_reflns_shell.pdbx_netI_over_sigmaI_all                     ? 
_reflns_shell.pdbx_netI_over_sigmaI_obs                     ? 
_reflns_shell.pdbx_Rrim_I_all                               ? 
_reflns_shell.pdbx_Rpim_I_all                               ? 
_reflns_shell.pdbx_rejects                                  ? 
_reflns_shell.pdbx_ordinal                                  1 
_reflns_shell.pdbx_diffrn_id                                1 
_reflns_shell.pdbx_CC_half                                  0.834 
_reflns_shell.pdbx_CC_star                                  ? 
_reflns_shell.pdbx_R_split                                  ? 
_reflns_shell.pdbx_percent_possible_ellipsoidal             ? 
_reflns_shell.pdbx_percent_possible_spherical               ? 
_reflns_shell.pdbx_percent_possible_ellipsoidal_anomalous   ? 
_reflns_shell.pdbx_percent_possible_spherical_anomalous     ? 
_reflns_shell.pdbx_redundancy_anomalous                     ? 
_reflns_shell.pdbx_CC_half_anomalous                        ? 
_reflns_shell.pdbx_absDiff_over_sigma_anomalous             ? 
_reflns_shell.pdbx_percent_possible_anomalous               ? 
# 
_refine.aniso_B[1][1]                            ? 
_refine.aniso_B[1][2]                            ? 
_refine.aniso_B[1][3]                            ? 
_refine.aniso_B[2][2]                            ? 
_refine.aniso_B[2][3]                            ? 
_refine.aniso_B[3][3]                            ? 
_refine.B_iso_max                                54.230 
_refine.B_iso_mean                               19.8268 
_refine.B_iso_min                                11.500 
_refine.correlation_coeff_Fo_to_Fc               ? 
_refine.correlation_coeff_Fo_to_Fc_free          ? 
_refine.details                                  ? 
_refine.diff_density_max                         ? 
_refine.diff_density_max_esd                     ? 
_refine.diff_density_min                         ? 
_refine.diff_density_min_esd                     ? 
_refine.diff_density_rms                         ? 
_refine.diff_density_rms_esd                     ? 
_refine.entry_id                                 7UTG 
_refine.pdbx_refine_id                           'X-RAY DIFFRACTION' 
_refine.ls_abs_structure_details                 ? 
_refine.ls_abs_structure_Flack                   ? 
_refine.ls_abs_structure_Flack_esd               ? 
_refine.ls_abs_structure_Rogers                  ? 
_refine.ls_abs_structure_Rogers_esd              ? 
_refine.ls_d_res_high                            1.2500 
_refine.ls_d_res_low                             30.4400 
_refine.ls_extinction_coef                       ? 
_refine.ls_extinction_coef_esd                   ? 
_refine.ls_extinction_expression                 ? 
_refine.ls_extinction_method                     ? 
_refine.ls_goodness_of_fit_all                   ? 
_refine.ls_goodness_of_fit_all_esd               ? 
_refine.ls_goodness_of_fit_obs                   ? 
_refine.ls_goodness_of_fit_obs_esd               ? 
_refine.ls_hydrogen_treatment                    ? 
_refine.ls_matrix_type                           ? 
_refine.ls_number_constraints                    ? 
_refine.ls_number_parameters                     ? 
_refine.ls_number_reflns_all                     ? 
_refine.ls_number_reflns_obs                     54642 
_refine.ls_number_reflns_R_free                  3729 
_refine.ls_number_reflns_R_work                  50913 
_refine.ls_number_restraints                     ? 
_refine.ls_percent_reflns_obs                    97.3300 
_refine.ls_percent_reflns_R_free                 6.8200 
_refine.ls_R_factor_all                          ? 
_refine.ls_R_factor_obs                          0.1951 
_refine.ls_R_factor_R_free                       0.2194 
_refine.ls_R_factor_R_free_error                 ? 
_refine.ls_R_factor_R_free_error_details         ? 
_refine.ls_R_factor_R_work                       0.1933 
_refine.ls_R_Fsqd_factor_obs                     ? 
_refine.ls_R_I_factor_obs                        ? 
_refine.ls_redundancy_reflns_all                 ? 
_refine.ls_redundancy_reflns_obs                 ? 
_refine.ls_restrained_S_all                      ? 
_refine.ls_restrained_S_obs                      ? 
_refine.ls_shift_over_esd_max                    ? 
_refine.ls_shift_over_esd_mean                   ? 
_refine.ls_structure_factor_coef                 ? 
_refine.ls_weighting_details                     ? 
_refine.ls_weighting_scheme                      ? 
_refine.ls_wR_factor_all                         ? 
_refine.ls_wR_factor_obs                         ? 
_refine.ls_wR_factor_R_free                      ? 
_refine.ls_wR_factor_R_work                      ? 
_refine.occupancy_max                            ? 
_refine.occupancy_min                            ? 
_refine.solvent_model_details                    'FLAT BULK SOLVENT MODEL' 
_refine.solvent_model_param_bsol                 ? 
_refine.solvent_model_param_ksol                 ? 
_refine.pdbx_R_complete                          ? 
_refine.ls_R_factor_gt                           ? 
_refine.ls_goodness_of_fit_gt                    ? 
_refine.ls_goodness_of_fit_ref                   ? 
_refine.ls_shift_over_su_max                     ? 
_refine.ls_shift_over_su_max_lt                  ? 
_refine.ls_shift_over_su_mean                    ? 
_refine.ls_shift_over_su_mean_lt                 ? 
_refine.pdbx_ls_sigma_I                          ? 
_refine.pdbx_ls_sigma_F                          1.380 
_refine.pdbx_ls_sigma_Fsqd                       ? 
_refine.pdbx_data_cutoff_high_absF               ? 
_refine.pdbx_data_cutoff_high_rms_absF           ? 
_refine.pdbx_data_cutoff_low_absF                ? 
_refine.pdbx_isotropic_thermal_model             ? 
_refine.pdbx_ls_cross_valid_method               THROUGHOUT 
_refine.pdbx_method_to_determine_struct          'MOLECULAR REPLACEMENT' 
_refine.pdbx_starting_model                      1nlb 
_refine.pdbx_stereochemistry_target_values       ML 
_refine.pdbx_R_Free_selection_details            ? 
_refine.pdbx_stereochem_target_val_spec_case     ? 
_refine.pdbx_overall_ESU_R                       ? 
_refine.pdbx_overall_ESU_R_Free                  ? 
_refine.pdbx_solvent_vdw_probe_radii             1.1000 
_refine.pdbx_solvent_ion_probe_radii             ? 
_refine.pdbx_solvent_shrinkage_radii             0.9000 
_refine.pdbx_real_space_R                        ? 
_refine.pdbx_density_correlation                 ? 
_refine.pdbx_pd_number_of_powder_patterns        ? 
_refine.pdbx_pd_number_of_points                 ? 
_refine.pdbx_pd_meas_number_of_points            ? 
_refine.pdbx_pd_proc_ls_prof_R_factor            ? 
_refine.pdbx_pd_proc_ls_prof_wR_factor           ? 
_refine.pdbx_pd_Marquardt_correlation_coeff      ? 
_refine.pdbx_pd_Fsqrd_R_factor                   ? 
_refine.pdbx_pd_ls_matrix_band_width             ? 
_refine.pdbx_overall_phase_error                 22.8800 
_refine.pdbx_overall_SU_R_free_Cruickshank_DPI   ? 
_refine.pdbx_overall_SU_R_free_Blow_DPI          ? 
_refine.pdbx_overall_SU_R_Blow_DPI               ? 
_refine.pdbx_TLS_residual_ADP_flag               ? 
_refine.pdbx_diffrn_id                           1 
_refine.overall_SU_B                             ? 
_refine.overall_SU_ML                            0.1400 
_refine.overall_SU_R_Cruickshank_DPI             ? 
_refine.overall_SU_R_free                        ? 
_refine.overall_FOM_free_R_set                   ? 
_refine.overall_FOM_work_R_set                   ? 
_refine.pdbx_average_fsc_overall                 ? 
_refine.pdbx_average_fsc_work                    ? 
_refine.pdbx_average_fsc_free                    ? 
# 
_refine_hist.pdbx_refine_id                   'X-RAY DIFFRACTION' 
_refine_hist.cycle_id                         final 
_refine_hist.details                          ? 
_refine_hist.d_res_high                       1.2500 
_refine_hist.d_res_low                        30.4400 
_refine_hist.number_atoms_solvent             81 
_refine_hist.number_atoms_total               1026 
_refine_hist.number_reflns_all                ? 
_refine_hist.number_reflns_obs                ? 
_refine_hist.number_reflns_R_free             ? 
_refine_hist.number_reflns_R_work             ? 
_refine_hist.R_factor_all                     ? 
_refine_hist.R_factor_obs                     ? 
_refine_hist.R_factor_R_free                  ? 
_refine_hist.R_factor_R_work                  ? 
_refine_hist.pdbx_number_residues_total       124 
_refine_hist.pdbx_B_iso_mean_ligand           38.47 
_refine_hist.pdbx_B_iso_mean_solvent          26.68 
_refine_hist.pdbx_number_atoms_protein        935 
_refine_hist.pdbx_number_atoms_nucleic_acid   0 
_refine_hist.pdbx_number_atoms_ligand         10 
_refine_hist.pdbx_number_atoms_lipid          ? 
_refine_hist.pdbx_number_atoms_carb           ? 
_refine_hist.pdbx_pseudo_atom_details         ? 
# 
loop_
_refine_ls_shell.pdbx_refine_id 
_refine_ls_shell.d_res_high 
_refine_ls_shell.d_res_low 
_refine_ls_shell.number_reflns_all 
_refine_ls_shell.number_reflns_obs 
_refine_ls_shell.number_reflns_R_free 
_refine_ls_shell.number_reflns_R_work 
_refine_ls_shell.percent_reflns_obs 
_refine_ls_shell.percent_reflns_R_free 
_refine_ls_shell.R_factor_all 
_refine_ls_shell.R_factor_obs 
_refine_ls_shell.R_factor_R_free 
_refine_ls_shell.R_factor_R_free_error 
_refine_ls_shell.R_factor_R_work 
_refine_ls_shell.redundancy_reflns_all 
_refine_ls_shell.redundancy_reflns_obs 
_refine_ls_shell.wR_factor_all 
_refine_ls_shell.wR_factor_obs 
_refine_ls_shell.wR_factor_R_free 
_refine_ls_shell.wR_factor_R_work 
_refine_ls_shell.pdbx_R_complete 
_refine_ls_shell.pdbx_total_number_of_bins_used 
_refine_ls_shell.pdbx_phase_error 
_refine_ls_shell.pdbx_fsc_work 
_refine_ls_shell.pdbx_fsc_free 
'X-RAY DIFFRACTION' 1.2500 1.2700 . . 94  1476 75.0000  . . . 0.3216 0.0000 0.3225 . . . . . . . . . . . 
'X-RAY DIFFRACTION' 1.2700 1.2800 . . 106 1638 85.0000  . . . 0.3215 0.0000 0.2903 . . . . . . . . . . . 
'X-RAY DIFFRACTION' 1.2800 1.3000 . . 138 1720 88.0000  . . . 0.2723 0.0000 0.2690 . . . . . . . . . . . 
'X-RAY DIFFRACTION' 1.3000 1.3200 . . 125 1744 91.0000  . . . 0.2943 0.0000 0.2621 . . . . . . . . . . . 
'X-RAY DIFFRACTION' 1.3200 1.3400 . . 145 1816 95.0000  . . . 0.2318 0.0000 0.2358 . . . . . . . . . . . 
'X-RAY DIFFRACTION' 1.3400 1.3600 . . 127 1925 98.0000  . . . 0.2846 0.0000 0.2385 . . . . . . . . . . . 
'X-RAY DIFFRACTION' 1.3600 1.3800 . . 133 1937 100.0000 . . . 0.2269 0.0000 0.2283 . . . . . . . . . . . 
'X-RAY DIFFRACTION' 1.3800 1.4100 . . 155 1975 100.0000 . . . 0.2059 0.0000 0.2085 . . . . . . . . . . . 
'X-RAY DIFFRACTION' 1.4100 1.4300 . . 139 1893 100.0000 . . . 0.2315 0.0000 0.2055 . . . . . . . . . . . 
'X-RAY DIFFRACTION' 1.4300 1.4600 . . 142 1946 100.0000 . . . 0.2595 0.0000 0.2025 . . . . . . . . . . . 
'X-RAY DIFFRACTION' 1.4600 1.4900 . . 141 1920 100.0000 . . . 0.2235 0.0000 0.1997 . . . . . . . . . . . 
'X-RAY DIFFRACTION' 1.4900 1.5200 . . 153 1952 100.0000 . . . 0.2272 0.0000 0.2058 . . . . . . . . . . . 
'X-RAY DIFFRACTION' 1.5200 1.5600 . . 138 1917 100.0000 . . . 0.1954 0.0000 0.1935 . . . . . . . . . . . 
'X-RAY DIFFRACTION' 1.5600 1.6000 . . 141 1957 100.0000 . . . 0.2054 0.0000 0.1936 . . . . . . . . . . . 
'X-RAY DIFFRACTION' 1.6000 1.6400 . . 142 1910 100.0000 . . . 0.2518 0.0000 0.2073 . . . . . . . . . . . 
'X-RAY DIFFRACTION' 1.6400 1.6900 . . 141 1936 100.0000 . . . 0.2332 0.0000 0.2115 . . . . . . . . . . . 
'X-RAY DIFFRACTION' 1.6900 1.7400 . . 142 1941 100.0000 . . . 0.2318 0.0000 0.2035 . . . . . . . . . . . 
'X-RAY DIFFRACTION' 1.7400 1.8000 . . 146 1911 100.0000 . . . 0.2435 0.0000 0.1837 . . . . . . . . . . . 
'X-RAY DIFFRACTION' 1.8000 1.8800 . . 140 1966 100.0000 . . . 0.2429 0.0000 0.1925 . . . . . . . . . . . 
'X-RAY DIFFRACTION' 1.8800 1.9600 . . 145 1915 100.0000 . . . 0.2263 0.0000 0.1858 . . . . . . . . . . . 
'X-RAY DIFFRACTION' 1.9600 2.0600 . . 136 1943 100.0000 . . . 0.2024 0.0000 0.1859 . . . . . . . . . . . 
'X-RAY DIFFRACTION' 2.0600 2.1900 . . 142 1939 100.0000 . . . 0.1989 0.0000 0.1820 . . . . . . . . . . . 
'X-RAY DIFFRACTION' 2.1900 2.3600 . . 142 1918 99.0000  . . . 0.1773 0.0000 0.1922 . . . . . . . . . . . 
'X-RAY DIFFRACTION' 2.3600 2.6000 . . 151 1917 100.0000 . . . 0.2418 0.0000 0.2041 . . . . . . . . . . . 
'X-RAY DIFFRACTION' 2.6000 2.9800 . . 148 1927 100.0000 . . . 0.2622 0.0000 0.2149 . . . . . . . . . . . 
'X-RAY DIFFRACTION' 2.9800 3.7500 . . 134 1955 100.0000 . . . 0.2101 0.0000 0.1822 . . . . . . . . . . . 
'X-RAY DIFFRACTION' 3.7500 10     . . 143 1919 99.0000  . . . 0.1854 0.0000 0.1626 . . . . . . . . . . . 
# 
_struct.entry_id                     7UTG 
_struct.title                        '2D9 nanobody to BCL11A-exZF23 fragment' 
_struct.pdbx_model_details           ? 
_struct.pdbx_formula_weight          ? 
_struct.pdbx_formula_weight_method   ? 
_struct.pdbx_model_type_details      ? 
_struct.pdbx_CASP_flag               N 
# 
_struct_keywords.entry_id        7UTG 
_struct_keywords.text            'binding protein to BCL11A-exZF23 fragment, PEPTIDE BINDING PROTEIN' 
_struct_keywords.pdbx_keywords   'PEPTIDE BINDING PROTEIN' 
# 
loop_
_struct_asym.id 
_struct_asym.pdbx_blank_PDB_chainid_flag 
_struct_asym.pdbx_modified 
_struct_asym.entity_id 
_struct_asym.details 
A N N 1 ? 
B N N 2 ? 
C N N 2 ? 
D N N 3 ? 
# 
_struct_ref.id                         1 
_struct_ref.db_name                    PDB 
_struct_ref.db_code                    7UTG 
_struct_ref.pdbx_db_accession          7UTG 
_struct_ref.pdbx_db_isoform            ? 
_struct_ref.entity_id                  1 
_struct_ref.pdbx_seq_one_letter_code   ? 
_struct_ref.pdbx_align_begin           1 
# 
_struct_ref_seq.align_id                      1 
_struct_ref_seq.ref_id                        1 
_struct_ref_seq.pdbx_PDB_id_code              7UTG 
_struct_ref_seq.pdbx_strand_id                A 
_struct_ref_seq.seq_align_beg                 1 
_struct_ref_seq.pdbx_seq_align_beg_ins_code   ? 
_struct_ref_seq.seq_align_end                 130 
_struct_ref_seq.pdbx_seq_align_end_ins_code   ? 
_struct_ref_seq.pdbx_db_accession             7UTG 
_struct_ref_seq.db_align_beg                  1 
_struct_ref_seq.pdbx_db_align_beg_ins_code    ? 
_struct_ref_seq.db_align_end                  130 
_struct_ref_seq.pdbx_db_align_end_ins_code    ? 
_struct_ref_seq.pdbx_auth_seq_align_beg       1 
_struct_ref_seq.pdbx_auth_seq_align_end       130 
# 
_pdbx_struct_assembly.id                   1 
_pdbx_struct_assembly.details              author_and_software_defined_assembly 
_pdbx_struct_assembly.method_details       PISA 
_pdbx_struct_assembly.oligomeric_details   monomeric 
_pdbx_struct_assembly.oligomeric_count     1 
# 
_pdbx_struct_assembly_gen.assembly_id       1 
_pdbx_struct_assembly_gen.oper_expression   1 
_pdbx_struct_assembly_gen.asym_id_list      A,B,C,D 
# 
_pdbx_struct_assembly_auth_evidence.id                     1 
_pdbx_struct_assembly_auth_evidence.assembly_id            1 
_pdbx_struct_assembly_auth_evidence.experimental_support   'gel filtration' 
_pdbx_struct_assembly_auth_evidence.details                ? 
# 
_pdbx_struct_oper_list.id                   1 
_pdbx_struct_oper_list.type                 'identity operation' 
_pdbx_struct_oper_list.name                 1_555 
_pdbx_struct_oper_list.symmetry_operation   x,y,z 
_pdbx_struct_oper_list.matrix[1][1]         1.0000000000 
_pdbx_struct_oper_list.matrix[1][2]         0.0000000000 
_pdbx_struct_oper_list.matrix[1][3]         0.0000000000 
_pdbx_struct_oper_list.vector[1]            0.0000000000 
_pdbx_struct_oper_list.matrix[2][1]         0.0000000000 
_pdbx_struct_oper_list.matrix[2][2]         1.0000000000 
_pdbx_struct_oper_list.matrix[2][3]         0.0000000000 
_pdbx_struct_oper_list.vector[2]            0.0000000000 
_pdbx_struct_oper_list.matrix[3][1]         0.0000000000 
_pdbx_struct_oper_list.matrix[3][2]         0.0000000000 
_pdbx_struct_oper_list.matrix[3][3]         1.0000000000 
_pdbx_struct_oper_list.vector[3]            0.0000000000 
# 
loop_
_struct_conf.conf_type_id 
_struct_conf.id 
_struct_conf.pdbx_PDB_helix_id 
_struct_conf.beg_label_comp_id 
_struct_conf.beg_label_asym_id 
_struct_conf.beg_label_seq_id 
_struct_conf.pdbx_beg_PDB_ins_code 
_struct_conf.end_label_comp_id 
_struct_conf.end_label_asym_id 
_struct_conf.end_label_seq_id 
_struct_conf.pdbx_end_PDB_ins_code 
_struct_conf.beg_auth_comp_id 
_struct_conf.beg_auth_asym_id 
_struct_conf.beg_auth_seq_id 
_struct_conf.end_auth_comp_id 
_struct_conf.end_auth_asym_id 
_struct_conf.end_auth_seq_id 
_struct_conf.pdbx_PDB_helix_class 
_struct_conf.details 
_struct_conf.pdbx_PDB_helix_length 
HELX_P HELX_P1 AA1 ASP A 62  ? LYS A 65  ? ASP A 62  LYS A 65  5 ? 4 
HELX_P HELX_P2 AA2 ASN A 74  ? LYS A 76  ? ASN A 74  LYS A 76  5 ? 3 
HELX_P HELX_P3 AA3 LYS A 87  ? THR A 91  ? LYS A 87  THR A 91  5 ? 5 
HELX_P HELX_P4 AA4 SER A 118 ? ALA A 122 ? SER A 118 ALA A 122 5 ? 5 
# 
_struct_conf_type.id          HELX_P 
_struct_conf_type.criteria    ? 
_struct_conf_type.reference   ? 
# 
_struct_conn.id                            disulf1 
_struct_conn.conn_type_id                  disulf 
_struct_conn.pdbx_leaving_atom_flag        ? 
_struct_conn.pdbx_PDB_id                   ? 
_struct_conn.ptnr1_label_asym_id           A 
_struct_conn.ptnr1_label_comp_id           CYS 
_struct_conn.ptnr1_label_seq_id            22 
_struct_conn.ptnr1_label_atom_id           SG 
_struct_conn.pdbx_ptnr1_label_alt_id       ? 
_struct_conn.pdbx_ptnr1_PDB_ins_code       ? 
_struct_conn.pdbx_ptnr1_standard_comp_id   ? 
_struct_conn.ptnr1_symmetry                1_555 
_struct_conn.ptnr2_label_asym_id           A 
_struct_conn.ptnr2_label_comp_id           CYS 
_struct_conn.ptnr2_label_seq_id            96 
_struct_conn.ptnr2_label_atom_id           SG 
_struct_conn.pdbx_ptnr2_label_alt_id       ? 
_struct_conn.pdbx_ptnr2_PDB_ins_code       ? 
_struct_conn.ptnr1_auth_asym_id            A 
_struct_conn.ptnr1_auth_comp_id            CYS 
_struct_conn.ptnr1_auth_seq_id             22 
_struct_conn.ptnr2_auth_asym_id            A 
_struct_conn.ptnr2_auth_comp_id            CYS 
_struct_conn.ptnr2_auth_seq_id             96 
_struct_conn.ptnr2_symmetry                1_555 
_struct_conn.pdbx_ptnr3_label_atom_id      ? 
_struct_conn.pdbx_ptnr3_label_seq_id       ? 
_struct_conn.pdbx_ptnr3_label_comp_id      ? 
_struct_conn.pdbx_ptnr3_label_asym_id      ? 
_struct_conn.pdbx_ptnr3_label_alt_id       ? 
_struct_conn.pdbx_ptnr3_PDB_ins_code       ? 
_struct_conn.details                       ? 
_struct_conn.pdbx_dist_value               2.063 
_struct_conn.pdbx_value_order              ? 
_struct_conn.pdbx_role                     ? 
# 
_struct_conn_type.id          disulf 
_struct_conn_type.criteria    ? 
_struct_conn_type.reference   ? 
# 
_pdbx_modification_feature.ordinal                            1 
_pdbx_modification_feature.label_comp_id                      CYS 
_pdbx_modification_feature.label_asym_id                      A 
_pdbx_modification_feature.label_seq_id                       22 
_pdbx_modification_feature.label_alt_id                       ? 
_pdbx_modification_feature.modified_residue_label_comp_id     CYS 
_pdbx_modification_feature.modified_residue_label_asym_id     A 
_pdbx_modification_feature.modified_residue_label_seq_id      96 
_pdbx_modification_feature.modified_residue_label_alt_id      ? 
_pdbx_modification_feature.auth_comp_id                       CYS 
_pdbx_modification_feature.auth_asym_id                       A 
_pdbx_modification_feature.auth_seq_id                        22 
_pdbx_modification_feature.PDB_ins_code                       ? 
_pdbx_modification_feature.symmetry                           1_555 
_pdbx_modification_feature.modified_residue_auth_comp_id      CYS 
_pdbx_modification_feature.modified_residue_auth_asym_id      A 
_pdbx_modification_feature.modified_residue_auth_seq_id       96 
_pdbx_modification_feature.modified_residue_PDB_ins_code      ? 
_pdbx_modification_feature.modified_residue_symmetry          1_555 
_pdbx_modification_feature.comp_id_linking_atom               SG 
_pdbx_modification_feature.modified_residue_id_linking_atom   SG 
_pdbx_modification_feature.modified_residue_id                . 
_pdbx_modification_feature.ref_pcm_id                         . 
_pdbx_modification_feature.ref_comp_id                        . 
_pdbx_modification_feature.type                               None 
_pdbx_modification_feature.category                           'Disulfide bridge' 
# 
_struct_mon_prot_cis.pdbx_id                1 
_struct_mon_prot_cis.label_comp_id          TYR 
_struct_mon_prot_cis.label_seq_id           103 
_struct_mon_prot_cis.label_asym_id          A 
_struct_mon_prot_cis.label_alt_id           . 
_struct_mon_prot_cis.pdbx_PDB_ins_code      ? 
_struct_mon_prot_cis.auth_comp_id           TYR 
_struct_mon_prot_cis.auth_seq_id            103 
_struct_mon_prot_cis.auth_asym_id           A 
_struct_mon_prot_cis.pdbx_label_comp_id_2   PRO 
_struct_mon_prot_cis.pdbx_label_seq_id_2    104 
_struct_mon_prot_cis.pdbx_label_asym_id_2   A 
_struct_mon_prot_cis.pdbx_PDB_ins_code_2    ? 
_struct_mon_prot_cis.pdbx_auth_comp_id_2    PRO 
_struct_mon_prot_cis.pdbx_auth_seq_id_2     104 
_struct_mon_prot_cis.pdbx_auth_asym_id_2    A 
_struct_mon_prot_cis.pdbx_PDB_model_num     1 
_struct_mon_prot_cis.pdbx_omega_angle       11.50 
# 
loop_
_struct_sheet.id 
_struct_sheet.type 
_struct_sheet.number_strands 
_struct_sheet.details 
AA1 ? 4 ? 
AA2 ? 6 ? 
AA3 ? 4 ? 
# 
loop_
_struct_sheet_order.sheet_id 
_struct_sheet_order.range_id_1 
_struct_sheet_order.range_id_2 
_struct_sheet_order.offset 
_struct_sheet_order.sense 
AA1 1 2 ? anti-parallel 
AA1 2 3 ? anti-parallel 
AA1 3 4 ? anti-parallel 
AA2 1 2 ? parallel      
AA2 2 3 ? anti-parallel 
AA2 3 4 ? anti-parallel 
AA2 4 5 ? anti-parallel 
AA2 5 6 ? anti-parallel 
AA3 1 2 ? parallel      
AA3 2 3 ? anti-parallel 
AA3 3 4 ? anti-parallel 
# 
loop_
_struct_sheet_range.sheet_id 
_struct_sheet_range.id 
_struct_sheet_range.beg_label_comp_id 
_struct_sheet_range.beg_label_asym_id 
_struct_sheet_range.beg_label_seq_id 
_struct_sheet_range.pdbx_beg_PDB_ins_code 
_struct_sheet_range.end_label_comp_id 
_struct_sheet_range.end_label_asym_id 
_struct_sheet_range.end_label_seq_id 
_struct_sheet_range.pdbx_end_PDB_ins_code 
_struct_sheet_range.beg_auth_comp_id 
_struct_sheet_range.beg_auth_asym_id 
_struct_sheet_range.beg_auth_seq_id 
_struct_sheet_range.end_auth_comp_id 
_struct_sheet_range.end_auth_asym_id 
_struct_sheet_range.end_auth_seq_id 
AA1 1 GLN A 3   ? SER A 7   ? GLN A 3   SER A 7   
AA1 2 LEU A 18  ? SER A 25  ? LEU A 18  SER A 25  
AA1 3 THR A 78  ? MET A 83  ? THR A 78  MET A 83  
AA1 4 PHE A 68  ? ASP A 73  ? PHE A 68  ASP A 73  
AA2 1 GLY A 10  ? GLN A 13  ? GLY A 10  GLN A 13  
AA2 2 THR A 112 ? SER A 117 ? THR A 112 SER A 117 
AA2 3 ALA A 92  ? ASP A 99  ? ALA A 92  ASP A 99  
AA2 4 MET A 34  ? GLN A 39  ? MET A 34  GLN A 39  
AA2 5 GLU A 46  ? ILE A 51  ? GLU A 46  ILE A 51  
AA2 6 THR A 58  ? TYR A 60  ? THR A 58  TYR A 60  
AA3 1 GLY A 10  ? GLN A 13  ? GLY A 10  GLN A 13  
AA3 2 THR A 112 ? SER A 117 ? THR A 112 SER A 117 
AA3 3 ALA A 92  ? ASP A 99  ? ALA A 92  ASP A 99  
AA3 4 GLU A 106 ? TRP A 108 ? GLU A 106 TRP A 108 
# 
loop_
_pdbx_struct_sheet_hbond.sheet_id 
_pdbx_struct_sheet_hbond.range_id_1 
_pdbx_struct_sheet_hbond.range_id_2 
_pdbx_struct_sheet_hbond.range_1_label_atom_id 
_pdbx_struct_sheet_hbond.range_1_label_comp_id 
_pdbx_struct_sheet_hbond.range_1_label_asym_id 
_pdbx_struct_sheet_hbond.range_1_label_seq_id 
_pdbx_struct_sheet_hbond.range_1_PDB_ins_code 
_pdbx_struct_sheet_hbond.range_1_auth_atom_id 
_pdbx_struct_sheet_hbond.range_1_auth_comp_id 
_pdbx_struct_sheet_hbond.range_1_auth_asym_id 
_pdbx_struct_sheet_hbond.range_1_auth_seq_id 
_pdbx_struct_sheet_hbond.range_2_label_atom_id 
_pdbx_struct_sheet_hbond.range_2_label_comp_id 
_pdbx_struct_sheet_hbond.range_2_label_asym_id 
_pdbx_struct_sheet_hbond.range_2_label_seq_id 
_pdbx_struct_sheet_hbond.range_2_PDB_ins_code 
_pdbx_struct_sheet_hbond.range_2_auth_atom_id 
_pdbx_struct_sheet_hbond.range_2_auth_comp_id 
_pdbx_struct_sheet_hbond.range_2_auth_asym_id 
_pdbx_struct_sheet_hbond.range_2_auth_seq_id 
AA1 1 2 N SER A 7   ? N SER A 7   O SER A 21  ? O SER A 21  
AA1 2 3 N LEU A 18  ? N LEU A 18  O MET A 83  ? O MET A 83  
AA1 3 4 O TYR A 80  ? O TYR A 80  N SER A 71  ? N SER A 71  
AA2 1 2 N GLY A 10  ? N GLY A 10  O THR A 115 ? O THR A 115 
AA2 2 3 O THR A 112 ? O THR A 112 N TYR A 94  ? N TYR A 94  
AA2 3 4 O TYR A 95  ? O TYR A 95  N TYR A 37  ? N TYR A 37  
AA2 4 5 N TRP A 36  ? N TRP A 36  O ALA A 49  ? O ALA A 49  
AA2 5 6 N ALA A 50  ? N ALA A 50  O TYR A 59  ? O TYR A 59  
AA3 1 2 N GLY A 10  ? N GLY A 10  O THR A 115 ? O THR A 115 
AA3 2 3 O THR A 112 ? O THR A 112 N TYR A 94  ? N TYR A 94  
AA3 3 4 N ALA A 98  ? N ALA A 98  O TYR A 107 ? O TYR A 107 
# 
_pdbx_entry_details.entry_id                   7UTG 
_pdbx_entry_details.has_ligand_of_interest     Y 
_pdbx_entry_details.compound_details           ? 
_pdbx_entry_details.source_details             ? 
_pdbx_entry_details.nonpolymer_details         ? 
_pdbx_entry_details.sequence_details           ? 
_pdbx_entry_details.has_protein_modification   Y 
# 
_pdbx_validate_symm_contact.id                1 
_pdbx_validate_symm_contact.PDB_model_num     1 
_pdbx_validate_symm_contact.auth_atom_id_1    NE2 
_pdbx_validate_symm_contact.auth_asym_id_1    A 
_pdbx_validate_symm_contact.auth_comp_id_1    GLN 
_pdbx_validate_symm_contact.auth_seq_id_1     3 
_pdbx_validate_symm_contact.PDB_ins_code_1    ? 
_pdbx_validate_symm_contact.label_alt_id_1    ? 
_pdbx_validate_symm_contact.site_symmetry_1   1_555 
_pdbx_validate_symm_contact.auth_atom_id_2    OE1 
_pdbx_validate_symm_contact.auth_asym_id_2    A 
_pdbx_validate_symm_contact.auth_comp_id_2    GLN 
_pdbx_validate_symm_contact.auth_seq_id_2     13 
_pdbx_validate_symm_contact.PDB_ins_code_2    ? 
_pdbx_validate_symm_contact.label_alt_id_2    ? 
_pdbx_validate_symm_contact.site_symmetry_2   4_455 
_pdbx_validate_symm_contact.dist              1.86 
# 
loop_
_pdbx_validate_torsion.id 
_pdbx_validate_torsion.PDB_model_num 
_pdbx_validate_torsion.auth_comp_id 
_pdbx_validate_torsion.auth_asym_id 
_pdbx_validate_torsion.auth_seq_id 
_pdbx_validate_torsion.PDB_ins_code 
_pdbx_validate_torsion.label_alt_id 
_pdbx_validate_torsion.phi 
_pdbx_validate_torsion.psi 
1 1 SER A 27  ? ? -161.49 -166.51 
2 1 TYR A 105 ? ? 74.86   -36.62  
# 
loop_
_pdbx_unobs_or_zero_occ_residues.id 
_pdbx_unobs_or_zero_occ_residues.PDB_model_num 
_pdbx_unobs_or_zero_occ_residues.polymer_flag 
_pdbx_unobs_or_zero_occ_residues.occupancy_flag 
_pdbx_unobs_or_zero_occ_residues.auth_asym_id 
_pdbx_unobs_or_zero_occ_residues.auth_comp_id 
_pdbx_unobs_or_zero_occ_residues.auth_seq_id 
_pdbx_unobs_or_zero_occ_residues.PDB_ins_code 
_pdbx_unobs_or_zero_occ_residues.label_asym_id 
_pdbx_unobs_or_zero_occ_residues.label_comp_id 
_pdbx_unobs_or_zero_occ_residues.label_seq_id 
1 1 Y 1 A GLN 1   ? A GLN 1   
2 1 Y 1 A PRO 126 ? A PRO 126 
3 1 Y 1 A GLN 127 ? A GLN 127 
4 1 Y 1 A PHE 128 ? A PHE 128 
5 1 Y 1 A GLU 129 ? A GLU 129 
6 1 Y 1 A LYS 130 ? A LYS 130 
# 
loop_
_chem_comp_atom.comp_id 
_chem_comp_atom.atom_id 
_chem_comp_atom.type_symbol 
_chem_comp_atom.pdbx_aromatic_flag 
_chem_comp_atom.pdbx_stereo_config 
_chem_comp_atom.pdbx_ordinal 
ALA N    N N N 1   
ALA CA   C N S 2   
ALA C    C N N 3   
ALA O    O N N 4   
ALA CB   C N N 5   
ALA OXT  O N N 6   
ALA H    H N N 7   
ALA H2   H N N 8   
ALA HA   H N N 9   
ALA HB1  H N N 10  
ALA HB2  H N N 11  
ALA HB3  H N N 12  
ALA HXT  H N N 13  
ARG N    N N N 14  
ARG CA   C N S 15  
ARG C    C N N 16  
ARG O    O N N 17  
ARG CB   C N N 18  
ARG CG   C N N 19  
ARG CD   C N N 20  
ARG NE   N N N 21  
ARG CZ   C N N 22  
ARG NH1  N N N 23  
ARG NH2  N N N 24  
ARG OXT  O N N 25  
ARG H    H N N 26  
ARG H2   H N N 27  
ARG HA   H N N 28  
ARG HB2  H N N 29  
ARG HB3  H N N 30  
ARG HG2  H N N 31  
ARG HG3  H N N 32  
ARG HD2  H N N 33  
ARG HD3  H N N 34  
ARG HE   H N N 35  
ARG HH11 H N N 36  
ARG HH12 H N N 37  
ARG HH21 H N N 38  
ARG HH22 H N N 39  
ARG HXT  H N N 40  
ASN N    N N N 41  
ASN CA   C N S 42  
ASN C    C N N 43  
ASN O    O N N 44  
ASN CB   C N N 45  
ASN CG   C N N 46  
ASN OD1  O N N 47  
ASN ND2  N N N 48  
ASN OXT  O N N 49  
ASN H    H N N 50  
ASN H2   H N N 51  
ASN HA   H N N 52  
ASN HB2  H N N 53  
ASN HB3  H N N 54  
ASN HD21 H N N 55  
ASN HD22 H N N 56  
ASN HXT  H N N 57  
ASP N    N N N 58  
ASP CA   C N S 59  
ASP C    C N N 60  
ASP O    O N N 61  
ASP CB   C N N 62  
ASP CG   C N N 63  
ASP OD1  O N N 64  
ASP OD2  O N N 65  
ASP OXT  O N N 66  
ASP H    H N N 67  
ASP H2   H N N 68  
ASP HA   H N N 69  
ASP HB2  H N N 70  
ASP HB3  H N N 71  
ASP HD2  H N N 72  
ASP HXT  H N N 73  
CYS N    N N N 74  
CYS CA   C N R 75  
CYS C    C N N 76  
CYS O    O N N 77  
CYS CB   C N N 78  
CYS SG   S N N 79  
CYS OXT  O N N 80  
CYS H    H N N 81  
CYS H2   H N N 82  
CYS HA   H N N 83  
CYS HB2  H N N 84  
CYS HB3  H N N 85  
CYS HG   H N N 86  
CYS HXT  H N N 87  
GLN N    N N N 88  
GLN CA   C N S 89  
GLN C    C N N 90  
GLN O    O N N 91  
GLN CB   C N N 92  
GLN CG   C N N 93  
GLN CD   C N N 94  
GLN OE1  O N N 95  
GLN NE2  N N N 96  
GLN OXT  O N N 97  
GLN H    H N N 98  
GLN H2   H N N 99  
GLN HA   H N N 100 
GLN HB2  H N N 101 
GLN HB3  H N N 102 
GLN HG2  H N N 103 
GLN HG3  H N N 104 
GLN HE21 H N N 105 
GLN HE22 H N N 106 
GLN HXT  H N N 107 
GLU N    N N N 108 
GLU CA   C N S 109 
GLU C    C N N 110 
GLU O    O N N 111 
GLU CB   C N N 112 
GLU CG   C N N 113 
GLU CD   C N N 114 
GLU OE1  O N N 115 
GLU OE2  O N N 116 
GLU OXT  O N N 117 
GLU H    H N N 118 
GLU H2   H N N 119 
GLU HA   H N N 120 
GLU HB2  H N N 121 
GLU HB3  H N N 122 
GLU HG2  H N N 123 
GLU HG3  H N N 124 
GLU HE2  H N N 125 
GLU HXT  H N N 126 
GLY N    N N N 127 
GLY CA   C N N 128 
GLY C    C N N 129 
GLY O    O N N 130 
GLY OXT  O N N 131 
GLY H    H N N 132 
GLY H2   H N N 133 
GLY HA2  H N N 134 
GLY HA3  H N N 135 
GLY HXT  H N N 136 
HIS N    N N N 137 
HIS CA   C N S 138 
HIS C    C N N 139 
HIS O    O N N 140 
HIS CB   C N N 141 
HIS CG   C Y N 142 
HIS ND1  N Y N 143 
HIS CD2  C Y N 144 
HIS CE1  C Y N 145 
HIS NE2  N Y N 146 
HIS OXT  O N N 147 
HIS H    H N N 148 
HIS H2   H N N 149 
HIS HA   H N N 150 
HIS HB2  H N N 151 
HIS HB3  H N N 152 
HIS HD1  H N N 153 
HIS HD2  H N N 154 
HIS HE1  H N N 155 
HIS HE2  H N N 156 
HIS HXT  H N N 157 
HOH O    O N N 158 
HOH H1   H N N 159 
HOH H2   H N N 160 
ILE N    N N N 161 
ILE CA   C N S 162 
ILE C    C N N 163 
ILE O    O N N 164 
ILE CB   C N S 165 
ILE CG1  C N N 166 
ILE CG2  C N N 167 
ILE CD1  C N N 168 
ILE OXT  O N N 169 
ILE H    H N N 170 
ILE H2   H N N 171 
ILE HA   H N N 172 
ILE HB   H N N 173 
ILE HG12 H N N 174 
ILE HG13 H N N 175 
ILE HG21 H N N 176 
ILE HG22 H N N 177 
ILE HG23 H N N 178 
ILE HD11 H N N 179 
ILE HD12 H N N 180 
ILE HD13 H N N 181 
ILE HXT  H N N 182 
LEU N    N N N 183 
LEU CA   C N S 184 
LEU C    C N N 185 
LEU O    O N N 186 
LEU CB   C N N 187 
LEU CG   C N N 188 
LEU CD1  C N N 189 
LEU CD2  C N N 190 
LEU OXT  O N N 191 
LEU H    H N N 192 
LEU H2   H N N 193 
LEU HA   H N N 194 
LEU HB2  H N N 195 
LEU HB3  H N N 196 
LEU HG   H N N 197 
LEU HD11 H N N 198 
LEU HD12 H N N 199 
LEU HD13 H N N 200 
LEU HD21 H N N 201 
LEU HD22 H N N 202 
LEU HD23 H N N 203 
LEU HXT  H N N 204 
LYS N    N N N 205 
LYS CA   C N S 206 
LYS C    C N N 207 
LYS O    O N N 208 
LYS CB   C N N 209 
LYS CG   C N N 210 
LYS CD   C N N 211 
LYS CE   C N N 212 
LYS NZ   N N N 213 
LYS OXT  O N N 214 
LYS H    H N N 215 
LYS H2   H N N 216 
LYS HA   H N N 217 
LYS HB2  H N N 218 
LYS HB3  H N N 219 
LYS HG2  H N N 220 
LYS HG3  H N N 221 
LYS HD2  H N N 222 
LYS HD3  H N N 223 
LYS HE2  H N N 224 
LYS HE3  H N N 225 
LYS HZ1  H N N 226 
LYS HZ2  H N N 227 
LYS HZ3  H N N 228 
LYS HXT  H N N 229 
MET N    N N N 230 
MET CA   C N S 231 
MET C    C N N 232 
MET O    O N N 233 
MET CB   C N N 234 
MET CG   C N N 235 
MET SD   S N N 236 
MET CE   C N N 237 
MET OXT  O N N 238 
MET H    H N N 239 
MET H2   H N N 240 
MET HA   H N N 241 
MET HB2  H N N 242 
MET HB3  H N N 243 
MET HG2  H N N 244 
MET HG3  H N N 245 
MET HE1  H N N 246 
MET HE2  H N N 247 
MET HE3  H N N 248 
MET HXT  H N N 249 
PHE N    N N N 250 
PHE CA   C N S 251 
PHE C    C N N 252 
PHE O    O N N 253 
PHE CB   C N N 254 
PHE CG   C Y N 255 
PHE CD1  C Y N 256 
PHE CD2  C Y N 257 
PHE CE1  C Y N 258 
PHE CE2  C Y N 259 
PHE CZ   C Y N 260 
PHE OXT  O N N 261 
PHE H    H N N 262 
PHE H2   H N N 263 
PHE HA   H N N 264 
PHE HB2  H N N 265 
PHE HB3  H N N 266 
PHE HD1  H N N 267 
PHE HD2  H N N 268 
PHE HE1  H N N 269 
PHE HE2  H N N 270 
PHE HZ   H N N 271 
PHE HXT  H N N 272 
PRO N    N N N 273 
PRO CA   C N S 274 
PRO C    C N N 275 
PRO O    O N N 276 
PRO CB   C N N 277 
PRO CG   C N N 278 
PRO CD   C N N 279 
PRO OXT  O N N 280 
PRO H    H N N 281 
PRO HA   H N N 282 
PRO HB2  H N N 283 
PRO HB3  H N N 284 
PRO HG2  H N N 285 
PRO HG3  H N N 286 
PRO HD2  H N N 287 
PRO HD3  H N N 288 
PRO HXT  H N N 289 
SER N    N N N 290 
SER CA   C N S 291 
SER C    C N N 292 
SER O    O N N 293 
SER CB   C N N 294 
SER OG   O N N 295 
SER OXT  O N N 296 
SER H    H N N 297 
SER H2   H N N 298 
SER HA   H N N 299 
SER HB2  H N N 300 
SER HB3  H N N 301 
SER HG   H N N 302 
SER HXT  H N N 303 
SO4 S    S N N 304 
SO4 O1   O N N 305 
SO4 O2   O N N 306 
SO4 O3   O N N 307 
SO4 O4   O N N 308 
THR N    N N N 309 
THR CA   C N S 310 
THR C    C N N 311 
THR O    O N N 312 
THR CB   C N R 313 
THR OG1  O N N 314 
THR CG2  C N N 315 
THR OXT  O N N 316 
THR H    H N N 317 
THR H2   H N N 318 
THR HA   H N N 319 
THR HB   H N N 320 
THR HG1  H N N 321 
THR HG21 H N N 322 
THR HG22 H N N 323 
THR HG23 H N N 324 
THR HXT  H N N 325 
TRP N    N N N 326 
TRP CA   C N S 327 
TRP C    C N N 328 
TRP O    O N N 329 
TRP CB   C N N 330 
TRP CG   C Y N 331 
TRP CD1  C Y N 332 
TRP CD2  C Y N 333 
TRP NE1  N Y N 334 
TRP CE2  C Y N 335 
TRP CE3  C Y N 336 
TRP CZ2  C Y N 337 
TRP CZ3  C Y N 338 
TRP CH2  C Y N 339 
TRP OXT  O N N 340 
TRP H    H N N 341 
TRP H2   H N N 342 
TRP HA   H N N 343 
TRP HB2  H N N 344 
TRP HB3  H N N 345 
TRP HD1  H N N 346 
TRP HE1  H N N 347 
TRP HE3  H N N 348 
TRP HZ2  H N N 349 
TRP HZ3  H N N 350 
TRP HH2  H N N 351 
TRP HXT  H N N 352 
TYR N    N N N 353 
TYR CA   C N S 354 
TYR C    C N N 355 
TYR O    O N N 356 
TYR CB   C N N 357 
TYR CG   C Y N 358 
TYR CD1  C Y N 359 
TYR CD2  C Y N 360 
TYR CE1  C Y N 361 
TYR CE2  C Y N 362 
TYR CZ   C Y N 363 
TYR OH   O N N 364 
TYR OXT  O N N 365 
TYR H    H N N 366 
TYR H2   H N N 367 
TYR HA   H N N 368 
TYR HB2  H N N 369 
TYR HB3  H N N 370 
TYR HD1  H N N 371 
TYR HD2  H N N 372 
TYR HE1  H N N 373 
TYR HE2  H N N 374 
TYR HH   H N N 375 
TYR HXT  H N N 376 
VAL N    N N N 377 
VAL CA   C N S 378 
VAL C    C N N 379 
VAL O    O N N 380 
VAL CB   C N N 381 
VAL CG1  C N N 382 
VAL CG2  C N N 383 
VAL OXT  O N N 384 
VAL H    H N N 385 
VAL H2   H N N 386 
VAL HA   H N N 387 
VAL HB   H N N 388 
VAL HG11 H N N 389 
VAL HG12 H N N 390 
VAL HG13 H N N 391 
VAL HG21 H N N 392 
VAL HG22 H N N 393 
VAL HG23 H N N 394 
VAL HXT  H N N 395 
# 
loop_
_chem_comp_bond.comp_id 
_chem_comp_bond.atom_id_1 
_chem_comp_bond.atom_id_2 
_chem_comp_bond.value_order 
_chem_comp_bond.pdbx_aromatic_flag 
_chem_comp_bond.pdbx_stereo_config 
_chem_comp_bond.pdbx_ordinal 
ALA N   CA   sing N N 1   
ALA N   H    sing N N 2   
ALA N   H2   sing N N 3   
ALA CA  C    sing N N 4   
ALA CA  CB   sing N N 5   
ALA CA  HA   sing N N 6   
ALA C   O    doub N N 7   
ALA C   OXT  sing N N 8   
ALA CB  HB1  sing N N 9   
ALA CB  HB2  sing N N 10  
ALA CB  HB3  sing N N 11  
ALA OXT HXT  sing N N 12  
ARG N   CA   sing N N 13  
ARG N   H    sing N N 14  
ARG N   H2   sing N N 15  
ARG CA  C    sing N N 16  
ARG CA  CB   sing N N 17  
ARG CA  HA   sing N N 18  
ARG C   O    doub N N 19  
ARG C   OXT  sing N N 20  
ARG CB  CG   sing N N 21  
ARG CB  HB2  sing N N 22  
ARG CB  HB3  sing N N 23  
ARG CG  CD   sing N N 24  
ARG CG  HG2  sing N N 25  
ARG CG  HG3  sing N N 26  
ARG CD  NE   sing N N 27  
ARG CD  HD2  sing N N 28  
ARG CD  HD3  sing N N 29  
ARG NE  CZ   sing N N 30  
ARG NE  HE   sing N N 31  
ARG CZ  NH1  sing N N 32  
ARG CZ  NH2  doub N N 33  
ARG NH1 HH11 sing N N 34  
ARG NH1 HH12 sing N N 35  
ARG NH2 HH21 sing N N 36  
ARG NH2 HH22 sing N N 37  
ARG OXT HXT  sing N N 38  
ASN N   CA   sing N N 39  
ASN N   H    sing N N 40  
ASN N   H2   sing N N 41  
ASN CA  C    sing N N 42  
ASN CA  CB   sing N N 43  
ASN CA  HA   sing N N 44  
ASN C   O    doub N N 45  
ASN C   OXT  sing N N 46  
ASN CB  CG   sing N N 47  
ASN CB  HB2  sing N N 48  
ASN CB  HB3  sing N N 49  
ASN CG  OD1  doub N N 50  
ASN CG  ND2  sing N N 51  
ASN ND2 HD21 sing N N 52  
ASN ND2 HD22 sing N N 53  
ASN OXT HXT  sing N N 54  
ASP N   CA   sing N N 55  
ASP N   H    sing N N 56  
ASP N   H2   sing N N 57  
ASP CA  C    sing N N 58  
ASP CA  CB   sing N N 59  
ASP CA  HA   sing N N 60  
ASP C   O    doub N N 61  
ASP C   OXT  sing N N 62  
ASP CB  CG   sing N N 63  
ASP CB  HB2  sing N N 64  
ASP CB  HB3  sing N N 65  
ASP CG  OD1  doub N N 66  
ASP CG  OD2  sing N N 67  
ASP OD2 HD2  sing N N 68  
ASP OXT HXT  sing N N 69  
CYS N   CA   sing N N 70  
CYS N   H    sing N N 71  
CYS N   H2   sing N N 72  
CYS CA  C    sing N N 73  
CYS CA  CB   sing N N 74  
CYS CA  HA   sing N N 75  
CYS C   O    doub N N 76  
CYS C   OXT  sing N N 77  
CYS CB  SG   sing N N 78  
CYS CB  HB2  sing N N 79  
CYS CB  HB3  sing N N 80  
CYS SG  HG   sing N N 81  
CYS OXT HXT  sing N N 82  
GLN N   CA   sing N N 83  
GLN N   H    sing N N 84  
GLN N   H2   sing N N 85  
GLN CA  C    sing N N 86  
GLN CA  CB   sing N N 87  
GLN CA  HA   sing N N 88  
GLN C   O    doub N N 89  
GLN C   OXT  sing N N 90  
GLN CB  CG   sing N N 91  
GLN CB  HB2  sing N N 92  
GLN CB  HB3  sing N N 93  
GLN CG  CD   sing N N 94  
GLN CG  HG2  sing N N 95  
GLN CG  HG3  sing N N 96  
GLN CD  OE1  doub N N 97  
GLN CD  NE2  sing N N 98  
GLN NE2 HE21 sing N N 99  
GLN NE2 HE22 sing N N 100 
GLN OXT HXT  sing N N 101 
GLU N   CA   sing N N 102 
GLU N   H    sing N N 103 
GLU N   H2   sing N N 104 
GLU CA  C    sing N N 105 
GLU CA  CB   sing N N 106 
GLU CA  HA   sing N N 107 
GLU C   O    doub N N 108 
GLU C   OXT  sing N N 109 
GLU CB  CG   sing N N 110 
GLU CB  HB2  sing N N 111 
GLU CB  HB3  sing N N 112 
GLU CG  CD   sing N N 113 
GLU CG  HG2  sing N N 114 
GLU CG  HG3  sing N N 115 
GLU CD  OE1  doub N N 116 
GLU CD  OE2  sing N N 117 
GLU OE2 HE2  sing N N 118 
GLU OXT HXT  sing N N 119 
GLY N   CA   sing N N 120 
GLY N   H    sing N N 121 
GLY N   H2   sing N N 122 
GLY CA  C    sing N N 123 
GLY CA  HA2  sing N N 124 
GLY CA  HA3  sing N N 125 
GLY C   O    doub N N 126 
GLY C   OXT  sing N N 127 
GLY OXT HXT  sing N N 128 
HIS N   CA   sing N N 129 
HIS N   H    sing N N 130 
HIS N   H2   sing N N 131 
HIS CA  C    sing N N 132 
HIS CA  CB   sing N N 133 
HIS CA  HA   sing N N 134 
HIS C   O    doub N N 135 
HIS C   OXT  sing N N 136 
HIS CB  CG   sing N N 137 
HIS CB  HB2  sing N N 138 
HIS CB  HB3  sing N N 139 
HIS CG  ND1  sing Y N 140 
HIS CG  CD2  doub Y N 141 
HIS ND1 CE1  doub Y N 142 
HIS ND1 HD1  sing N N 143 
HIS CD2 NE2  sing Y N 144 
HIS CD2 HD2  sing N N 145 
HIS CE1 NE2  sing Y N 146 
HIS CE1 HE1  sing N N 147 
HIS NE2 HE2  sing N N 148 
HIS OXT HXT  sing N N 149 
HOH O   H1   sing N N 150 
HOH O   H2   sing N N 151 
ILE N   CA   sing N N 152 
ILE N   H    sing N N 153 
ILE N   H2   sing N N 154 
ILE CA  C    sing N N 155 
ILE CA  CB   sing N N 156 
ILE CA  HA   sing N N 157 
ILE C   O    doub N N 158 
ILE C   OXT  sing N N 159 
ILE CB  CG1  sing N N 160 
ILE CB  CG2  sing N N 161 
ILE CB  HB   sing N N 162 
ILE CG1 CD1  sing N N 163 
ILE CG1 HG12 sing N N 164 
ILE CG1 HG13 sing N N 165 
ILE CG2 HG21 sing N N 166 
ILE CG2 HG22 sing N N 167 
ILE CG2 HG23 sing N N 168 
ILE CD1 HD11 sing N N 169 
ILE CD1 HD12 sing N N 170 
ILE CD1 HD13 sing N N 171 
ILE OXT HXT  sing N N 172 
LEU N   CA   sing N N 173 
LEU N   H    sing N N 174 
LEU N   H2   sing N N 175 
LEU CA  C    sing N N 176 
LEU CA  CB   sing N N 177 
LEU CA  HA   sing N N 178 
LEU C   O    doub N N 179 
LEU C   OXT  sing N N 180 
LEU CB  CG   sing N N 181 
LEU CB  HB2  sing N N 182 
LEU CB  HB3  sing N N 183 
LEU CG  CD1  sing N N 184 
LEU CG  CD2  sing N N 185 
LEU CG  HG   sing N N 186 
LEU CD1 HD11 sing N N 187 
LEU CD1 HD12 sing N N 188 
LEU CD1 HD13 sing N N 189 
LEU CD2 HD21 sing N N 190 
LEU CD2 HD22 sing N N 191 
LEU CD2 HD23 sing N N 192 
LEU OXT HXT  sing N N 193 
LYS N   CA   sing N N 194 
LYS N   H    sing N N 195 
LYS N   H2   sing N N 196 
LYS CA  C    sing N N 197 
LYS CA  CB   sing N N 198 
LYS CA  HA   sing N N 199 
LYS C   O    doub N N 200 
LYS C   OXT  sing N N 201 
LYS CB  CG   sing N N 202 
LYS CB  HB2  sing N N 203 
LYS CB  HB3  sing N N 204 
LYS CG  CD   sing N N 205 
LYS CG  HG2  sing N N 206 
LYS CG  HG3  sing N N 207 
LYS CD  CE   sing N N 208 
LYS CD  HD2  sing N N 209 
LYS CD  HD3  sing N N 210 
LYS CE  NZ   sing N N 211 
LYS CE  HE2  sing N N 212 
LYS CE  HE3  sing N N 213 
LYS NZ  HZ1  sing N N 214 
LYS NZ  HZ2  sing N N 215 
LYS NZ  HZ3  sing N N 216 
LYS OXT HXT  sing N N 217 
MET N   CA   sing N N 218 
MET N   H    sing N N 219 
MET N   H2   sing N N 220 
MET CA  C    sing N N 221 
MET CA  CB   sing N N 222 
MET CA  HA   sing N N 223 
MET C   O    doub N N 224 
MET C   OXT  sing N N 225 
MET CB  CG   sing N N 226 
MET CB  HB2  sing N N 227 
MET CB  HB3  sing N N 228 
MET CG  SD   sing N N 229 
MET CG  HG2  sing N N 230 
MET CG  HG3  sing N N 231 
MET SD  CE   sing N N 232 
MET CE  HE1  sing N N 233 
MET CE  HE2  sing N N 234 
MET CE  HE3  sing N N 235 
MET OXT HXT  sing N N 236 
PHE N   CA   sing N N 237 
PHE N   H    sing N N 238 
PHE N   H2   sing N N 239 
PHE CA  C    sing N N 240 
PHE CA  CB   sing N N 241 
PHE CA  HA   sing N N 242 
PHE C   O    doub N N 243 
PHE C   OXT  sing N N 244 
PHE CB  CG   sing N N 245 
PHE CB  HB2  sing N N 246 
PHE CB  HB3  sing N N 247 
PHE CG  CD1  doub Y N 248 
PHE CG  CD2  sing Y N 249 
PHE CD1 CE1  sing Y N 250 
PHE CD1 HD1  sing N N 251 
PHE CD2 CE2  doub Y N 252 
PHE CD2 HD2  sing N N 253 
PHE CE1 CZ   doub Y N 254 
PHE CE1 HE1  sing N N 255 
PHE CE2 CZ   sing Y N 256 
PHE CE2 HE2  sing N N 257 
PHE CZ  HZ   sing N N 258 
PHE OXT HXT  sing N N 259 
PRO N   CA   sing N N 260 
PRO N   CD   sing N N 261 
PRO N   H    sing N N 262 
PRO CA  C    sing N N 263 
PRO CA  CB   sing N N 264 
PRO CA  HA   sing N N 265 
PRO C   O    doub N N 266 
PRO C   OXT  sing N N 267 
PRO CB  CG   sing N N 268 
PRO CB  HB2  sing N N 269 
PRO CB  HB3  sing N N 270 
PRO CG  CD   sing N N 271 
PRO CG  HG2  sing N N 272 
PRO CG  HG3  sing N N 273 
PRO CD  HD2  sing N N 274 
PRO CD  HD3  sing N N 275 
PRO OXT HXT  sing N N 276 
SER N   CA   sing N N 277 
SER N   H    sing N N 278 
SER N   H2   sing N N 279 
SER CA  C    sing N N 280 
SER CA  CB   sing N N 281 
SER CA  HA   sing N N 282 
SER C   O    doub N N 283 
SER C   OXT  sing N N 284 
SER CB  OG   sing N N 285 
SER CB  HB2  sing N N 286 
SER CB  HB3  sing N N 287 
SER OG  HG   sing N N 288 
SER OXT HXT  sing N N 289 
SO4 S   O1   doub N N 290 
SO4 S   O2   doub N N 291 
SO4 S   O3   sing N N 292 
SO4 S   O4   sing N N 293 
THR N   CA   sing N N 294 
THR N   H    sing N N 295 
THR N   H2   sing N N 296 
THR CA  C    sing N N 297 
THR CA  CB   sing N N 298 
THR CA  HA   sing N N 299 
THR C   O    doub N N 300 
THR C   OXT  sing N N 301 
THR CB  OG1  sing N N 302 
THR CB  CG2  sing N N 303 
THR CB  HB   sing N N 304 
THR OG1 HG1  sing N N 305 
THR CG2 HG21 sing N N 306 
THR CG2 HG22 sing N N 307 
THR CG2 HG23 sing N N 308 
THR OXT HXT  sing N N 309 
TRP N   CA   sing N N 310 
TRP N   H    sing N N 311 
TRP N   H2   sing N N 312 
TRP CA  C    sing N N 313 
TRP CA  CB   sing N N 314 
TRP CA  HA   sing N N 315 
TRP C   O    doub N N 316 
TRP C   OXT  sing N N 317 
TRP CB  CG   sing N N 318 
TRP CB  HB2  sing N N 319 
TRP CB  HB3  sing N N 320 
TRP CG  CD1  doub Y N 321 
TRP CG  CD2  sing Y N 322 
TRP CD1 NE1  sing Y N 323 
TRP CD1 HD1  sing N N 324 
TRP CD2 CE2  doub Y N 325 
TRP CD2 CE3  sing Y N 326 
TRP NE1 CE2  sing Y N 327 
TRP NE1 HE1  sing N N 328 
TRP CE2 CZ2  sing Y N 329 
TRP CE3 CZ3  doub Y N 330 
TRP CE3 HE3  sing N N 331 
TRP CZ2 CH2  doub Y N 332 
TRP CZ2 HZ2  sing N N 333 
TRP CZ3 CH2  sing Y N 334 
TRP CZ3 HZ3  sing N N 335 
TRP CH2 HH2  sing N N 336 
TRP OXT HXT  sing N N 337 
TYR N   CA   sing N N 338 
TYR N   H    sing N N 339 
TYR N   H2   sing N N 340 
TYR CA  C    sing N N 341 
TYR CA  CB   sing N N 342 
TYR CA  HA   sing N N 343 
TYR C   O    doub N N 344 
TYR C   OXT  sing N N 345 
TYR CB  CG   sing N N 346 
TYR CB  HB2  sing N N 347 
TYR CB  HB3  sing N N 348 
TYR CG  CD1  doub Y N 349 
TYR CG  CD2  sing Y N 350 
TYR CD1 CE1  sing Y N 351 
TYR CD1 HD1  sing N N 352 
TYR CD2 CE2  doub Y N 353 
TYR CD2 HD2  sing N N 354 
TYR CE1 CZ   doub Y N 355 
TYR CE1 HE1  sing N N 356 
TYR CE2 CZ   sing Y N 357 
TYR CE2 HE2  sing N N 358 
TYR CZ  OH   sing N N 359 
TYR OH  HH   sing N N 360 
TYR OXT HXT  sing N N 361 
VAL N   CA   sing N N 362 
VAL N   H    sing N N 363 
VAL N   H2   sing N N 364 
VAL CA  C    sing N N 365 
VAL CA  CB   sing N N 366 
VAL CA  HA   sing N N 367 
VAL C   O    doub N N 368 
VAL C   OXT  sing N N 369 
VAL CB  CG1  sing N N 370 
VAL CB  CG2  sing N N 371 
VAL CB  HB   sing N N 372 
VAL CG1 HG11 sing N N 373 
VAL CG1 HG12 sing N N 374 
VAL CG1 HG13 sing N N 375 
VAL CG2 HG21 sing N N 376 
VAL CG2 HG22 sing N N 377 
VAL CG2 HG23 sing N N 378 
VAL OXT HXT  sing N N 379 
# 
_pdbx_audit_support.funding_organization   'Not funded' 
_pdbx_audit_support.country                ? 
_pdbx_audit_support.grant_number           ? 
_pdbx_audit_support.ordinal                1 
# 
_pdbx_initial_refinement_model.id               1 
_pdbx_initial_refinement_model.entity_id_list   ? 
_pdbx_initial_refinement_model.type             'experimental model' 
_pdbx_initial_refinement_model.source_name      PDB 
_pdbx_initial_refinement_model.accession_code   1NLB 
_pdbx_initial_refinement_model.details          ? 
# 
_atom_sites.entry_id                    7UTG 
_atom_sites.Cartn_transf_matrix[1][1]   ? 
_atom_sites.Cartn_transf_matrix[1][2]   ? 
_atom_sites.Cartn_transf_matrix[1][3]   ? 
_atom_sites.Cartn_transf_matrix[2][1]   ? 
_atom_sites.Cartn_transf_matrix[2][2]   ? 
_atom_sites.Cartn_transf_matrix[2][3]   ? 
_atom_sites.Cartn_transf_matrix[3][1]   ? 
_atom_sites.Cartn_transf_matrix[3][2]   ? 
_atom_sites.Cartn_transf_matrix[3][3]   ? 
_atom_sites.Cartn_transf_vector[1]      ? 
_atom_sites.Cartn_transf_vector[2]      ? 
_atom_sites.Cartn_transf_vector[3]      ? 
_atom_sites.fract_transf_matrix[1][1]   -0.02239610 
_atom_sites.fract_transf_matrix[1][2]   -0.01558332 
_atom_sites.fract_transf_matrix[1][3]   -0.00114091 
_atom_sites.fract_transf_matrix[2][1]   -0.01087109 
_atom_sites.fract_transf_matrix[2][2]   0.01570949 
_atom_sites.fract_transf_matrix[2][3]   -0.00117081 
_atom_sites.fract_transf_matrix[3][1]   0.00126377 
_atom_sites.fract_transf_matrix[3][2]   -0.00048285 
_atom_sites.fract_transf_matrix[3][3]   -0.01821282 
_atom_sites.fract_transf_vector[1]      0.313970 
_atom_sites.fract_transf_vector[2]      0.233611 
_atom_sites.fract_transf_vector[3]      0.187292 
_atom_sites.solution_primary            ? 
_atom_sites.solution_secondary          ? 
_atom_sites.solution_hydrogens          ? 
_atom_sites.special_details             ? 
# 
loop_
_atom_type.symbol 
C 
N 
O 
S 
# 
loop_
_atom_site.group_PDB 
_atom_site.id 
_atom_site.type_symbol 
_atom_site.label_atom_id 
_atom_site.label_alt_id 
_atom_site.label_comp_id 
_atom_site.label_asym_id 
_atom_site.label_entity_id 
_atom_site.label_seq_id 
_atom_site.pdbx_PDB_ins_code 
_atom_site.Cartn_x 
_atom_site.Cartn_y 
_atom_site.Cartn_z 
_atom_site.occupancy 
_atom_site.B_iso_or_equiv 
_atom_site.pdbx_formal_charge 
_atom_site.auth_seq_id 
_atom_site.auth_comp_id 
_atom_site.auth_asym_id 
_atom_site.auth_atom_id 
_atom_site.pdbx_PDB_model_num 
ATOM   1    N N   . VAL A 1 2   ? 14.865  -9.710  8.413   1.00 35.37 ? 2   VAL A N   1 
ATOM   2    C CA  . VAL A 1 2   ? 14.188  -8.609  7.665   1.00 30.47 ? 2   VAL A CA  1 
ATOM   3    C C   . VAL A 1 2   ? 12.707  -8.625  8.037   1.00 26.92 ? 2   VAL A C   1 
ATOM   4    O O   . VAL A 1 2   ? 12.086  -9.680  7.959   1.00 28.76 ? 2   VAL A O   1 
ATOM   5    C CB  . VAL A 1 2   ? 14.419  -8.654  6.137   1.00 27.65 ? 2   VAL A CB  1 
ATOM   6    C CG1 . VAL A 1 2   ? 13.669  -7.539  5.421   1.00 31.90 ? 2   VAL A CG1 1 
ATOM   7    C CG2 . VAL A 1 2   ? 15.896  -8.615  5.792   1.00 32.54 ? 2   VAL A CG2 1 
ATOM   8    N N   . GLN A 1 3   ? 12.212  -7.483  8.487   1.00 21.44 ? 3   GLN A N   1 
ATOM   9    C CA  . GLN A 1 3   ? 10.810  -7.367  8.925   1.00 19.33 ? 3   GLN A CA  1 
ATOM   10   C C   . GLN A 1 3   ? 10.183  -6.108  8.329   1.00 16.08 ? 3   GLN A C   1 
ATOM   11   O O   . GLN A 1 3   ? 10.885  -5.113  8.213   1.00 17.48 ? 3   GLN A O   1 
ATOM   12   C CB  . GLN A 1 3   ? 10.735  -7.192  10.447  1.00 23.11 ? 3   GLN A CB  1 
ATOM   13   C CG  . GLN A 1 3   ? 11.035  -8.435  11.267  1.00 34.76 ? 3   GLN A CG  1 
ATOM   14   C CD  . GLN A 1 3   ? 10.401  -8.334  12.634  1.00 43.38 ? 3   GLN A CD  1 
ATOM   15   O OE1 . GLN A 1 3   ? 9.312   -7.783  12.800  1.00 40.89 ? 3   GLN A OE1 1 
ATOM   16   N NE2 . GLN A 1 3   ? 11.091  -8.861  13.631  1.00 40.57 ? 3   GLN A NE2 1 
ATOM   17   N N   . LEU A 1 4   ? 8.910   -6.191  7.986   1.00 16.84 ? 4   LEU A N   1 
ATOM   18   C CA  . LEU A 1 4   ? 8.150   -5.021  7.481   1.00 15.90 ? 4   LEU A CA  1 
ATOM   19   C C   . LEU A 1 4   ? 6.891   -4.926  8.327   1.00 17.39 ? 4   LEU A C   1 
ATOM   20   O O   . LEU A 1 4   ? 6.274   -5.962  8.558   1.00 19.18 ? 4   LEU A O   1 
ATOM   21   C CB  . LEU A 1 4   ? 7.712   -5.248  6.031   1.00 19.11 ? 4   LEU A CB  1 
ATOM   22   C CG  . LEU A 1 4   ? 8.814   -5.325  4.980   1.00 20.02 ? 4   LEU A CG  1 
ATOM   23   C CD1 . LEU A 1 4   ? 8.258   -5.836  3.664   1.00 23.96 ? 4   LEU A CD1 1 
ATOM   24   C CD2 . LEU A 1 4   ? 9.445   -3.967  4.773   1.00 24.58 ? 4   LEU A CD2 1 
ATOM   25   N N   . VAL A 1 5   ? 6.532   -3.720  8.733   1.00 15.63 ? 5   VAL A N   1 
ATOM   26   C CA  . VAL A 1 5   ? 5.287   -3.521  9.517   1.00 15.53 ? 5   VAL A CA  1 
ATOM   27   C C   . VAL A 1 5   ? 4.475   -2.386  8.897   1.00 14.67 ? 5   VAL A C   1 
ATOM   28   O O   . VAL A 1 5   ? 4.997   -1.283  8.783   1.00 15.78 ? 5   VAL A O   1 
ATOM   29   C CB  . VAL A 1 5   ? 5.589   -3.224  10.999  1.00 19.02 ? 5   VAL A CB  1 
ATOM   30   C CG1 . VAL A 1 5   ? 4.338   -2.804  11.752  1.00 22.15 ? 5   VAL A CG1 1 
ATOM   31   C CG2 . VAL A 1 5   ? 6.251   -4.413  11.680  1.00 23.78 ? 5   VAL A CG2 1 
ATOM   32   N N   . GLU A 1 6   ? 3.243   -2.687  8.533   1.00 14.55 ? 6   GLU A N   1 
ATOM   33   C CA  . GLU A 1 6   ? 2.311   -1.656  8.037   1.00 13.71 ? 6   GLU A CA  1 
ATOM   34   C C   . GLU A 1 6   ? 1.666   -0.912  9.198   1.00 16.13 ? 6   GLU A C   1 
ATOM   35   O O   . GLU A 1 6   ? 1.369   -1.537  10.219  1.00 17.58 ? 6   GLU A O   1 
ATOM   36   C CB  . GLU A 1 6   ? 1.157   -2.312  7.278   1.00 15.98 ? 6   GLU A CB  1 
ATOM   37   C CG  . GLU A 1 6   ? 1.582   -3.064  6.031   1.00 17.22 ? 6   GLU A CG  1 
ATOM   38   C CD  . GLU A 1 6   ? 1.860   -4.545  6.222   1.00 15.89 ? 6   GLU A CD  1 
ATOM   39   O OE1 . GLU A 1 6   ? 1.954   -4.988  7.373   1.00 16.76 ? 6   GLU A OE1 1 
ATOM   40   O OE2 . GLU A 1 6   ? 1.992   -5.241  5.210   1.00 15.40 ? 6   GLU A OE2 1 
ATOM   41   N N   . SER A 1 7   ? 1.505   0.382   9.039   1.00 16.11 ? 7   SER A N   1 
ATOM   42   C CA  . SER A 1 7   ? 0.774   1.226   9.970   1.00 18.04 ? 7   SER A CA  1 
ATOM   43   C C   . SER A 1 7   ? -0.384  1.894   9.230   1.00 16.70 ? 7   SER A C   1 
ATOM   44   O O   . SER A 1 7   ? -0.317  2.143   8.025   1.00 16.77 ? 7   SER A O   1 
ATOM   45   C CB  . SER A 1 7   ? 1.718   2.292   10.607  1.00 19.66 ? 7   SER A CB  1 
ATOM   46   O OG  . SER A 1 7   ? 2.751   1.660   11.391  1.00 26.11 ? 7   SER A OG  1 
ATOM   47   N N   . GLY A 1 8   ? -1.463  2.182   9.957   1.00 17.29 ? 8   GLY A N   1 
ATOM   48   C CA  . GLY A 1 8   ? -2.645  2.741   9.349   1.00 18.17 ? 8   GLY A CA  1 
ATOM   49   C C   . GLY A 1 8   ? -3.549  1.668   8.788   1.00 15.77 ? 8   GLY A C   1 
ATOM   50   O O   . GLY A 1 8   ? -3.187  0.498   8.647   1.00 16.67 ? 8   GLY A O   1 
ATOM   51   N N   . GLY A 1 9   ? -4.758  2.075   8.476   1.00 17.59 ? 9   GLY A N   1 
ATOM   52   C CA  . GLY A 1 9   ? -5.784  1.151   8.045   1.00 16.67 ? 9   GLY A CA  1 
ATOM   53   C C   . GLY A 1 9   ? -7.104  1.540   8.660   1.00 15.57 ? 9   GLY A C   1 
ATOM   54   O O   . GLY A 1 9   ? -7.215  2.526   9.390   1.00 18.44 ? 9   GLY A O   1 
ATOM   55   N N   . GLY A 1 10  ? -8.111  0.760   8.346   1.00 15.36 ? 10  GLY A N   1 
ATOM   56   C CA  . GLY A 1 10  ? -9.412  1.003   8.958   1.00 16.47 ? 10  GLY A CA  1 
ATOM   57   C C   . GLY A 1 10  ? -10.494 1.367   7.975   1.00 14.74 ? 10  GLY A C   1 
ATOM   58   O O   . GLY A 1 10  ? -10.366 1.050   6.793   1.00 16.99 ? 10  GLY A O   1 
ATOM   59   N N   . LEU A 1 11  ? -11.502 2.058   8.474   1.00 14.27 ? 11  LEU A N   1 
ATOM   60   C CA  . LEU A 1 11  ? -12.701 2.377   7.671   1.00 12.93 ? 11  LEU A CA  1 
ATOM   61   C C   . LEU A 1 11  ? -12.677 3.817   7.182   1.00 14.11 ? 11  LEU A C   1 
ATOM   62   O O   . LEU A 1 11  ? -12.358 4.703   7.951   1.00 16.36 ? 11  LEU A O   1 
ATOM   63   C CB  . LEU A 1 11  ? -13.921 2.165   8.568   1.00 13.62 ? 11  LEU A CB  1 
ATOM   64   C CG  . LEU A 1 11  ? -15.278 2.491   7.945   1.00 14.70 ? 11  LEU A CG  1 
ATOM   65   C CD1 . LEU A 1 11  ? -15.579 1.573   6.771   1.00 15.51 ? 11  LEU A CD1 1 
ATOM   66   C CD2 . LEU A 1 11  ? -16.385 2.407   8.984   1.00 16.59 ? 11  LEU A CD2 1 
ATOM   67   N N   . VAL A 1 12  ? -13.052 3.977   5.925   1.00 13.98 ? 12  VAL A N   1 
ATOM   68   C CA  . VAL A 1 12  ? -13.196 5.331   5.344   1.00 15.60 ? 12  VAL A CA  1 
ATOM   69   C C   . VAL A 1 12  ? -14.490 5.319   4.528   1.00 14.23 ? 12  VAL A C   1 
ATOM   70   O O   . VAL A 1 12  ? -14.827 4.306   3.932   1.00 14.15 ? 12  VAL A O   1 
ATOM   71   C CB  . VAL A 1 12  ? -11.968 5.687   4.481   1.00 19.88 ? 12  VAL A CB  1 
ATOM   72   C CG1 . VAL A 1 12  ? -11.727 4.685   3.377   1.00 28.60 ? 12  VAL A CG1 1 
ATOM   73   C CG2 . VAL A 1 12  ? -12.012 7.101   3.941   1.00 23.53 ? 12  VAL A CG2 1 
ATOM   74   N N   . GLN A 1 13  ? -15.203 6.425   4.570   1.00 16.64 ? 13  GLN A N   1 
ATOM   75   C CA  . GLN A 1 13  ? -16.386 6.545   3.697   1.00 15.27 ? 13  GLN A CA  1 
ATOM   76   C C   . GLN A 1 13  ? -15.912 6.794   2.266   1.00 14.76 ? 13  GLN A C   1 
ATOM   77   O O   . GLN A 1 13  ? -14.902 7.456   2.083   1.00 15.35 ? 13  GLN A O   1 
ATOM   78   C CB  . GLN A 1 13  ? -17.293 7.684   4.157   1.00 18.57 ? 13  GLN A CB  1 
ATOM   79   C CG  . GLN A 1 13  ? -17.731 7.562   5.607   1.00 32.59 ? 13  GLN A CG  1 
ATOM   80   C CD  . GLN A 1 13  ? -18.560 6.325   5.843   1.00 37.91 ? 13  GLN A CD  1 
ATOM   81   O OE1 . GLN A 1 13  ? -19.566 6.096   5.172   1.00 38.44 ? 13  GLN A OE1 1 
ATOM   82   N NE2 . GLN A 1 13  ? -18.127 5.495   6.779   1.00 31.45 ? 13  GLN A NE2 1 
ATOM   83   N N   . ALA A 1 14  ? -16.654 6.270   1.306   1.00 15.95 ? 14  ALA A N   1 
ATOM   84   C CA  . ALA A 1 14  ? -16.314 6.463   -0.121  1.00 15.77 ? 14  ALA A CA  1 
ATOM   85   C C   . ALA A 1 14  ? -16.061 7.939   -0.430  1.00 14.76 ? 14  ALA A C   1 
ATOM   86   O O   . ALA A 1 14  ? -16.839 8.782   0.000   1.00 15.87 ? 14  ALA A O   1 
ATOM   87   C CB  . ALA A 1 14  ? -17.392 5.907   -1.006  1.00 17.54 ? 14  ALA A CB  1 
ATOM   88   N N   . GLY A 1 15  ? -14.985 8.199   -1.150  1.00 15.34 ? 15  GLY A N   1 
ATOM   89   C CA  . GLY A 1 15  ? -14.604 9.572   -1.523  1.00 14.51 ? 15  GLY A CA  1 
ATOM   90   C C   . GLY A 1 15  ? -13.513 10.086  -0.607  1.00 13.78 ? 15  GLY A C   1 
ATOM   91   O O   . GLY A 1 15  ? -12.840 11.047  -0.974  1.00 15.62 ? 15  GLY A O   1 
ATOM   92   N N   . GLY A 1 16  ? -13.331 9.439   0.535   1.00 15.25 ? 16  GLY A N   1 
ATOM   93   C CA  . GLY A 1 16  ? -12.353 9.874   1.536   1.00 14.80 ? 16  GLY A CA  1 
ATOM   94   C C   . GLY A 1 16  ? -10.917 9.464   1.290   1.00 14.66 ? 16  GLY A C   1 
ATOM   95   O O   . GLY A 1 16  ? -10.627 8.845   0.254   1.00 15.02 ? 16  GLY A O   1 
ATOM   96   N N   . SER A 1 17  ? -10.078 9.786   2.266   1.00 15.52 ? 17  SER A N   1 
ATOM   97   C CA  . SER A 1 17  ? -8.624  9.562   2.155   1.00 15.41 ? 17  SER A CA  1 
ATOM   98   C C   . SER A 1 17  ? -8.087  8.774   3.336   1.00 14.91 ? 17  SER A C   1 
ATOM   99   O O   . SER A 1 17  ? -8.649  8.872   4.421   1.00 16.18 ? 17  SER A O   1 
ATOM   100  C CB  . SER A 1 17  ? -7.890  10.894  2.088   1.00 18.76 ? 17  SER A CB  1 
ATOM   101  O OG  . SER A 1 17  ? -8.233  11.615  0.921   1.00 25.16 ? 17  SER A OG  1 
ATOM   102  N N   . LEU A 1 18  ? -7.030  8.015   3.080   1.00 16.07 ? 18  LEU A N   1 
ATOM   103  C CA  . LEU A 1 18  ? -6.318  7.326   4.146   1.00 15.38 ? 18  LEU A CA  1 
ATOM   104  C C   . LEU A 1 18  ? -4.878  7.156   3.713   1.00 15.43 ? 18  LEU A C   1 
ATOM   105  O O   . LEU A 1 18  ? -4.606  6.855   2.548   1.00 16.89 ? 18  LEU A O   1 
ATOM   106  C CB  . LEU A 1 18  ? -6.944  5.961   4.419   1.00 17.66 ? 18  LEU A CB  1 
ATOM   107  C CG  . LEU A 1 18  ? -6.416  5.203   5.624   1.00 20.33 ? 18  LEU A CG  1 
ATOM   108  C CD1 . LEU A 1 18  ? -6.622  5.908   6.970   1.00 26.02 ? 18  LEU A CD1 1 
ATOM   109  C CD2 . LEU A 1 18  ? -7.048  3.815   5.595   1.00 21.93 ? 18  LEU A CD2 1 
ATOM   110  N N   . ARG A 1 19  ? -3.961  7.321   4.652   1.00 15.27 ? 19  ARG A N   1 
ATOM   111  C CA  . ARG A 1 19  ? -2.538  7.099   4.396   1.00 15.01 ? 19  ARG A CA  1 
ATOM   112  C C   . ARG A 1 19  ? -2.056  5.840   5.109   1.00 16.26 ? 19  ARG A C   1 
ATOM   113  O O   . ARG A 1 19  ? -2.247  5.691   6.331   1.00 17.10 ? 19  ARG A O   1 
ATOM   114  C CB  . ARG A 1 19  ? -1.716  8.286   4.896   1.00 17.31 ? 19  ARG A CB  1 
ATOM   115  C CG  . ARG A 1 19  ? -0.265  8.272   4.498   1.00 15.70 ? 19  ARG A CG  1 
ATOM   116  C CD  . ARG A 1 19  ? 0.516   9.393   5.208   1.00 24.85 ? 19  ARG A CD  1 
ATOM   117  N NE  . ARG A 1 19  ? 1.746   9.769   4.518   1.00 26.55 ? 19  ARG A NE  1 
ATOM   118  C CZ  . ARG A 1 19  ? 2.876   10.077  5.132   1.00 30.10 ? 19  ARG A CZ  1 
ATOM   119  N NH1 . ARG A 1 19  ? 2.969   10.060  6.457   1.00 31.64 ? 19  ARG A NH1 1 
ATOM   120  N NH2 . ARG A 1 19  ? 3.941   10.388  4.400   1.00 29.78 ? 19  ARG A NH2 1 
ATOM   121  N N   . LEU A 1 20  ? -1.442  4.936   4.344   1.00 12.93 ? 20  LEU A N   1 
ATOM   122  C CA  . LEU A 1 20  ? -0.772  3.777   4.912   1.00 13.47 ? 20  LEU A CA  1 
ATOM   123  C C   . LEU A 1 20  ? 0.721   4.060   4.953   1.00 13.09 ? 20  LEU A C   1 
ATOM   124  O O   . LEU A 1 20  ? 1.247   4.764   4.094   1.00 13.65 ? 20  LEU A O   1 
ATOM   125  C CB  . LEU A 1 20  ? -0.970  2.527   4.043   1.00 13.27 ? 20  LEU A CB  1 
ATOM   126  C CG  . LEU A 1 20  ? -2.434  2.172   3.788   1.00 14.74 ? 20  LEU A CG  1 
ATOM   127  C CD1 . LEU A 1 20  ? -2.518  0.916   2.918   1.00 16.05 ? 20  LEU A CD1 1 
ATOM   128  C CD2 . LEU A 1 20  ? -3.251  2.074   5.070   1.00 17.12 ? 20  LEU A CD2 1 
ATOM   129  N N   . SER A 1 21  ? 1.392   3.476   5.943   1.00 13.57 ? 21  SER A N   1 
ATOM   130  C CA  . SER A 1 21  ? 2.849   3.549   6.044   1.00 14.07 ? 21  SER A CA  1 
ATOM   131  C C   . SER A 1 21  ? 3.369   2.137   6.239   1.00 15.49 ? 21  SER A C   1 
ATOM   132  O O   . SER A 1 21  ? 2.651   1.245   6.710   1.00 14.95 ? 21  SER A O   1 
ATOM   133  C CB  . SER A 1 21  ? 3.299   4.410   7.254   1.00 17.74 ? 21  SER A CB  1 
ATOM   134  O OG  . SER A 1 21  ? 2.663   5.688   7.263   1.00 24.12 ? 21  SER A OG  1 
ATOM   135  N N   . CYS A 1 22  ? 4.628   1.980   5.877   1.00 14.00 ? 22  CYS A N   1 
ATOM   136  C CA  . CYS A 1 22  ? 5.292   0.693   6.107   1.00 14.06 ? 22  CYS A CA  1 
ATOM   137  C C   . CYS A 1 22  ? 6.770   0.951   6.386   1.00 13.62 ? 22  CYS A C   1 
ATOM   138  O O   . CYS A 1 22  ? 7.429   1.583   5.579   1.00 17.11 ? 22  CYS A O   1 
ATOM   139  C CB  . CYS A 1 22  ? 5.156   -0.203  4.898   1.00 15.63 ? 22  CYS A CB  1 
ATOM   140  S SG  . CYS A 1 22  ? 6.175   -1.697  5.025   1.00 17.23 ? 22  CYS A SG  1 
ATOM   141  N N   . ALA A 1 23  ? 7.236   0.408   7.490   1.00 13.11 ? 23  ALA A N   1 
ATOM   142  C CA  . ALA A 1 23  ? 8.646   0.567   7.880   1.00 12.19 ? 23  ALA A CA  1 
ATOM   143  C C   . ALA A 1 23  ? 9.356   -0.782  7.820   1.00 13.11 ? 23  ALA A C   1 
ATOM   144  O O   . ALA A 1 23  ? 8.760   -1.804  8.180   1.00 13.73 ? 23  ALA A O   1 
ATOM   145  C CB  . ALA A 1 23  ? 8.696   1.145   9.270   1.00 15.47 ? 23  ALA A CB  1 
ATOM   146  N N   . ALA A 1 24  ? 10.608  -0.726  7.417   1.00 14.21 ? 24  ALA A N   1 
ATOM   147  C CA  . ALA A 1 24  ? 11.417  -1.939  7.286   1.00 15.50 ? 24  ALA A CA  1 
ATOM   148  C C   . ALA A 1 24  ? 12.570  -1.926  8.269   1.00 15.80 ? 24  ALA A C   1 
ATOM   149  O O   . ALA A 1 24  ? 13.105  -0.860  8.537   1.00 15.58 ? 24  ALA A O   1 
ATOM   150  C CB  . ALA A 1 24  ? 11.966  -2.010  5.884   1.00 21.20 ? 24  ALA A CB  1 
ATOM   151  N N   . SER A 1 25  ? 12.941  -3.107  8.709   1.00 16.33 ? 25  SER A N   1 
ATOM   152  C CA  . SER A 1 25  ? 14.137  -3.238  9.573   1.00 18.64 ? 25  SER A CA  1 
ATOM   153  C C   . SER A 1 25  ? 14.969  -4.451  9.153   1.00 21.59 ? 25  SER A C   1 
ATOM   154  O O   . SER A 1 25  ? 14.420  -5.351  8.508   1.00 21.42 ? 25  SER A O   1 
ATOM   155  C CB  . SER A 1 25  ? 13.725  -3.397  10.996  1.00 21.61 ? 25  SER A CB  1 
ATOM   156  O OG  . SER A 1 25  ? 13.102  -4.644  11.250  1.00 23.12 ? 25  SER A OG  1 
ATOM   157  N N   . GLY A 1 26  ? 16.238  -4.474  9.550   1.00 22.30 ? 26  GLY A N   1 
ATOM   158  C CA  . GLY A 1 26  ? 17.043  -5.710  9.417   1.00 22.58 ? 26  GLY A CA  1 
ATOM   159  C C   . GLY A 1 26  ? 18.002  -5.773  8.251   1.00 32.95 ? 26  GLY A C   1 
ATOM   160  O O   . GLY A 1 26  ? 18.733  -6.769  8.174   1.00 33.67 ? 26  GLY A O   1 
ATOM   161  N N   . SER A 1 27  ? 17.977  -4.781  7.374   1.00 27.99 ? 27  SER A N   1 
ATOM   162  C CA  . SER A 1 27  ? 18.934  -4.724  6.248   1.00 33.50 ? 27  SER A CA  1 
ATOM   163  C C   . SER A 1 27  ? 18.985  -3.298  5.695   1.00 33.33 ? 27  SER A C   1 
ATOM   164  O O   . SER A 1 27  ? 18.534  -2.358  6.395   1.00 37.34 ? 27  SER A O   1 
ATOM   165  C CB  . SER A 1 27  ? 18.561  -5.728  5.174   1.00 30.00 ? 27  SER A CB  1 
ATOM   166  O OG  . SER A 1 27  ? 19.584  -5.854  4.203   1.00 30.00 ? 27  SER A OG  1 
ATOM   167  N N   . ILE A 1 28  ? 19.581  -3.148  4.520   1.00 31.83 ? 28  ILE A N   1 
ATOM   168  C CA  . ILE A 1 28  ? 19.608  -1.828  3.838   1.00 35.94 ? 28  ILE A CA  1 
ATOM   169  C C   . ILE A 1 28  ? 18.525  -1.900  2.765   1.00 31.19 ? 28  ILE A C   1 
ATOM   170  O O   . ILE A 1 28  ? 18.472  -2.914  2.050   1.00 28.97 ? 28  ILE A O   1 
ATOM   171  C CB  . ILE A 1 28  ? 21.025  -1.533  3.301   1.00 30.00 ? 28  ILE A CB  1 
ATOM   172  C CG1 . ILE A 1 28  ? 21.968  -1.119  4.434   1.00 30.00 ? 28  ILE A CG1 1 
ATOM   173  C CG2 . ILE A 1 28  ? 21.010  -0.491  2.196   1.00 30.00 ? 28  ILE A CG2 1 
ATOM   174  C CD1 . ILE A 1 28  ? 23.077  -2.100  4.697   1.00 30.00 ? 28  ILE A CD1 1 
ATOM   175  N N   . PHE A 1 29  ? 17.706  -0.851  2.669   1.00 34.17 ? 29  PHE A N   1 
ATOM   176  C CA  . PHE A 1 29  ? 16.532  -0.876  1.768   1.00 30.60 ? 29  PHE A CA  1 
ATOM   177  C C   . PHE A 1 29  ? 16.609  0.262   0.765   1.00 28.16 ? 29  PHE A C   1 
ATOM   178  O O   . PHE A 1 29  ? 15.843  0.246   -0.194  1.00 25.25 ? 29  PHE A O   1 
ATOM   179  C CB  . PHE A 1 29  ? 15.273  -0.737  2.634   1.00 30.00 ? 29  PHE A CB  1 
ATOM   180  C CG  . PHE A 1 29  ? 15.127  -1.868  3.615   1.00 30.00 ? 29  PHE A CG  1 
ATOM   181  C CD1 . PHE A 1 29  ? 14.632  -3.094  3.204   1.00 30.00 ? 29  PHE A CD1 1 
ATOM   182  C CD2 . PHE A 1 29  ? 15.531  -1.724  4.933   1.00 30.00 ? 29  PHE A CD2 1 
ATOM   183  C CE1 . PHE A 1 29  ? 14.522  -4.147  4.095   1.00 30.00 ? 29  PHE A CE1 1 
ATOM   184  C CE2 . PHE A 1 29  ? 15.420  -2.778  5.825   1.00 30.00 ? 29  PHE A CE2 1 
ATOM   185  C CZ  . PHE A 1 29  ? 14.918  -3.986  5.403   1.00 30.00 ? 29  PHE A CZ  1 
ATOM   186  N N   . VAL A 1 30  ? 17.545  1.171   0.969   1.00 28.12 ? 30  VAL A N   1 
ATOM   187  C CA  . VAL A 1 30  ? 17.657  2.384   0.113   1.00 24.20 ? 30  VAL A CA  1 
ATOM   188  C C   . VAL A 1 30  ? 18.069  2.025   -1.312  1.00 24.15 ? 30  VAL A C   1 
ATOM   189  O O   . VAL A 1 30  ? 17.955  2.911   -2.156  1.00 30.19 ? 30  VAL A O   1 
ATOM   190  C CB  . VAL A 1 30  ? 18.644  3.391   0.743   1.00 31.35 ? 30  VAL A CB  1 
ATOM   191  C CG1 . VAL A 1 30  ? 18.234  3.765   2.156   1.00 29.68 ? 30  VAL A CG1 1 
ATOM   192  C CG2 . VAL A 1 30  ? 20.080  2.895   0.729   1.00 31.43 ? 30  VAL A CG2 1 
ATOM   193  N N   . ASN A 1 31  ? 18.545  0.801   -1.557  1.00 21.94 ? 31  ASN A N   1 
ATOM   194  C CA  . ASN A 1 31  ? 19.064  0.478   -2.908  1.00 23.80 ? 31  ASN A CA  1 
ATOM   195  C C   . ASN A 1 31  ? 18.074  -0.387  -3.677  1.00 21.31 ? 31  ASN A C   1 
ATOM   196  O O   . ASN A 1 31  ? 18.390  -0.781  -4.806  1.00 22.14 ? 31  ASN A O   1 
ATOM   197  C CB  . ASN A 1 31  ? 20.426  -0.203  -2.823  1.00 30.00 ? 31  ASN A CB  1 
ATOM   198  C CG  . ASN A 1 31  ? 21.452  0.648   -2.109  1.00 30.00 ? 31  ASN A CG  1 
ATOM   199  O OD1 . ASN A 1 31  ? 22.106  0.180   -1.187  1.00 30.00 ? 31  ASN A OD1 1 
ATOM   200  N ND2 . ASN A 1 31  ? 21.577  1.899   -2.515  1.00 30.00 ? 31  ASN A ND2 1 
ATOM   201  N N   . ASN A 1 32  ? 16.890  -0.602  -3.111  1.00 19.71 ? 32  ASN A N   1 
ATOM   202  C CA  . ASN A 1 32  ? 15.918  -1.489  -3.783  1.00 19.75 ? 32  ASN A CA  1 
ATOM   203  C C   . ASN A 1 32  ? 14.498  -0.913  -3.761  1.00 18.82 ? 32  ASN A C   1 
ATOM   204  O O   . ASN A 1 32  ? 14.198  -0.069  -2.927  1.00 19.14 ? 32  ASN A O   1 
ATOM   205  C CB  . ASN A 1 32  ? 15.958  -2.891  -3.188  1.00 19.70 ? 32  ASN A CB  1 
ATOM   206  C CG  . ASN A 1 32  ? 17.287  -3.583  -3.355  1.00 20.96 ? 32  ASN A CG  1 
ATOM   207  O OD1 . ASN A 1 32  ? 18.210  -3.342  -2.587  1.00 27.26 ? 32  ASN A OD1 1 
ATOM   208  N ND2 . ASN A 1 32  ? 17.378  -4.456  -4.342  1.00 23.28 ? 32  ASN A ND2 1 
ATOM   209  N N   . ALA A 1 33  ? 13.687  -1.386  -4.690  1.00 17.13 ? 33  ALA A N   1 
ATOM   210  C CA  . ALA A 1 33  ? 12.285  -0.978  -4.768  1.00 16.63 ? 33  ALA A CA  1 
ATOM   211  C C   . ALA A 1 33  ? 11.491  -1.430  -3.543  1.00 13.31 ? 33  ALA A C   1 
ATOM   212  O O   . ALA A 1 33  ? 11.796  -2.435  -2.898  1.00 14.64 ? 33  ALA A O   1 
ATOM   213  C CB  . ALA A 1 33  ? 11.660  -1.548  -6.055  1.00 17.30 ? 33  ALA A CB  1 
ATOM   214  N N   . MET A 1 34  ? 10.432  -0.672  -3.293  1.00 13.90 ? 34  MET A N   1 
ATOM   215  C CA  . MET A 1 34  ? 9.441   -1.045  -2.266  1.00 13.83 ? 34  MET A CA  1 
ATOM   216  C C   . MET A 1 34  ? 8.054   -0.834  -2.907  1.00 12.70 ? 34  MET A C   1 
ATOM   217  O O   . MET A 1 34  ? 7.941   -0.179  -3.936  1.00 13.53 ? 34  MET A O   1 
ATOM   218  C CB  . MET A 1 34  ? 9.568   -0.205  -0.985  1.00 14.30 ? 34  MET A CB  1 
ATOM   219  C CG  . MET A 1 34  ? 10.881  -0.356  -0.217  1.00 14.89 ? 34  MET A CG  1 
ATOM   220  S SD  . MET A 1 34  ? 11.035  0.660   1.306   1.00 16.52 ? 34  MET A SD  1 
ATOM   221  C CE  . MET A 1 34  ? 10.089  -0.337  2.457   1.00 18.93 ? 34  MET A CE  1 
ATOM   222  N N   . GLY A 1 35  ? 7.031   -1.412  -2.291  1.00 13.12 ? 35  GLY A N   1 
ATOM   223  C CA  . GLY A 1 35  ? 5.698   -1.228  -2.859  1.00 13.76 ? 35  GLY A CA  1 
ATOM   224  C C   . GLY A 1 35  ? 4.569   -1.774  -2.025  1.00 11.96 ? 35  GLY A C   1 
ATOM   225  O O   . GLY A 1 35  ? 4.786   -2.155  -0.888  1.00 12.44 ? 35  GLY A O   1 
ATOM   226  N N   . TRP A 1 36  ? 3.396   -1.779  -2.640  1.00 11.87 ? 36  TRP A N   1 
ATOM   227  C CA  . TRP A 1 36  ? 2.162   -2.207  -1.961  1.00 12.57 ? 36  TRP A CA  1 
ATOM   228  C C   . TRP A 1 36  ? 1.368   -3.147  -2.850  1.00 12.10 ? 36  TRP A C   1 
ATOM   229  O O   . TRP A 1 36  ? 1.156   -2.817  -4.004  1.00 12.53 ? 36  TRP A O   1 
ATOM   230  C CB  . TRP A 1 36  ? 1.304   -0.977  -1.655  1.00 11.78 ? 36  TRP A CB  1 
ATOM   231  C CG  . TRP A 1 36  ? 1.881   -0.086  -0.601  1.00 11.94 ? 36  TRP A CG  1 
ATOM   232  C CD1 . TRP A 1 36  ? 2.710   0.984   -0.773  1.00 14.34 ? 36  TRP A CD1 1 
ATOM   233  C CD2 . TRP A 1 36  ? 1.673   -0.206  0.814   1.00 13.30 ? 36  TRP A CD2 1 
ATOM   234  N NE1 . TRP A 1 36  ? 3.024   1.541   0.435   1.00 14.71 ? 36  TRP A NE1 1 
ATOM   235  C CE2 . TRP A 1 36  ? 2.407   0.829   1.428   1.00 13.11 ? 36  TRP A CE2 1 
ATOM   236  C CE3 . TRP A 1 36  ? 0.934   -1.083  1.611   1.00 13.45 ? 36  TRP A CE3 1 
ATOM   237  C CZ2 . TRP A 1 36  ? 2.418   1.002   2.809   1.00 14.34 ? 36  TRP A CZ2 1 
ATOM   238  C CZ3 . TRP A 1 36  ? 0.947   -0.912  2.976   1.00 15.18 ? 36  TRP A CZ3 1 
ATOM   239  C CH2 . TRP A 1 36  ? 1.685   0.115   3.562   1.00 14.65 ? 36  TRP A CH2 1 
ATOM   240  N N   . TYR A 1 37  ? 0.924   -4.237  -2.255  1.00 11.74 ? 37  TYR A N   1 
ATOM   241  C CA  . TYR A 1 37  ? 0.004   -5.172  -2.932  1.00 11.63 ? 37  TYR A CA  1 
ATOM   242  C C   . TYR A 1 37  ? -1.323  -5.134  -2.175  1.00 11.61 ? 37  TYR A C   1 
ATOM   243  O O   . TYR A 1 37  ? -1.356  -4.633  -1.063  1.00 12.78 ? 37  TYR A O   1 
ATOM   244  C CB  . TYR A 1 37  ? 0.534   -6.607  -2.851  1.00 12.19 ? 37  TYR A CB  1 
ATOM   245  C CG  . TYR A 1 37  ? 1.798   -6.911  -3.612  1.00 12.45 ? 37  TYR A CG  1 
ATOM   246  C CD1 . TYR A 1 37  ? 3.045   -6.690  -3.053  1.00 13.55 ? 37  TYR A CD1 1 
ATOM   247  C CD2 . TYR A 1 37  ? 1.745   -7.478  -4.872  1.00 12.47 ? 37  TYR A CD2 1 
ATOM   248  C CE1 . TYR A 1 37  ? 4.206   -7.004  -3.739  1.00 13.11 ? 37  TYR A CE1 1 
ATOM   249  C CE2 . TYR A 1 37  ? 2.896   -7.799  -5.571  1.00 12.85 ? 37  TYR A CE2 1 
ATOM   250  C CZ  . TYR A 1 37  ? 4.131   -7.563  -5.002  1.00 12.72 ? 37  TYR A CZ  1 
ATOM   251  O OH  . TYR A 1 37  ? 5.270   -7.874  -5.684  1.00 15.03 ? 37  TYR A OH  1 
ATOM   252  N N   . ARG A 1 38  ? -2.388  -5.644  -2.775  1.00 12.42 ? 38  ARG A N   1 
ATOM   253  C CA  . ARG A 1 38  ? -3.618  -5.794  -2.000  1.00 11.73 ? 38  ARG A CA  1 
ATOM   254  C C   . ARG A 1 38  ? -4.309  -7.053  -2.444  1.00 12.98 ? 38  ARG A C   1 
ATOM   255  O O   . ARG A 1 38  ? -4.114  -7.532  -3.564  1.00 14.18 ? 38  ARG A O   1 
ATOM   256  C CB  . ARG A 1 38  ? -4.550  -4.596  -2.164  1.00 12.40 ? 38  ARG A CB  1 
ATOM   257  C CG  . ARG A 1 38  ? -5.226  -4.511  -3.545  1.00 12.94 ? 38  ARG A CG  1 
ATOM   258  C CD  . ARG A 1 38  ? -6.070  -3.242  -3.666  1.00 15.15 ? 38  ARG A CD  1 
ATOM   259  N NE  . ARG A 1 38  ? -6.563  -3.056  -5.021  1.00 17.84 ? 38  ARG A NE  1 
ATOM   260  C CZ  . ARG A 1 38  ? -7.269  -1.986  -5.393  1.00 16.93 ? 38  ARG A CZ  1 
ATOM   261  N NH1 . ARG A 1 38  ? -7.516  -0.992  -4.545  1.00 14.38 ? 38  ARG A NH1 1 
ATOM   262  N NH2 . ARG A 1 38  ? -7.744  -1.918  -6.636  1.00 25.48 ? 38  ARG A NH2 1 
ATOM   263  N N   . GLN A 1 39  ? -5.152  -7.557  -1.567  1.00 12.88 ? 39  GLN A N   1 
ATOM   264  C CA  . GLN A 1 39  ? -5.983  -8.702  -1.915  1.00 13.16 ? 39  GLN A CA  1 
ATOM   265  C C   . GLN A 1 39  ? -7.407  -8.354  -1.555  1.00 15.75 ? 39  GLN A C   1 
ATOM   266  O O   . GLN A 1 39  ? -7.753  -8.297  -0.371  1.00 16.92 ? 39  GLN A O   1 
ATOM   267  C CB  . GLN A 1 39  ? -5.548  -9.934  -1.165  1.00 18.39 ? 39  GLN A CB  1 
ATOM   268  C CG  . GLN A 1 39  ? -6.297  -11.212 -1.657  1.00 20.78 ? 39  GLN A CG  1 
ATOM   269  C CD  . GLN A 1 39  ? -5.491  -12.473 -1.394  1.00 23.28 ? 39  GLN A CD  1 
ATOM   270  O OE1 . GLN A 1 39  ? -4.927  -12.635 -0.310  1.00 26.78 ? 39  GLN A OE1 1 
ATOM   271  N NE2 . GLN A 1 39  ? -5.425  -13.347 -2.377  1.00 32.18 ? 39  GLN A NE2 1 
ATOM   272  N N   . ALA A 1 40  ? -8.153  -7.978  -2.586  1.00 16.43 ? 40  ALA A N   1 
ATOM   273  C CA  . ALA A 1 40  ? -9.560  -7.626  -2.446  1.00 18.55 ? 40  ALA A CA  1 
ATOM   274  C C   . ALA A 1 40  ? -10.323 -8.919  -2.235  1.00 18.77 ? 40  ALA A C   1 
ATOM   275  O O   . ALA A 1 40  ? -9.870  -9.994  -2.656  1.00 20.33 ? 40  ALA A O   1 
ATOM   276  C CB  . ALA A 1 40  ? -10.067 -6.924  -3.711  1.00 19.14 ? 40  ALA A CB  1 
ATOM   277  N N   . PRO A 1 41  ? -11.508 -8.864  -1.586  1.00 20.82 ? 41  PRO A N   1 
ATOM   278  C CA  . PRO A 1 41  ? -12.262 -10.111 -1.335  1.00 23.62 ? 41  PRO A CA  1 
ATOM   279  C C   . PRO A 1 41  ? -12.529 -10.912 -2.591  1.00 23.16 ? 41  PRO A C   1 
ATOM   280  O O   . PRO A 1 41  ? -13.108 -10.391 -3.552  1.00 23.80 ? 41  PRO A O   1 
ATOM   281  C CB  . PRO A 1 41  ? -13.601 -9.619  -0.773  1.00 26.07 ? 41  PRO A CB  1 
ATOM   282  C CG  . PRO A 1 41  ? -13.300 -8.282  -0.179  1.00 23.76 ? 41  PRO A CG  1 
ATOM   283  C CD  . PRO A 1 41  ? -12.076 -7.705  -0.876  1.00 21.14 ? 41  PRO A CD  1 
ATOM   284  N N   . GLY A 1 42  ? -12.094 -12.171 -2.589  1.00 23.83 ? 42  GLY A N   1 
ATOM   285  C CA  . GLY A 1 42  ? -12.278 -13.064 -3.705  1.00 25.62 ? 42  GLY A CA  1 
ATOM   286  C C   . GLY A 1 42  ? -11.369 -12.849 -4.894  1.00 25.06 ? 42  GLY A C   1 
ATOM   287  O O   . GLY A 1 42  ? -11.448 -13.635 -5.845  1.00 29.90 ? 42  GLY A O   1 
ATOM   288  N N   . LYS A 1 43  ? -10.503 -11.823 -4.884  1.00 20.44 ? 43  LYS A N   1 
ATOM   289  C CA  . LYS A 1 43  ? -9.673  -11.501 -6.043  1.00 24.15 ? 43  LYS A CA  1 
ATOM   290  C C   . LYS A 1 43  ? -8.234  -12.009 -5.856  1.00 24.62 ? 43  LYS A C   1 
ATOM   291  O O   . LYS A 1 43  ? -7.792  -12.284 -4.739  1.00 28.42 ? 43  LYS A O   1 
ATOM   292  C CB  . LYS A 1 43  ? -9.682  -9.988  -6.300  1.00 25.38 ? 43  LYS A CB  1 
ATOM   293  C CG  . LYS A 1 43  ? -11.066 -9.407  -6.582  1.00 26.18 ? 43  LYS A CG  1 
ATOM   294  C CD  . LYS A 1 43  ? -11.526 -9.888  -7.962  1.00 36.03 ? 43  LYS A CD  1 
ATOM   295  C CE  . LYS A 1 43  ? -12.955 -9.514  -8.224  1.00 32.84 ? 43  LYS A CE  1 
ATOM   296  N NZ  . LYS A 1 43  ? -13.819 -10.111 -7.162  1.00 40.00 ? 43  LYS A NZ  1 
ATOM   297  N N   . GLU A 1 44  ? -7.511  -12.179 -6.961  1.00 22.18 ? 44  GLU A N   1 
ATOM   298  C CA  . GLU A 1 44  ? -6.076  -12.440 -6.842  1.00 21.47 ? 44  GLU A CA  1 
ATOM   299  C C   . GLU A 1 44  ? -5.368  -11.214 -6.265  1.00 19.58 ? 44  GLU A C   1 
ATOM   300  O O   . GLU A 1 44  ? -5.770  -10.078 -6.510  1.00 19.67 ? 44  GLU A O   1 
ATOM   301  C CB  . GLU A 1 44  ? -5.442  -12.720 -8.209  1.00 29.96 ? 44  GLU A CB  1 
ATOM   302  C CG  . GLU A 1 44  ? -5.737  -14.097 -8.836  1.00 25.74 ? 44  GLU A CG  1 
ATOM   303  C CD  . GLU A 1 44  ? -4.926  -14.321 -10.121 1.00 30.85 ? 44  GLU A CD  1 
ATOM   304  O OE1 . GLU A 1 44  ? -4.070  -13.475 -10.469 1.00 32.99 ? 44  GLU A OE1 1 
ATOM   305  O OE2 . GLU A 1 44  ? -5.137  -15.362 -10.777 1.00 41.62 ? 44  GLU A OE2 1 
ATOM   306  N N   . ARG A 1 45  ? -4.308  -11.439 -5.508  1.00 16.95 ? 45  ARG A N   1 
ATOM   307  C CA  . ARG A 1 45  ? -3.474  -10.324 -5.046  1.00 16.91 ? 45  ARG A CA  1 
ATOM   308  C C   . ARG A 1 45  ? -2.880  -9.583  -6.222  1.00 16.01 ? 45  ARG A C   1 
ATOM   309  O O   . ARG A 1 45  ? -2.438  -10.192 -7.208  1.00 18.18 ? 45  ARG A O   1 
ATOM   310  C CB  . ARG A 1 45  ? -2.336  -10.804 -4.137  1.00 17.03 ? 45  ARG A CB  1 
ATOM   311  C CG  . ARG A 1 45  ? -2.824  -11.369 -2.861  1.00 21.56 ? 45  ARG A CG  1 
ATOM   312  C CD  . ARG A 1 45  ? -1.718  -11.666 -1.895  1.00 20.13 ? 45  ARG A CD  1 
ATOM   313  N NE  . ARG A 1 45  ? -2.275  -12.327 -0.737  1.00 24.09 ? 45  ARG A NE  1 
ATOM   314  C CZ  . ARG A 1 45  ? -1.563  -12.810 0.263   1.00 21.39 ? 45  ARG A CZ  1 
ATOM   315  N NH1 . ARG A 1 45  ? -0.247  -12.762 0.253   1.00 26.70 ? 45  ARG A NH1 1 
ATOM   316  N NH2 . ARG A 1 45  ? -2.194  -13.381 1.283   1.00 32.16 ? 45  ARG A NH2 1 
ATOM   317  N N   . GLU A 1 46  ? -2.868  -8.259  -6.105  1.00 14.95 ? 46  GLU A N   1 
ATOM   318  C CA  . GLU A 1 46  ? -2.463  -7.370  -7.179  1.00 15.13 ? 46  GLU A CA  1 
ATOM   319  C C   . GLU A 1 46  ? -1.437  -6.372  -6.672  1.00 14.55 ? 46  GLU A C   1 
ATOM   320  O O   . GLU A 1 46  ? -1.554  -5.877  -5.545  1.00 14.08 ? 46  GLU A O   1 
ATOM   321  C CB  . GLU A 1 46  ? -3.749  -6.634  -7.656  1.00 22.51 ? 46  GLU A CB  1 
ATOM   322  C CG  . GLU A 1 46  ? -3.602  -5.520  -8.638  1.00 26.48 ? 46  GLU A CG  1 
ATOM   323  C CD  . GLU A 1 46  ? -4.943  -4.835  -8.932  1.00 26.48 ? 46  GLU A CD  1 
ATOM   324  O OE1 . GLU A 1 46  ? -5.768  -4.668  -7.998  1.00 29.77 ? 46  GLU A OE1 1 
ATOM   325  O OE2 . GLU A 1 46  ? -5.114  -4.448  -10.107 1.00 34.20 ? 46  GLU A OE2 1 
ATOM   326  N N   . LEU A 1 47  ? -0.460  -6.032  -7.529  1.00 13.75 ? 47  LEU A N   1 
ATOM   327  C CA  . LEU A 1 47  ? 0.454   -4.936  -7.223  1.00 14.06 ? 47  LEU A CA  1 
ATOM   328  C C   . LEU A 1 47  ? -0.268  -3.602  -7.407  1.00 13.87 ? 47  LEU A C   1 
ATOM   329  O O   . LEU A 1 47  ? -0.724  -3.278  -8.517  1.00 16.20 ? 47  LEU A O   1 
ATOM   330  C CB  . LEU A 1 47  ? 1.693   -5.002  -8.103  1.00 15.14 ? 47  LEU A CB  1 
ATOM   331  C CG  . LEU A 1 47  ? 2.735   -3.917  -7.831  1.00 12.77 ? 47  LEU A CG  1 
ATOM   332  C CD1 . LEU A 1 47  ? 3.274   -4.014  -6.435  1.00 13.87 ? 47  LEU A CD1 1 
ATOM   333  C CD2 . LEU A 1 47  ? 3.868   -3.998  -8.870  1.00 17.79 ? 47  LEU A CD2 1 
ATOM   334  N N   . VAL A 1 48  ? -0.411  -2.854  -6.322  1.00 13.32 ? 48  VAL A N   1 
ATOM   335  C CA  . VAL A 1 48  ? -1.128  -1.578  -6.358  1.00 14.04 ? 48  VAL A CA  1 
ATOM   336  C C   . VAL A 1 48  ? -0.204  -0.440  -6.788  1.00 13.30 ? 48  VAL A C   1 
ATOM   337  O O   . VAL A 1 48  ? -0.561  0.442   -7.584  1.00 14.40 ? 48  VAL A O   1 
ATOM   338  C CB  . VAL A 1 48  ? -1.705  -1.287  -4.947  1.00 14.07 ? 48  VAL A CB  1 
ATOM   339  C CG1 . VAL A 1 48  ? -2.326  0.140   -4.854  1.00 16.03 ? 48  VAL A CG1 1 
ATOM   340  C CG2 . VAL A 1 48  ? -2.712  -2.322  -4.516  1.00 16.67 ? 48  VAL A CG2 1 
ATOM   341  N N   . ALA A 1 49  ? 0.967   -0.406  -6.175  1.00 13.89 ? 49  ALA A N   1 
ATOM   342  C CA  . ALA A 1 49  ? 1.927   0.673   -6.460  1.00 12.99 ? 49  ALA A CA  1 
ATOM   343  C C   . ALA A 1 49  ? 3.344   0.218   -6.116  1.00 13.67 ? 49  ALA A C   1 
ATOM   344  O O   . ALA A 1 49  ? 3.516   -0.578  -5.210  1.00 13.49 ? 49  ALA A O   1 
ATOM   345  C CB  . ALA A 1 49  ? 1.561   1.912   -5.699  1.00 14.70 ? 49  ALA A CB  1 
ATOM   346  N N   . ALA A 1 50  ? 4.307   0.748   -6.848  1.00 13.91 ? 50  ALA A N   1 
ATOM   347  C CA  . ALA A 1 50  ? 5.716   0.432   -6.553  1.00 14.56 ? 50  ALA A CA  1 
ATOM   348  C C   . ALA A 1 50  ? 6.566   1.679   -6.753  1.00 14.43 ? 50  ALA A C   1 
ATOM   349  O O   . ALA A 1 50  ? 6.180   2.535   -7.528  1.00 14.25 ? 50  ALA A O   1 
ATOM   350  C CB  . ALA A 1 50  ? 6.198   -0.724  -7.392  1.00 15.00 ? 50  ALA A CB  1 
ATOM   351  N N   . ILE A 1 51  ? 7.706   1.704   -6.085  1.00 13.46 ? 51  ILE A N   1 
ATOM   352  C CA  . ILE A 1 51  ? 8.605   2.869   -6.147  1.00 14.06 ? 51  ILE A CA  1 
ATOM   353  C C   . ILE A 1 51  ? 10.052  2.403   -6.179  1.00 14.85 ? 51  ILE A C   1 
ATOM   354  O O   . ILE A 1 51  ? 10.460  1.517   -5.425  1.00 15.63 ? 51  ILE A O   1 
ATOM   355  C CB  . ILE A 1 51  ? 8.322   3.881   -5.018  1.00 13.23 ? 51  ILE A CB  1 
ATOM   356  C CG1 . ILE A 1 51  ? 9.124   5.174   -5.219  1.00 13.93 ? 51  ILE A CG1 1 
ATOM   357  C CG2 . ILE A 1 51  ? 8.518   3.268   -3.637  1.00 14.77 ? 51  ILE A CG2 1 
ATOM   358  C CD1 . ILE A 1 51  ? 8.562   6.287   -4.364  1.00 17.13 ? 51  ILE A CD1 1 
ATOM   359  N N   . SER A 1 52  ? 10.830  3.024   -7.061  1.00 16.28 ? 52  SER A N   1 
ATOM   360  C CA  . SER A 1 52  ? 12.228  2.658   -7.201  1.00 17.77 ? 52  SER A CA  1 
ATOM   361  C C   . SER A 1 52  ? 13.023  3.100   -5.980  1.00 18.37 ? 52  SER A C   1 
ATOM   362  O O   . SER A 1 52  ? 12.576  3.890   -5.161  1.00 16.60 ? 52  SER A O   1 
ATOM   363  C CB  . SER A 1 52  ? 12.797  3.307   -8.454  1.00 20.63 ? 52  SER A CB  1 
ATOM   364  O OG  . SER A 1 52  ? 12.872  4.719   -8.298  1.00 19.12 ? 52  SER A OG  1 
ATOM   365  N N   . ALA A 1 53  ? 14.252  2.608   -5.884  1.00 20.08 ? 53  ALA A N   1 
ATOM   366  C CA  . ALA A 1 53  ? 15.119  2.913   -4.720  1.00 19.99 ? 53  ALA A CA  1 
ATOM   367  C C   . ALA A 1 53  ? 15.260  4.419   -4.478  1.00 21.16 ? 53  ALA A C   1 
ATOM   368  O O   . ALA A 1 53  ? 15.247  4.825   -3.322  1.00 22.90 ? 53  ALA A O   1 
ATOM   369  C CB  . ALA A 1 53  ? 16.465  2.266   -4.958  1.00 22.46 ? 53  ALA A CB  1 
ATOM   370  N N   . SER A 1 54  ? 15.402  5.196   -5.544  1.00 21.79 ? 54  SER A N   1 
ATOM   371  C CA  . SER A 1 54  ? 15.632  6.627   -5.420  1.00 22.19 ? 54  SER A CA  1 
ATOM   372  C C   . SER A 1 54  ? 14.351  7.418   -5.275  1.00 27.37 ? 54  SER A C   1 
ATOM   373  O O   . SER A 1 54  ? 14.394  8.597   -4.924  1.00 29.73 ? 54  SER A O   1 
ATOM   374  C CB  . SER A 1 54  ? 16.324  7.150   -6.682  1.00 27.60 ? 54  SER A CB  1 
ATOM   375  O OG  . SER A 1 54  ? 15.385  7.208   -7.748  1.00 27.64 ? 54  SER A OG  1 
ATOM   376  N N   . GLY A 1 55  ? 13.202  6.795   -5.521  1.00 21.19 ? 55  GLY A N   1 
ATOM   377  C CA  . GLY A 1 55  ? 11.970  7.522   -5.582  1.00 18.82 ? 55  GLY A CA  1 
ATOM   378  C C   . GLY A 1 55  ? 11.683  8.147   -6.926  1.00 19.43 ? 55  GLY A C   1 
ATOM   379  O O   . GLY A 1 55  ? 10.599  8.722   -7.108  1.00 21.98 ? 55  GLY A O   1 
ATOM   380  N N   . GLY A 1 56  ? 12.597  8.007   -7.893  1.00 20.94 ? 56  GLY A N   1 
ATOM   381  C CA  . GLY A 1 56  ? 12.435  8.706   -9.153  1.00 23.17 ? 56  GLY A CA  1 
ATOM   382  C C   . GLY A 1 56  ? 11.552  8.038   -10.165 1.00 21.29 ? 56  GLY A C   1 
ATOM   383  O O   . GLY A 1 56  ? 11.224  8.651   -11.183 1.00 23.67 ? 56  GLY A O   1 
ATOM   384  N N   . SER A 1 57  ? 11.133  6.796   -9.909  1.00 20.91 ? 57  SER A N   1 
ATOM   385  C CA  . SER A 1 57  ? 10.194  6.143   -10.798 1.00 21.83 ? 57  SER A CA  1 
ATOM   386  C C   . SER A 1 57  ? 9.141   5.409   -9.983  1.00 19.69 ? 57  SER A C   1 
ATOM   387  O O   . SER A 1 57  ? 9.443   4.793   -8.954  1.00 18.84 ? 57  SER A O   1 
ATOM   388  C CB  . SER A 1 57  ? 10.898  5.187   -11.752 1.00 26.16 ? 57  SER A CB  1 
ATOM   389  O OG  . SER A 1 57  ? 9.945   4.671   -12.667 1.00 29.04 ? 57  SER A OG  1 
ATOM   390  N N   . THR A 1 58  ? 7.919   5.456   -10.464 1.00 20.29 ? 58  THR A N   1 
ATOM   391  C CA  . THR A 1 58  ? 6.811   4.822   -9.773  1.00 19.26 ? 58  THR A CA  1 
ATOM   392  C C   . THR A 1 58  ? 5.957   4.055   -10.767 1.00 22.24 ? 58  THR A C   1 
ATOM   393  O O   . THR A 1 58  ? 5.990   4.302   -11.982 1.00 23.03 ? 58  THR A O   1 
ATOM   394  C CB  . THR A 1 58  ? 5.929   5.830   -9.052  1.00 17.64 ? 58  THR A CB  1 
ATOM   395  O OG1 . THR A 1 58  ? 5.451   6.803   -10.003 1.00 21.29 ? 58  THR A OG1 1 
ATOM   396  C CG2 . THR A 1 58  ? 6.649   6.555   -7.930  1.00 19.23 ? 58  THR A CG2 1 
ATOM   397  N N   . TYR A 1 59  ? 5.184   3.115   -10.217 1.00 18.47 ? 59  TYR A N   1 
ATOM   398  C CA  . TYR A 1 59  ? 4.259   2.277   -10.962 1.00 17.75 ? 59  TYR A CA  1 
ATOM   399  C C   . TYR A 1 59  ? 2.956   2.251   -10.190 1.00 17.13 ? 59  TYR A C   1 
ATOM   400  O O   . TYR A 1 59  ? 2.964   2.178   -8.962  1.00 16.50 ? 59  TYR A O   1 
ATOM   401  C CB  . TYR A 1 59  ? 4.810   0.834   -11.061 1.00 18.72 ? 59  TYR A CB  1 
ATOM   402  C CG  . TYR A 1 59  ? 3.710   -0.118  -11.517 1.00 19.15 ? 59  TYR A CG  1 
ATOM   403  C CD1 . TYR A 1 59  ? 3.415   -0.260  -12.882 1.00 21.77 ? 59  TYR A CD1 1 
ATOM   404  C CD2 . TYR A 1 59  ? 2.922   -0.825  -10.598 1.00 17.96 ? 59  TYR A CD2 1 
ATOM   405  C CE1 . TYR A 1 59  ? 2.366   -1.072  -13.321 1.00 20.59 ? 59  TYR A CE1 1 
ATOM   406  C CE2 . TYR A 1 59  ? 1.867   -1.647  -11.027 1.00 17.37 ? 59  TYR A CE2 1 
ATOM   407  C CZ  . TYR A 1 59  ? 1.604   -1.774  -12.389 1.00 19.91 ? 59  TYR A CZ  1 
ATOM   408  O OH  . TYR A 1 59  ? 0.542   -2.561  -12.827 1.00 22.19 ? 59  TYR A OH  1 
ATOM   409  N N   . TYR A 1 60  ? 1.822   2.332   -10.899 1.00 16.15 ? 60  TYR A N   1 
ATOM   410  C CA  . TYR A 1 60  ? 0.500   2.201   -10.310 1.00 15.84 ? 60  TYR A CA  1 
ATOM   411  C C   . TYR A 1 60  ? -0.347  1.249   -11.135 1.00 17.77 ? 60  TYR A C   1 
ATOM   412  O O   . TYR A 1 60  ? -0.315  1.294   -12.374 1.00 18.96 ? 60  TYR A O   1 
ATOM   413  C CB  . TYR A 1 60  ? -0.243  3.558   -10.261 1.00 17.37 ? 60  TYR A CB  1 
ATOM   414  C CG  . TYR A 1 60  ? 0.466   4.574   -9.413  1.00 15.80 ? 60  TYR A CG  1 
ATOM   415  C CD1 . TYR A 1 60  ? 0.286   4.605   -8.060  1.00 16.53 ? 60  TYR A CD1 1 
ATOM   416  C CD2 . TYR A 1 60  ? 1.315   5.513   -9.994  1.00 16.56 ? 60  TYR A CD2 1 
ATOM   417  C CE1 . TYR A 1 60  ? 0.939   5.530   -7.262  1.00 15.26 ? 60  TYR A CE1 1 
ATOM   418  C CE2 . TYR A 1 60  ? 1.993   6.450   -9.211  1.00 16.07 ? 60  TYR A CE2 1 
ATOM   419  C CZ  . TYR A 1 60  ? 1.788   6.451   -7.833  1.00 15.81 ? 60  TYR A CZ  1 
ATOM   420  O OH  . TYR A 1 60  ? 2.427   7.367   -7.050  1.00 15.38 ? 60  TYR A OH  1 
ATOM   421  N N   . ALA A 1 61  ? -1.148  0.450   -10.452 1.00 16.06 ? 61  ALA A N   1 
ATOM   422  C CA  . ALA A 1 61  ? -2.191  -0.296  -11.127 1.00 16.85 ? 61  ALA A CA  1 
ATOM   423  C C   . ALA A 1 61  ? -3.137  0.677   -11.804 1.00 18.92 ? 61  ALA A C   1 
ATOM   424  O O   . ALA A 1 61  ? -3.429  1.759   -11.281 1.00 17.29 ? 61  ALA A O   1 
ATOM   425  C CB  . ALA A 1 61  ? -2.973  -1.092  -10.093 1.00 17.60 ? 61  ALA A CB  1 
ATOM   426  N N   . ASP A 1 62  ? -3.689  0.241   -12.939 1.00 18.73 ? 62  ASP A N   1 
ATOM   427  C CA  . ASP A 1 62  ? -4.530  1.129   -13.727 1.00 20.69 ? 62  ASP A CA  1 
ATOM   428  C C   . ASP A 1 62  ? -5.693  1.685   -12.909 1.00 18.63 ? 62  ASP A C   1 
ATOM   429  O O   . ASP A 1 62  ? -6.050  2.856   -13.057 1.00 20.44 ? 62  ASP A O   1 
ATOM   430  C CB  . ASP A 1 62  ? -5.081  0.361   -14.933 1.00 23.51 ? 62  ASP A CB  1 
ATOM   431  C CG  . ASP A 1 62  ? -4.075  0.209   -16.048 1.00 29.65 ? 62  ASP A CG  1 
ATOM   432  O OD1 . ASP A 1 62  ? -2.982  0.805   -15.977 1.00 29.71 ? 62  ASP A OD1 1 
ATOM   433  O OD2 . ASP A 1 62  ? -4.418  -0.495  -17.034 1.00 34.65 ? 62  ASP A OD2 1 
ATOM   434  N N   . SER A 1 63  ? -6.304  0.871   -12.055 1.00 19.30 ? 63  SER A N   1 
ATOM   435  C CA  . SER A 1 63  ? -7.516  1.261   -11.343 1.00 18.24 ? 63  SER A CA  1 
ATOM   436  C C   . SER A 1 63  ? -7.274  2.252   -10.211 1.00 18.02 ? 63  SER A C   1 
ATOM   437  O O   . SER A 1 63  ? -8.236  2.813   -9.680  1.00 18.87 ? 63  SER A O   1 
ATOM   438  C CB  . SER A 1 63  ? -8.292  0.039   -10.818 1.00 20.26 ? 63  SER A CB  1 
ATOM   439  O OG  . SER A 1 63  ? -7.727  -0.477  -9.636  1.00 23.94 ? 63  SER A OG  1 
ATOM   440  N N   . VAL A 1 64  ? -6.017  2.517   -9.862  1.00 17.28 ? 64  VAL A N   1 
ATOM   441  C CA  . VAL A 1 64  ? -5.702  3.487   -8.813  1.00 17.10 ? 64  VAL A CA  1 
ATOM   442  C C   . VAL A 1 64  ? -4.940  4.700   -9.312  1.00 16.24 ? 64  VAL A C   1 
ATOM   443  O O   . VAL A 1 64  ? -4.759  5.650   -8.536  1.00 16.00 ? 64  VAL A O   1 
ATOM   444  C CB  . VAL A 1 64  ? -5.007  2.844   -7.587  1.00 16.14 ? 64  VAL A CB  1 
ATOM   445  C CG1 . VAL A 1 64  ? -5.797  1.577   -7.126  1.00 15.79 ? 64  VAL A CG1 1 
ATOM   446  C CG2 . VAL A 1 64  ? -3.529  2.515   -7.890  1.00 16.21 ? 64  VAL A CG2 1 
ATOM   447  N N   . LYS A 1 65  ? -4.513  4.711   -10.576 1.00 19.24 ? 65  LYS A N   1 
ATOM   448  C CA  . LYS A 1 65  ? -3.797  5.861   -11.132 1.00 22.14 ? 65  LYS A CA  1 
ATOM   449  C C   . LYS A 1 65  ? -4.594  7.137   -10.939 1.00 20.69 ? 65  LYS A C   1 
ATOM   450  O O   . LYS A 1 65  ? -5.791  7.186   -11.227 1.00 21.93 ? 65  LYS A O   1 
ATOM   451  C CB  . LYS A 1 65  ? -3.558  5.649   -12.627 1.00 23.87 ? 65  LYS A CB  1 
ATOM   452  C CG  . LYS A 1 65  ? -2.097  5.706   -13.033 1.00 33.74 ? 65  LYS A CG  1 
ATOM   453  C CD  . LYS A 1 65  ? -1.924  5.259   -14.493 1.00 36.24 ? 65  LYS A CD  1 
ATOM   454  C CE  . LYS A 1 65  ? -2.088  3.733   -14.661 1.00 41.07 ? 65  LYS A CE  1 
ATOM   455  N NZ  . LYS A 1 65  ? -2.315  3.275   -16.096 1.00 32.58 ? 65  LYS A NZ  1 
ATOM   456  N N   . GLY A 1 66  ? -3.913  8.176   -10.453 1.00 18.85 ? 66  GLY A N   1 
ATOM   457  C CA  . GLY A 1 66  ? -4.525  9.454   -10.207 1.00 20.70 ? 66  GLY A CA  1 
ATOM   458  C C   . GLY A 1 66  ? -5.166  9.590   -8.845  1.00 24.33 ? 66  GLY A C   1 
ATOM   459  O O   . GLY A 1 66  ? -5.371  10.721  -8.394  1.00 29.44 ? 66  GLY A O   1 
ATOM   460  N N   . ARG A 1 67  ? -5.475  8.477   -8.164  1.00 16.70 ? 67  ARG A N   1 
ATOM   461  C CA  . ARG A 1 67  ? -6.089  8.483   -6.841  1.00 15.78 ? 67  ARG A CA  1 
ATOM   462  C C   . ARG A 1 67  ? -5.113  8.126   -5.727  1.00 15.18 ? 67  ARG A C   1 
ATOM   463  O O   . ARG A 1 67  ? -5.253  8.637   -4.619  1.00 15.48 ? 67  ARG A O   1 
ATOM   464  C CB  . ARG A 1 67  ? -7.295  7.528   -6.773  1.00 15.08 ? 67  ARG A CB  1 
ATOM   465  C CG  . ARG A 1 67  ? -8.362  7.830   -7.839  1.00 17.53 ? 67  ARG A CG  1 
ATOM   466  C CD  . ARG A 1 67  ? -9.612  6.992   -7.668  1.00 16.42 ? 67  ARG A CD  1 
ATOM   467  N NE  . ARG A 1 67  ? -9.368  5.552   -7.827  1.00 15.97 ? 67  ARG A NE  1 
ATOM   468  C CZ  . ARG A 1 67  ? -9.477  4.665   -6.849  1.00 16.53 ? 67  ARG A CZ  1 
ATOM   469  N NH1 . ARG A 1 67  ? -9.863  5.023   -5.625  1.00 14.74 ? 67  ARG A NH1 1 
ATOM   470  N NH2 . ARG A 1 67  ? -9.183  3.386   -7.096  1.00 16.84 ? 67  ARG A NH2 1 
ATOM   471  N N   . PHE A 1 68  ? -4.165  7.242   -5.982  1.00 15.46 ? 68  PHE A N   1 
ATOM   472  C CA  . PHE A 1 68  ? -3.207  6.832   -4.963  1.00 13.34 ? 68  PHE A CA  1 
ATOM   473  C C   . PHE A 1 68  ? -1.846  7.419   -5.328  1.00 15.11 ? 68  PHE A C   1 
ATOM   474  O O   . PHE A 1 68  ? -1.478  7.513   -6.512  1.00 16.69 ? 68  PHE A O   1 
ATOM   475  C CB  . PHE A 1 68  ? -3.073  5.299   -4.904  1.00 14.49 ? 68  PHE A CB  1 
ATOM   476  C CG  . PHE A 1 68  ? -4.272  4.542   -4.339  1.00 13.83 ? 68  PHE A CG  1 
ATOM   477  C CD1 . PHE A 1 68  ? -5.523  5.126   -4.140  1.00 14.97 ? 68  PHE A CD1 1 
ATOM   478  C CD2 . PHE A 1 68  ? -4.141  3.179   -4.085  1.00 14.86 ? 68  PHE A CD2 1 
ATOM   479  C CE1 . PHE A 1 68  ? -6.575  4.361   -3.665  1.00 14.46 ? 68  PHE A CE1 1 
ATOM   480  C CE2 . PHE A 1 68  ? -5.202  2.462   -3.606  1.00 14.38 ? 68  PHE A CE2 1 
ATOM   481  C CZ  . PHE A 1 68  ? -6.400  3.025   -3.411  1.00 15.62 ? 68  PHE A CZ  1 
ATOM   482  N N   . THR A 1 69  ? -1.051  7.710   -4.306  1.00 13.51 ? 69  THR A N   1 
ATOM   483  C CA  . THR A 1 69  ? 0.312   8.200   -4.503  1.00 13.90 ? 69  THR A CA  1 
ATOM   484  C C   . THR A 1 69  ? 1.271   7.442   -3.590  1.00 12.57 ? 69  THR A C   1 
ATOM   485  O O   . THR A 1 69  ? 1.102   7.470   -2.359  1.00 14.81 ? 69  THR A O   1 
ATOM   486  C CB  . THR A 1 69  ? 0.386   9.706   -4.195  1.00 13.86 ? 69  THR A CB  1 
ATOM   487  O OG1 . THR A 1 69  ? -0.579  10.398  -5.016  1.00 17.49 ? 69  THR A OG1 1 
ATOM   488  C CG2 . THR A 1 69  ? 1.770   10.251  -4.504  1.00 18.25 ? 69  THR A CG2 1 
ATOM   489  N N   . ILE A 1 70  ? 2.312   6.886   -4.183  1.00 13.06 ? 70  ILE A N   1 
ATOM   490  C CA  . ILE A 1 70  ? 3.348   6.187   -3.387  1.00 12.79 ? 70  ILE A CA  1 
ATOM   491  C C   . ILE A 1 70  ? 4.559   7.116   -3.227  1.00 13.66 ? 70  ILE A C   1 
ATOM   492  O O   . ILE A 1 70  ? 4.905   7.822   -4.177  1.00 15.17 ? 70  ILE A O   1 
ATOM   493  C CB  . ILE A 1 70  ? 3.719   4.826   -4.015  1.00 12.88 ? 70  ILE A CB  1 
ATOM   494  C CG1 . ILE A 1 70  ? 4.623   4.013   -3.082  1.00 12.57 ? 70  ILE A CG1 1 
ATOM   495  C CG2 . ILE A 1 70  ? 4.330   4.962   -5.402  1.00 13.51 ? 70  ILE A CG2 1 
ATOM   496  C CD1 . ILE A 1 70  ? 4.783   2.567   -3.479  1.00 14.35 ? 70  ILE A CD1 1 
ATOM   497  N N   . SER A 1 71  ? 5.146   7.096   -2.039  1.00 13.26 ? 71  SER A N   1 
ATOM   498  C CA  . SER A 1 71  ? 6.361   7.877   -1.781  1.00 13.33 ? 71  SER A CA  1 
ATOM   499  C C   . SER A 1 71  ? 7.189   7.113   -0.751  1.00 14.37 ? 71  SER A C   1 
ATOM   500  O O   . SER A 1 71  ? 6.723   6.129   -0.193  1.00 13.73 ? 71  SER A O   1 
ATOM   501  C CB  . SER A 1 71  ? 6.021   9.298   -1.292  1.00 15.13 ? 71  SER A CB  1 
ATOM   502  O OG  . SER A 1 71  ? 5.354   9.285   -0.062  1.00 16.55 ? 71  SER A OG  1 
ATOM   503  N N   . ARG A 1 72  ? 8.431   7.528   -0.499  1.00 14.60 ? 72  ARG A N   1 
ATOM   504  C CA  . ARG A 1 72  ? 9.237   6.818   0.480   1.00 14.90 ? 72  ARG A CA  1 
ATOM   505  C C   . ARG A 1 72  ? 10.143  7.809   1.188   1.00 15.77 ? 72  ARG A C   1 
ATOM   506  O O   . ARG A 1 72  ? 10.398  8.922   0.704   1.00 17.05 ? 72  ARG A O   1 
ATOM   507  C CB  . ARG A 1 72  ? 10.055  5.733   -0.209  1.00 16.72 ? 72  ARG A CB  1 
ATOM   508  C CG  . ARG A 1 72  ? 11.123  6.235   -1.217  1.00 15.89 ? 72  ARG A CG  1 
ATOM   509  C CD  . ARG A 1 72  ? 11.777  5.056   -2.018  1.00 17.28 ? 72  ARG A CD  1 
ATOM   510  N NE  . ARG A 1 72  ? 12.525  4.149   -1.155  1.00 17.76 ? 72  ARG A NE  1 
ATOM   511  C CZ  . ARG A 1 72  ? 12.852  2.918   -1.497  1.00 17.66 ? 72  ARG A CZ  1 
ATOM   512  N NH1 . ARG A 1 72  ? 12.481  2.393   -2.655  1.00 19.51 ? 72  ARG A NH1 1 
ATOM   513  N NH2 . ARG A 1 72  ? 13.554  2.175   -0.649  1.00 17.53 ? 72  ARG A NH2 1 
ATOM   514  N N   . ASP A 1 73  ? 10.577  7.428   2.373   1.00 15.07 ? 73  ASP A N   1 
ATOM   515  C CA  . ASP A 1 73  ? 11.561  8.213   3.137   1.00 16.20 ? 73  ASP A CA  1 
ATOM   516  C C   . ASP A 1 73  ? 12.698  7.267   3.438   1.00 17.44 ? 73  ASP A C   1 
ATOM   517  O O   . ASP A 1 73  ? 12.618  6.433   4.350   1.00 16.59 ? 73  ASP A O   1 
ATOM   518  C CB  . ASP A 1 73  ? 10.955  8.781   4.402   1.00 17.32 ? 73  ASP A CB  1 
ATOM   519  C CG  . ASP A 1 73  ? 11.934  9.670   5.169   1.00 18.90 ? 73  ASP A CG  1 
ATOM   520  O OD1 . ASP A 1 73  ? 13.149  9.400   5.124   1.00 23.30 ? 73  ASP A OD1 1 
ATOM   521  O OD2 . ASP A 1 73  ? 11.458  10.593  5.828   1.00 20.29 ? 73  ASP A OD2 1 
ATOM   522  N N   . ASN A 1 74  ? 13.760  7.382   2.665   1.00 19.08 ? 74  ASN A N   1 
ATOM   523  C CA  . ASN A 1 74  ? 14.864  6.456   2.818   1.00 19.78 ? 74  ASN A CA  1 
ATOM   524  C C   . ASN A 1 74  ? 15.554  6.568   4.180   1.00 21.29 ? 74  ASN A C   1 
ATOM   525  O O   . ASN A 1 74  ? 16.031  5.553   4.705   1.00 23.34 ? 74  ASN A O   1 
ATOM   526  C CB  . ASN A 1 74  ? 15.825  6.598   1.631   1.00 23.51 ? 74  ASN A CB  1 
ATOM   527  C CG  . ASN A 1 74  ? 15.257  5.962   0.380   1.00 26.95 ? 74  ASN A CG  1 
ATOM   528  O OD1 . ASN A 1 74  ? 15.101  4.747   0.353   1.00 28.76 ? 74  ASN A OD1 1 
ATOM   529  N ND2 . ASN A 1 74  ? 14.850  6.766   -0.601  1.00 33.42 ? 74  ASN A ND2 1 
ATOM   530  N N   . ALA A 1 75  ? 15.596  7.761   4.775   1.00 19.30 ? 75  ALA A N   1 
ATOM   531  C CA  . ALA A 1 75  ? 16.199  7.938   6.101   1.00 21.50 ? 75  ALA A CA  1 
ATOM   532  C C   . ALA A 1 75  ? 15.437  7.205   7.193   1.00 21.51 ? 75  ALA A C   1 
ATOM   533  O O   . ALA A 1 75  ? 16.014  6.879   8.236   1.00 26.20 ? 75  ALA A O   1 
ATOM   534  C CB  . ALA A 1 75  ? 16.288  9.420   6.474   1.00 23.90 ? 75  ALA A CB  1 
ATOM   535  N N   . LYS A 1 76  ? 14.156  6.910   6.978   1.00 19.23 ? 76  LYS A N   1 
ATOM   536  C CA  . LYS A 1 76  ? 13.329  6.163   7.924   1.00 18.74 ? 76  LYS A CA  1 
ATOM   537  C C   . LYS A 1 76  ? 13.103  4.733   7.471   1.00 16.56 ? 76  LYS A C   1 
ATOM   538  O O   . LYS A 1 76  ? 12.359  4.006   8.140   1.00 18.66 ? 76  LYS A O   1 
ATOM   539  C CB  . LYS A 1 76  ? 11.967  6.877   8.151   1.00 18.41 ? 76  LYS A CB  1 
ATOM   540  C CG  . LYS A 1 76  ? 12.131  8.278   8.689   1.00 17.31 ? 76  LYS A CG  1 
ATOM   541  C CD  . LYS A 1 76  ? 10.762  8.897   8.958   1.00 16.69 ? 76  LYS A CD  1 
ATOM   542  C CE  . LYS A 1 76  ? 10.890  10.362  9.376   1.00 19.66 ? 76  LYS A CE  1 
ATOM   543  N NZ  . LYS A 1 76  ? 9.543   10.896  9.679   1.00 19.11 ? 76  LYS A NZ  1 
ATOM   544  N N   . ASN A 1 77  ? 13.644  4.349   6.313   1.00 14.23 ? 77  ASN A N   1 
ATOM   545  C CA  . ASN A 1 77  ? 13.346  3.071   5.659   1.00 15.25 ? 77  ASN A CA  1 
ATOM   546  C C   . ASN A 1 77  ? 11.848  2.792   5.598   1.00 14.55 ? 77  ASN A C   1 
ATOM   547  O O   . ASN A 1 77  ? 11.379  1.698   5.933   1.00 14.76 ? 77  ASN A O   1 
ATOM   548  C CB  . ASN A 1 77  ? 14.106  1.916   6.325   1.00 16.81 ? 77  ASN A CB  1 
ATOM   549  C CG  . ASN A 1 77  ? 15.620  2.024   6.114   1.00 24.03 ? 77  ASN A CG  1 
ATOM   550  O OD1 . ASN A 1 77  ? 16.076  2.414   5.037   1.00 23.69 ? 77  ASN A OD1 1 
ATOM   551  N ND2 . ASN A 1 77  ? 16.396  1.695   7.147   1.00 34.31 ? 77  ASN A ND2 1 
ATOM   552  N N   . THR A 1 78  ? 11.104  3.790   5.168   1.00 14.75 ? 78  THR A N   1 
ATOM   553  C CA  . THR A 1 78  ? 9.651   3.724   5.152   1.00 13.70 ? 78  THR A CA  1 
ATOM   554  C C   . THR A 1 78  ? 9.144   3.959   3.744   1.00 14.34 ? 78  THR A C   1 
ATOM   555  O O   . THR A 1 78  ? 9.746   4.717   2.959   1.00 16.84 ? 78  THR A O   1 
ATOM   556  C CB  . THR A 1 78  ? 9.059   4.705   6.192   1.00 13.59 ? 78  THR A CB  1 
ATOM   557  O OG1 . THR A 1 78  ? 9.425   4.284   7.524   1.00 17.32 ? 78  THR A OG1 1 
ATOM   558  C CG2 . THR A 1 78  ? 7.586   4.743   6.153   1.00 19.41 ? 78  THR A CG2 1 
ATOM   559  N N   . VAL A 1 79  ? 7.990   3.385   3.449   1.00 13.13 ? 79  VAL A N   1 
ATOM   560  C CA  . VAL A 1 79  ? 7.250   3.634   2.217   1.00 14.35 ? 79  VAL A CA  1 
ATOM   561  C C   . VAL A 1 79  ? 5.820   3.981   2.601   1.00 13.16 ? 79  VAL A C   1 
ATOM   562  O O   . VAL A 1 79  ? 5.291   3.480   3.605   1.00 13.81 ? 79  VAL A O   1 
ATOM   563  C CB  . VAL A 1 79  ? 7.373   2.417   1.263   1.00 14.89 ? 79  VAL A CB  1 
ATOM   564  C CG1 . VAL A 1 79  ? 6.683   1.148   1.820   1.00 16.32 ? 79  VAL A CG1 1 
ATOM   565  C CG2 . VAL A 1 79  ? 6.849   2.734   -0.114  1.00 14.20 ? 79  VAL A CG2 1 
ATOM   566  N N   . TYR A 1 80  ? 5.205   4.864   1.814   1.00 13.36 ? 80  TYR A N   1 
ATOM   567  C CA  . TYR A 1 80  ? 3.874   5.385   2.112   1.00 13.12 ? 80  TYR A CA  1 
ATOM   568  C C   . TYR A 1 80  ? 2.932   5.153   0.939   1.00 14.34 ? 80  TYR A C   1 
ATOM   569  O O   . TYR A 1 80  ? 3.349   5.198   -0.227  1.00 14.74 ? 80  TYR A O   1 
ATOM   570  C CB  . TYR A 1 80  ? 3.940   6.906   2.364   1.00 14.07 ? 80  TYR A CB  1 
ATOM   571  C CG  . TYR A 1 80  ? 4.900   7.263   3.469   1.00 14.15 ? 80  TYR A CG  1 
ATOM   572  C CD1 . TYR A 1 80  ? 4.521   7.159   4.795   1.00 16.91 ? 80  TYR A CD1 1 
ATOM   573  C CD2 . TYR A 1 80  ? 6.182   7.673   3.174   1.00 15.65 ? 80  TYR A CD2 1 
ATOM   574  C CE1 . TYR A 1 80  ? 5.419   7.475   5.826   1.00 17.31 ? 80  TYR A CE1 1 
ATOM   575  C CE2 . TYR A 1 80  ? 7.097   7.986   4.188   1.00 18.13 ? 80  TYR A CE2 1 
ATOM   576  C CZ  . TYR A 1 80  ? 6.687   7.919   5.494   1.00 16.16 ? 80  TYR A CZ  1 
ATOM   577  O OH  . TYR A 1 80  ? 7.636   8.199   6.482   1.00 18.68 ? 80  TYR A OH  1 
ATOM   578  N N   . LEU A 1 81  ? 1.644   4.951   1.241   1.00 12.48 ? 81  LEU A N   1 
ATOM   579  C CA  . LEU A 1 81  ? 0.596   4.939   0.218   1.00 13.26 ? 81  LEU A CA  1 
ATOM   580  C C   . LEU A 1 81  ? -0.489  5.918   0.644   1.00 13.02 ? 81  LEU A C   1 
ATOM   581  O O   . LEU A 1 81  ? -1.214  5.677   1.612   1.00 13.89 ? 81  LEU A O   1 
ATOM   582  C CB  . LEU A 1 81  ? 0.046   3.510   -0.004  1.00 12.68 ? 81  LEU A CB  1 
ATOM   583  C CG  . LEU A 1 81  ? -0.892  3.364   -1.229  1.00 13.07 ? 81  LEU A CG  1 
ATOM   584  C CD1 . LEU A 1 81  ? -0.154  3.587   -2.545  1.00 15.19 ? 81  LEU A CD1 1 
ATOM   585  C CD2 . LEU A 1 81  ? -1.543  2.004   -1.232  1.00 14.56 ? 81  LEU A CD2 1 
ATOM   586  N N   . GLN A 1 82  ? -0.538  7.054   -0.043  1.00 13.15 ? 82  GLN A N   1 
ATOM   587  C CA  . GLN A 1 82  ? -1.578  8.046   0.206   1.00 14.42 ? 82  GLN A CA  1 
ATOM   588  C C   . GLN A 1 82  ? -2.745  7.716   -0.707  1.00 14.20 ? 82  GLN A C   1 
ATOM   589  O O   . GLN A 1 82  ? -2.619  7.778   -1.941  1.00 16.03 ? 82  GLN A O   1 
ATOM   590  C CB  . GLN A 1 82  ? -1.038  9.456   -0.074  1.00 13.86 ? 82  GLN A CB  1 
ATOM   591  C CG  . GLN A 1 82  ? -2.145  10.544  0.076   1.00 15.67 ? 82  GLN A CG  1 
ATOM   592  C CD  . GLN A 1 82  ? -2.610  10.647  1.496   1.00 15.52 ? 82  GLN A CD  1 
ATOM   593  O OE1 . GLN A 1 82  ? -1.809  10.743  2.396   1.00 18.90 ? 82  GLN A OE1 1 
ATOM   594  N NE2 . GLN A 1 82  ? -3.920  10.610  1.710   1.00 19.97 ? 82  GLN A NE2 1 
ATOM   595  N N   . MET A 1 83  ? -3.855  7.319   -0.116  1.00 13.57 ? 83  MET A N   1 
ATOM   596  C CA  . MET A 1 83  ? -5.022  6.866   -0.889  1.00 14.31 ? 83  MET A CA  1 
ATOM   597  C C   . MET A 1 83  ? -6.096  7.943   -0.835  1.00 15.90 ? 83  MET A C   1 
ATOM   598  O O   . MET A 1 83  ? -6.676  8.164   0.224   1.00 19.45 ? 83  MET A O   1 
ATOM   599  C CB  . MET A 1 83  ? -5.597  5.556   -0.335  1.00 14.48 ? 83  MET A CB  1 
ATOM   600  C CG  . MET A 1 83  ? -4.604  4.368   -0.401  1.00 15.24 ? 83  MET A CG  1 
ATOM   601  S SD  . MET A 1 83  ? -5.216  2.706   0.170   1.00 16.67 ? 83  MET A SD  1 
ATOM   602  C CE  . MET A 1 83  ? -5.509  3.269   1.797   1.00 15.06 ? 83  MET A CE  1 
ATOM   603  N N   . ASN A 1 84  ? -6.355  8.591   -1.959  1.00 14.34 ? 84  ASN A N   1 
ATOM   604  C CA  . ASN A 1 84  ? -7.414  9.588   -2.061  1.00 14.16 ? 84  ASN A CA  1 
ATOM   605  C C   . ASN A 1 84  ? -8.545  9.050   -2.919  1.00 14.71 ? 84  ASN A C   1 
ATOM   606  O O   . ASN A 1 84  ? -8.396  8.090   -3.674  1.00 15.54 ? 84  ASN A O   1 
ATOM   607  C CB  . ASN A 1 84  ? -6.899  10.918  -2.629  1.00 17.06 ? 84  ASN A CB  1 
ATOM   608  C CG  . ASN A 1 84  ? -5.808  11.529  -1.768  1.00 20.51 ? 84  ASN A CG  1 
ATOM   609  O OD1 . ASN A 1 84  ? -5.875  11.500  -0.558  1.00 27.00 ? 84  ASN A OD1 1 
ATOM   610  N ND2 . ASN A 1 84  ? -4.756  12.026  -2.407  1.00 30.50 ? 84  ASN A ND2 1 
ATOM   611  N N   . SER A 1 85  ? -9.699  9.709   -2.815  1.00 13.87 ? 85  SER A N   1 
ATOM   612  C CA  . SER A 1 85  ? -10.861 9.355   -3.627  1.00 16.41 ? 85  SER A CA  1 
ATOM   613  C C   . SER A 1 85  ? -11.174 7.868   -3.524  1.00 14.32 ? 85  SER A C   1 
ATOM   614  O O   . SER A 1 85  ? -11.418 7.197   -4.525  1.00 14.95 ? 85  SER A O   1 
ATOM   615  C CB  . SER A 1 85  ? -10.636 9.744   -5.077  1.00 15.49 ? 85  SER A CB  1 
ATOM   616  O OG  . SER A 1 85  ? -10.533 11.179  -5.159  1.00 18.28 ? 85  SER A OG  1 
ATOM   617  N N   . LEU A 1 86  ? -11.143 7.370   -2.300  1.00 14.11 ? 86  LEU A N   1 
ATOM   618  C CA  . LEU A 1 86  ? -11.341 5.920   -2.099  1.00 13.53 ? 86  LEU A CA  1 
ATOM   619  C C   . LEU A 1 86  ? -12.729 5.459   -2.555  1.00 14.27 ? 86  LEU A C   1 
ATOM   620  O O   . LEU A 1 86  ? -13.689 6.200   -2.450  1.00 14.61 ? 86  LEU A O   1 
ATOM   621  C CB  . LEU A 1 86  ? -11.053 5.585   -0.635  1.00 13.50 ? 86  LEU A CB  1 
ATOM   622  C CG  . LEU A 1 86  ? -9.569  5.376   -0.347  1.00 13.68 ? 86  LEU A CG  1 
ATOM   623  C CD1 . LEU A 1 86  ? -9.241  5.613   1.112   1.00 17.49 ? 86  LEU A CD1 1 
ATOM   624  C CD2 . LEU A 1 86  ? -9.136  3.982   -0.759  1.00 14.83 ? 86  LEU A CD2 1 
ATOM   625  N N   . LYS A 1 87  ? -12.784 4.234   -3.036  1.00 14.07 ? 87  LYS A N   1 
ATOM   626  C CA  . LYS A 1 87  ? -14.038 3.664   -3.510  1.00 13.43 ? 87  LYS A CA  1 
ATOM   627  C C   . LYS A 1 87  ? -14.228 2.324   -2.822  1.00 13.91 ? 87  LYS A C   1 
ATOM   628  O O   . LYS A 1 87  ? -13.245 1.680   -2.435  1.00 13.59 ? 87  LYS A O   1 
ATOM   629  C CB  . LYS A 1 87  ? -13.973 3.438   -5.026  1.00 16.41 ? 87  LYS A CB  1 
ATOM   630  C CG  . LYS A 1 87  ? -13.900 4.720   -5.882  1.00 16.62 ? 87  LYS A CG  1 
ATOM   631  C CD  . LYS A 1 87  ? -13.505 4.287   -7.316  1.00 23.78 ? 87  LYS A CD  1 
ATOM   632  C CE  . LYS A 1 87  ? -13.600 5.414   -8.289  1.00 29.23 ? 87  LYS A CE  1 
ATOM   633  N NZ  . LYS A 1 87  ? -13.244 4.855   -9.617  1.00 28.13 ? 87  LYS A NZ  1 
ATOM   634  N N   . PRO A 1 88  ? -15.477 1.838   -2.725  1.00 12.91 ? 88  PRO A N   1 
ATOM   635  C CA  . PRO A 1 88  ? -15.692 0.539   -2.069  1.00 13.39 ? 88  PRO A CA  1 
ATOM   636  C C   . PRO A 1 88  ? -14.890 -0.603  -2.692  1.00 12.99 ? 88  PRO A C   1 
ATOM   637  O O   . PRO A 1 88  ? -14.447 -1.522  -1.970  1.00 14.02 ? 88  PRO A O   1 
ATOM   638  C CB  . PRO A 1 88  ? -17.215 0.331   -2.145  1.00 13.56 ? 88  PRO A CB  1 
ATOM   639  C CG  . PRO A 1 88  ? -17.722 1.771   -2.146  1.00 14.78 ? 88  PRO A CG  1 
ATOM   640  C CD  . PRO A 1 88  ? -16.750 2.559   -3.000  1.00 14.12 ? 88  PRO A CD  1 
ATOM   641  N N   . GLU A 1 89  ? -14.656 -0.567  -3.997  1.00 12.81 ? 89  GLU A N   1 
ATOM   642  C CA  . GLU A 1 89  ? -13.812 -1.590  -4.631  1.00 14.22 ? 89  GLU A CA  1 
ATOM   643  C C   . GLU A 1 89  ? -12.368 -1.604  -4.110  1.00 14.94 ? 89  GLU A C   1 
ATOM   644  O O   . GLU A 1 89  ? -11.623 -2.578  -4.368  1.00 15.56 ? 89  GLU A O   1 
ATOM   645  C CB  . GLU A 1 89  ? -13.794 -1.324  -6.125  1.00 14.77 ? 89  GLU A CB  1 
ATOM   646  C CG  . GLU A 1 89  ? -13.031 -0.092  -6.473  1.00 17.23 ? 89  GLU A CG  1 
ATOM   647  C CD  . GLU A 1 89  ? -13.244 0.412   -7.848  1.00 24.81 ? 89  GLU A CD  1 
ATOM   648  O OE1 . GLU A 1 89  ? -14.410 0.766   -8.155  1.00 23.60 ? 89  GLU A OE1 1 
ATOM   649  O OE2 . GLU A 1 89  ? -12.215 0.508   -8.587  1.00 25.71 ? 89  GLU A OE2 1 
ATOM   650  N N   . ASP A 1 90  ? -11.943 -0.563  -3.414  1.00 13.57 ? 90  ASP A N   1 
ATOM   651  C CA  . ASP A 1 90  ? -10.596 -0.518  -2.832  1.00 13.47 ? 90  ASP A CA  1 
ATOM   652  C C   . ASP A 1 90  ? -10.513 -1.273  -1.510  1.00 13.43 ? 90  ASP A C   1 
ATOM   653  O O   . ASP A 1 90  ? -9.415  -1.386  -0.914  1.00 13.80 ? 90  ASP A O   1 
ATOM   654  C CB  . ASP A 1 90  ? -10.118 0.911   -2.652  1.00 13.96 ? 90  ASP A CB  1 
ATOM   655  C CG  . ASP A 1 90  ? -9.984  1.656   -3.941  1.00 13.89 ? 90  ASP A CG  1 
ATOM   656  O OD1 . ASP A 1 90  ? -9.444  1.155   -4.938  1.00 14.28 ? 90  ASP A OD1 1 
ATOM   657  O OD2 . ASP A 1 90  ? -10.431 2.857   -3.992  1.00 15.46 ? 90  ASP A OD2 1 
ATOM   658  N N   . THR A 1 91  ? -11.630 -1.795  -1.016  1.00 13.55 ? 91  THR A N   1 
ATOM   659  C CA  . THR A 1 91  ? -11.645 -2.601  0.198   1.00 13.96 ? 91  THR A CA  1 
ATOM   660  C C   . THR A 1 91  ? -10.788 -3.843  -0.011  1.00 14.02 ? 91  THR A C   1 
ATOM   661  O O   . THR A 1 91  ? -10.993 -4.585  -0.982  1.00 15.23 ? 91  THR A O   1 
ATOM   662  C CB  . THR A 1 91  ? -13.099 -3.031  0.470   1.00 13.61 ? 91  THR A CB  1 
ATOM   663  O OG1 . THR A 1 91  ? -13.901 -1.877  0.760   1.00 14.08 ? 91  THR A OG1 1 
ATOM   664  C CG2 . THR A 1 91  ? -13.189 -3.970  1.648   1.00 15.26 ? 91  THR A CG2 1 
ATOM   665  N N   . ALA A 1 92  ? -9.828  -4.062  0.898   1.00 11.84 ? 92  ALA A N   1 
ATOM   666  C CA  . ALA A 1 92  ? -8.856  -5.134  0.681   1.00 13.18 ? 92  ALA A CA  1 
ATOM   667  C C   . ALA A 1 92  ? -7.920  -5.167  1.876   1.00 13.24 ? 92  ALA A C   1 
ATOM   668  O O   . ALA A 1 92  ? -7.823  -4.200  2.639   1.00 12.43 ? 92  ALA A O   1 
ATOM   669  C CB  . ALA A 1 92  ? -8.031  -4.897  -0.581  1.00 14.91 ? 92  ALA A CB  1 
ATOM   670  N N   . VAL A 1 93  ? -7.189  -6.285  2.001   1.00 13.42 ? 93  VAL A N   1 
ATOM   671  C CA  . VAL A 1 93  ? -5.969  -6.286  2.815   1.00 12.95 ? 93  VAL A CA  1 
ATOM   672  C C   . VAL A 1 93  ? -4.827  -5.747  1.979   1.00 12.89 ? 93  VAL A C   1 
ATOM   673  O O   . VAL A 1 93  ? -4.616  -6.211  0.847   1.00 13.22 ? 93  VAL A O   1 
ATOM   674  C CB  . VAL A 1 93  ? -5.636  -7.706  3.301   1.00 13.47 ? 93  VAL A CB  1 
ATOM   675  C CG1 . VAL A 1 93  ? -4.398  -7.651  4.166   1.00 14.40 ? 93  VAL A CG1 1 
ATOM   676  C CG2 . VAL A 1 93  ? -6.840  -8.309  4.040   1.00 17.24 ? 93  VAL A CG2 1 
ATOM   677  N N   . TYR A 1 94  ? -4.121  -4.749  2.505   1.00 11.64 ? 94  TYR A N   1 
ATOM   678  C CA  . TYR A 1 94  ? -2.990  -4.103  1.838   1.00 12.87 ? 94  TYR A CA  1 
ATOM   679  C C   . TYR A 1 94  ? -1.688  -4.585  2.482   1.00 13.21 ? 94  TYR A C   1 
ATOM   680  O O   . TYR A 1 94  ? -1.545  -4.541  3.706   1.00 13.89 ? 94  TYR A O   1 
ATOM   681  C CB  . TYR A 1 94  ? -3.083  -2.572  1.957   1.00 12.03 ? 94  TYR A CB  1 
ATOM   682  C CG  . TYR A 1 94  ? -4.129  -2.024  1.006   1.00 11.50 ? 94  TYR A CG  1 
ATOM   683  C CD1 . TYR A 1 94  ? -5.480  -2.159  1.282   1.00 11.70 ? 94  TYR A CD1 1 
ATOM   684  C CD2 . TYR A 1 94  ? -3.758  -1.383  -0.165  1.00 11.82 ? 94  TYR A CD2 1 
ATOM   685  C CE1 . TYR A 1 94  ? -6.434  -1.686  0.360   1.00 12.55 ? 94  TYR A CE1 1 
ATOM   686  C CE2 . TYR A 1 94  ? -4.706  -0.890  -1.079  1.00 12.19 ? 94  TYR A CE2 1 
ATOM   687  C CZ  . TYR A 1 94  ? -6.034  -1.074  -0.802  1.00 12.20 ? 94  TYR A CZ  1 
ATOM   688  O OH  . TYR A 1 94  ? -6.951  -0.599  -1.718  1.00 13.55 ? 94  TYR A OH  1 
ATOM   689  N N   . TYR A 1 95  ? -0.776  -5.051  1.642   1.00 13.06 ? 95  TYR A N   1 
ATOM   690  C CA  . TYR A 1 95  ? 0.507   -5.609  2.110   1.00 12.84 ? 95  TYR A CA  1 
ATOM   691  C C   . TYR A 1 95  ? 1.660   -4.779  1.573   1.00 12.90 ? 95  TYR A C   1 
ATOM   692  O O   . TYR A 1 95  ? 1.750   -4.509  0.382   1.00 13.74 ? 95  TYR A O   1 
ATOM   693  C CB  . TYR A 1 95  ? 0.729   -7.025  1.576   1.00 14.49 ? 95  TYR A CB  1 
ATOM   694  C CG  . TYR A 1 95  ? -0.363  -8.020  1.866   1.00 13.96 ? 95  TYR A CG  1 
ATOM   695  C CD1 . TYR A 1 95  ? -1.464  -8.137  1.035   1.00 14.86 ? 95  TYR A CD1 1 
ATOM   696  C CD2 . TYR A 1 95  ? -0.279  -8.867  2.956   1.00 15.28 ? 95  TYR A CD2 1 
ATOM   697  C CE1 . TYR A 1 95  ? -2.465  -9.057  1.291   1.00 16.20 ? 95  TYR A CE1 1 
ATOM   698  C CE2 . TYR A 1 95  ? -1.273  -9.792  3.229   1.00 16.63 ? 95  TYR A CE2 1 
ATOM   699  C CZ  . TYR A 1 95  ? -2.369  -9.884  2.394   1.00 16.90 ? 95  TYR A CZ  1 
ATOM   700  O OH  . TYR A 1 95  ? -3.353  -10.792 2.653   1.00 21.82 ? 95  TYR A OH  1 
ATOM   701  N N   . CYS A 1 96  ? 2.527   -4.373  2.482   1.00 12.80 ? 96  CYS A N   1 
ATOM   702  C CA  . CYS A 1 96  ? 3.746   -3.720  1.967   1.00 13.06 ? 96  CYS A CA  1 
ATOM   703  C C   . CYS A 1 96  ? 4.793   -4.773  1.613   1.00 12.83 ? 96  CYS A C   1 
ATOM   704  O O   . CYS A 1 96  ? 4.735   -5.892  2.112   1.00 13.07 ? 96  CYS A O   1 
ATOM   705  C CB  . CYS A 1 96  ? 4.285   -2.648  2.892   1.00 18.00 ? 96  CYS A CB  1 
ATOM   706  S SG  . CYS A 1 96  ? 4.854   -3.196  4.516   1.00 22.61 ? 96  CYS A SG  1 
ATOM   707  N N   . ALA A 1 97  ? 5.684   -4.378  0.730   1.00 12.89 ? 97  ALA A N   1 
ATOM   708  C CA  . ALA A 1 97  ? 6.725   -5.297  0.253   1.00 12.66 ? 97  ALA A CA  1 
ATOM   709  C C   . ALA A 1 97  ? 8.005   -4.503  0.022   1.00 12.62 ? 97  ALA A C   1 
ATOM   710  O O   . ALA A 1 97  ? 7.944   -3.331  -0.336  1.00 13.56 ? 97  ALA A O   1 
ATOM   711  C CB  . ALA A 1 97  ? 6.283   -6.000  -1.009  1.00 15.17 ? 97  ALA A CB  1 
ATOM   712  N N   . ALA A 1 98  ? 9.128   -5.176  0.206   1.00 13.73 ? 98  ALA A N   1 
ATOM   713  C CA  . ALA A 1 98  ? 10.440  -4.537  -0.013  1.00 13.95 ? 98  ALA A CA  1 
ATOM   714  C C   . ALA A 1 98  ? 11.337  -5.567  -0.690  1.00 12.89 ? 98  ALA A C   1 
ATOM   715  O O   . ALA A 1 98  ? 11.329  -6.724  -0.285  1.00 13.67 ? 98  ALA A O   1 
ATOM   716  C CB  . ALA A 1 98  ? 11.043  -4.096  1.281   1.00 14.96 ? 98  ALA A CB  1 
ATOM   717  N N   . ASP A 1 99  ? 12.080  -5.107  -1.676  1.00 13.81 ? 99  ASP A N   1 
ATOM   718  C CA  . ASP A 1 99  ? 12.940  -6.034  -2.446  1.00 14.22 ? 99  ASP A CA  1 
ATOM   719  C C   . ASP A 1 99  ? 14.379  -6.020  -1.942  1.00 15.95 ? 99  ASP A C   1 
ATOM   720  O O   . ASP A 1 99  ? 14.802  -5.059  -1.311  1.00 17.20 ? 99  ASP A O   1 
ATOM   721  C CB  . ASP A 1 99  ? 12.867  -5.733  -3.947  1.00 14.51 ? 99  ASP A CB  1 
ATOM   722  C CG  . ASP A 1 99  ? 11.524  -6.139  -4.524  1.00 15.03 ? 99  ASP A CG  1 
ATOM   723  O OD1 . ASP A 1 99  ? 10.696  -6.638  -3.752  1.00 16.36 ? 99  ASP A OD1 1 
ATOM   724  O OD2 . ASP A 1 99  ? 11.327  -5.955  -5.722  1.00 17.47 ? 99  ASP A OD2 1 
ATOM   725  N N   . GLN A 1 100 ? 15.071  -7.093  -2.253  1.00 15.93 ? 100 GLN A N   1 
ATOM   726  C CA  . GLN A 1 100 ? 16.489  -7.214  -1.881  1.00 18.40 ? 100 GLN A CA  1 
ATOM   727  C C   . GLN A 1 100 ? 17.181  -7.983  -2.990  1.00 19.29 ? 100 GLN A C   1 
ATOM   728  O O   . GLN A 1 100 ? 16.521  -8.647  -3.783  1.00 19.24 ? 100 GLN A O   1 
ATOM   729  C CB  . GLN A 1 100 ? 16.665  -8.043  -0.614  1.00 21.61 ? 100 GLN A CB  1 
ATOM   730  C CG  . GLN A 1 100 ? 16.741  -9.543  -0.881  1.00 29.06 ? 100 GLN A CG  1 
ATOM   731  C CD  . GLN A 1 100 ? 17.453  -10.304 0.212   1.00 32.36 ? 100 GLN A CD  1 
ATOM   732  O OE1 . GLN A 1 100 ? 17.505  -9.871  1.355   1.00 40.25 ? 100 GLN A OE1 1 
ATOM   733  N NE2 . GLN A 1 100 ? 18.017  -11.449 -0.137  1.00 36.97 ? 100 GLN A NE2 1 
ATOM   734  N N   . ASP A 1 101 ? 18.500  -7.887  -2.975  1.00 20.05 ? 101 ASP A N   1 
ATOM   735  C CA  . ASP A 1 101 ? 19.308  -8.662  -3.925  1.00 21.55 ? 101 ASP A CA  1 
ATOM   736  C C   . ASP A 1 101 ? 19.359  -10.108 -3.430  1.00 18.04 ? 101 ASP A C   1 
ATOM   737  O O   . ASP A 1 101 ? 19.606  -10.313 -2.245  1.00 20.84 ? 101 ASP A O   1 
ATOM   738  C CB  . ASP A 1 101 ? 20.730  -8.103  -3.982  1.00 30.00 ? 101 ASP A CB  1 
ATOM   739  C CG  . ASP A 1 101 ? 20.841  -6.698  -4.544  1.00 30.00 ? 101 ASP A CG  1 
ATOM   740  O OD1 . ASP A 1 101 ? 19.844  -6.211  -5.100  1.00 30.00 ? 101 ASP A OD1 1 
ATOM   741  O OD2 . ASP A 1 101 ? 21.940  -6.112  -4.426  1.00 30.00 ? 101 ASP A OD2 1 
ATOM   742  N N   . GLY A 1 102 ? 19.091  -11.041 -4.319  1.00 16.99 ? 102 GLY A N   1 
ATOM   743  C CA  . GLY A 1 102 ? 19.219  -12.457 -3.947  1.00 19.21 ? 102 GLY A CA  1 
ATOM   744  C C   . GLY A 1 102 ? 17.965  -13.042 -3.346  1.00 17.58 ? 102 GLY A C   1 
ATOM   745  O O   . GLY A 1 102 ? 17.186  -12.303 -2.768  1.00 16.05 ? 102 GLY A O   1 
ATOM   746  N N   . TYR A 1 103 ? 17.813  -14.351 -3.498  1.00 17.27 ? 103 TYR A N   1 
ATOM   747  C CA  . TYR A 1 103 ? 16.674  -15.046 -2.869  1.00 15.53 ? 103 TYR A CA  1 
ATOM   748  C C   . TYR A 1 103 ? 16.647  -14.631 -1.397  1.00 15.79 ? 103 TYR A C   1 
ATOM   749  O O   . TYR A 1 103 ? 17.723  -14.611 -0.794  1.00 17.76 ? 103 TYR A O   1 
ATOM   750  C CB  . TYR A 1 103 ? 16.835  -16.559 -3.041  1.00 18.52 ? 103 TYR A CB  1 
ATOM   751  C CG  . TYR A 1 103 ? 15.711  -17.319 -2.392  1.00 16.81 ? 103 TYR A CG  1 
ATOM   752  C CD1 . TYR A 1 103 ? 15.737  -17.615 -1.042  1.00 17.73 ? 103 TYR A CD1 1 
ATOM   753  C CD2 . TYR A 1 103 ? 14.582  -17.664 -3.110  1.00 17.47 ? 103 TYR A CD2 1 
ATOM   754  C CE1 . TYR A 1 103 ? 14.686  -18.266 -0.423  1.00 18.38 ? 103 TYR A CE1 1 
ATOM   755  C CE2 . TYR A 1 103 ? 13.525  -18.321 -2.511  1.00 16.39 ? 103 TYR A CE2 1 
ATOM   756  C CZ  . TYR A 1 103 ? 13.574  -18.618 -1.163  1.00 17.62 ? 103 TYR A CZ  1 
ATOM   757  O OH  . TYR A 1 103 ? 12.525  -19.251 -0.572  1.00 18.60 ? 103 TYR A OH  1 
ATOM   758  N N   . PRO A 1 104 ? 15.488  -14.322 -0.774  1.00 15.26 ? 104 PRO A N   1 
ATOM   759  C CA  . PRO A 1 104 ? 14.153  -14.581 -1.344  1.00 15.55 ? 104 PRO A CA  1 
ATOM   760  C C   . PRO A 1 104 ? 13.589  -13.437 -2.200  1.00 14.17 ? 104 PRO A C   1 
ATOM   761  O O   . PRO A 1 104 ? 12.414  -13.481 -2.470  1.00 14.13 ? 104 PRO A O   1 
ATOM   762  C CB  . PRO A 1 104 ? 13.350  -14.776 -0.057  1.00 16.12 ? 104 PRO A CB  1 
ATOM   763  C CG  . PRO A 1 104 ? 13.935  -13.768 0.890   1.00 18.84 ? 104 PRO A CG  1 
ATOM   764  C CD  . PRO A 1 104 ? 15.413  -13.802 0.588   1.00 16.96 ? 104 PRO A CD  1 
ATOM   765  N N   . TYR A 1 105 ? 14.409  -12.445 -2.545  1.00 14.03 ? 105 TYR A N   1 
ATOM   766  C CA  . TYR A 1 105 ? 14.044  -11.369 -3.513  1.00 14.83 ? 105 TYR A CA  1 
ATOM   767  C C   . TYR A 1 105 ? 13.083  -10.316 -2.964  1.00 13.81 ? 105 TYR A C   1 
ATOM   768  O O   . TYR A 1 105 ? 13.230  -9.151  -3.333  1.00 14.77 ? 105 TYR A O   1 
ATOM   769  C CB  . TYR A 1 105 ? 13.457  -11.953 -4.808  1.00 17.64 ? 105 TYR A CB  1 
ATOM   770  C CG  . TYR A 1 105 ? 14.165  -13.165 -5.344  1.00 16.84 ? 105 TYR A CG  1 
ATOM   771  C CD1 . TYR A 1 105 ? 15.450  -13.087 -5.855  1.00 18.78 ? 105 TYR A CD1 1 
ATOM   772  C CD2 . TYR A 1 105 ? 13.533  -14.393 -5.347  1.00 18.61 ? 105 TYR A CD2 1 
ATOM   773  C CE1 . TYR A 1 105 ? 16.085  -14.208 -6.363  1.00 20.07 ? 105 TYR A CE1 1 
ATOM   774  C CE2 . TYR A 1 105 ? 14.153  -15.521 -5.846  1.00 21.28 ? 105 TYR A CE2 1 
ATOM   775  C CZ  . TYR A 1 105 ? 15.433  -15.429 -6.353  1.00 22.26 ? 105 TYR A CZ  1 
ATOM   776  O OH  . TYR A 1 105 ? 16.026  -16.556 -6.839  1.00 27.15 ? 105 TYR A OH  1 
ATOM   777  N N   . GLU A 1 106 ? 12.138  -10.725 -2.137  1.00 15.11 ? 106 GLU A N   1 
ATOM   778  C CA  . GLU A 1 106 ? 11.093  -9.794  -1.676  1.00 13.19 ? 106 GLU A CA  1 
ATOM   779  C C   . GLU A 1 106 ? 10.575  -10.249 -0.317  1.00 12.97 ? 106 GLU A C   1 
ATOM   780  O O   . GLU A 1 106 ? 10.442  -11.442 -0.095  1.00 14.58 ? 106 GLU A O   1 
ATOM   781  C CB  . GLU A 1 106 ? 9.977   -9.783  -2.718  1.00 12.70 ? 106 GLU A CB  1 
ATOM   782  C CG  . GLU A 1 106 ? 8.852   -8.810  -2.438  1.00 13.08 ? 106 GLU A CG  1 
ATOM   783  C CD  . GLU A 1 106 ? 8.040   -8.544  -3.693  1.00 13.12 ? 106 GLU A CD  1 
ATOM   784  O OE1 . GLU A 1 106 ? 8.510   -7.778  -4.541  1.00 15.56 ? 106 GLU A OE1 1 
ATOM   785  O OE2 . GLU A 1 106 ? 6.959   -9.131  -3.832  1.00 14.18 ? 106 GLU A OE2 1 
ATOM   786  N N   . TYR A 1 107 ? 10.325  -9.272  0.544   1.00 13.01 ? 107 TYR A N   1 
ATOM   787  C CA  . TYR A 1 107 ? 9.737   -9.533  1.869   1.00 13.68 ? 107 TYR A CA  1 
ATOM   788  C C   . TYR A 1 107 ? 8.366   -8.867  1.872   1.00 15.42 ? 107 TYR A C   1 
ATOM   789  O O   . TYR A 1 107 ? 8.214   -7.829  1.256   1.00 15.03 ? 107 TYR A O   1 
ATOM   790  C CB  . TYR A 1 107 ? 10.638  -9.015  2.992   1.00 15.88 ? 107 TYR A CB  1 
ATOM   791  C CG  . TYR A 1 107 ? 11.941  -9.762  3.083   1.00 16.60 ? 107 TYR A CG  1 
ATOM   792  C CD1 . TYR A 1 107 ? 13.024  -9.401  2.302   1.00 18.78 ? 107 TYR A CD1 1 
ATOM   793  C CD2 . TYR A 1 107 ? 12.073  -10.857 3.915   1.00 18.31 ? 107 TYR A CD2 1 
ATOM   794  C CE1 . TYR A 1 107 ? 14.221  -10.092 2.369   1.00 20.19 ? 107 TYR A CE1 1 
ATOM   795  C CE2 . TYR A 1 107 ? 13.263  -11.556 3.997   1.00 20.25 ? 107 TYR A CE2 1 
ATOM   796  C CZ  . TYR A 1 107 ? 14.338  -11.171 3.222   1.00 18.37 ? 107 TYR A CZ  1 
ATOM   797  O OH  . TYR A 1 107 ? 15.510  -11.861 3.300   1.00 23.43 ? 107 TYR A OH  1 
ATOM   798  N N   . TRP A 1 108 ? 7.416   -9.513  2.519   1.00 16.20 ? 108 TRP A N   1 
ATOM   799  C CA  . TRP A 1 108 ? 6.032   -9.000  2.615   1.00 15.25 ? 108 TRP A CA  1 
ATOM   800  C C   . TRP A 1 108 ? 5.681   -8.715  4.067   1.00 16.90 ? 108 TRP A C   1 
ATOM   801  O O   . TRP A 1 108 ? 6.123   -9.454  4.957   1.00 17.18 ? 108 TRP A O   1 
ATOM   802  C CB  . TRP A 1 108 ? 5.070   -10.052 2.044   1.00 18.99 ? 108 TRP A CB  1 
ATOM   803  C CG  . TRP A 1 108 ? 4.947   -10.115 0.551   1.00 17.54 ? 108 TRP A CG  1 
ATOM   804  C CD1 . TRP A 1 108 ? 5.955   -10.270 -0.355  1.00 23.61 ? 108 TRP A CD1 1 
ATOM   805  C CD2 . TRP A 1 108 ? 3.732   -10.053 -0.219  1.00 17.30 ? 108 TRP A CD2 1 
ATOM   806  N NE1 . TRP A 1 108 ? 5.453   -10.307 -1.626  1.00 18.20 ? 108 TRP A NE1 1 
ATOM   807  C CE2 . TRP A 1 108 ? 4.092   -10.174 -1.577  1.00 17.26 ? 108 TRP A CE2 1 
ATOM   808  C CE3 . TRP A 1 108 ? 2.378   -9.912  0.103   1.00 20.44 ? 108 TRP A CE3 1 
ATOM   809  C CZ2 . TRP A 1 108 ? 3.152   -10.152 -2.604  1.00 17.33 ? 108 TRP A CZ2 1 
ATOM   810  C CZ3 . TRP A 1 108 ? 1.449   -9.889  -0.912  1.00 19.94 ? 108 TRP A CZ3 1 
ATOM   811  C CH2 . TRP A 1 108 ? 1.832   -10.002 -2.248  1.00 19.26 ? 108 TRP A CH2 1 
ATOM   812  N N   . GLY A 1 109 ? 4.900   -7.673  4.292   1.00 16.08 ? 109 GLY A N   1 
ATOM   813  C CA  . GLY A 1 109 ? 4.357   -7.457  5.634   1.00 14.75 ? 109 GLY A CA  1 
ATOM   814  C C   . GLY A 1 109 ? 3.160   -8.375  5.837   1.00 13.97 ? 109 GLY A C   1 
ATOM   815  O O   . GLY A 1 109 ? 2.746   -9.056  4.901   1.00 15.72 ? 109 GLY A O   1 
ATOM   816  N N   . GLN A 1 110 ? 2.626   -8.347  7.043   1.00 14.97 ? 110 GLN A N   1 
ATOM   817  C CA  . GLN A 1 110 ? 1.483   -9.200  7.347   1.00 15.75 ? 110 GLN A CA  1 
ATOM   818  C C   . GLN A 1 110 ? 0.159   -8.648  6.830   1.00 16.68 ? 110 GLN A C   1 
ATOM   819  O O   . GLN A 1 110 ? -0.830  -9.392  6.822   1.00 16.47 ? 110 GLN A O   1 
ATOM   820  C CB  . GLN A 1 110 ? 1.372   -9.434  8.849   1.00 18.15 ? 110 GLN A CB  1 
ATOM   821  C CG  . GLN A 1 110 ? 2.484   -10.357 9.401   1.00 24.20 ? 110 GLN A CG  1 
ATOM   822  C CD  . GLN A 1 110 ? 2.246   -11.839 9.120   1.00 30.79 ? 110 GLN A CD  1 
ATOM   823  O OE1 . GLN A 1 110 ? 1.234   -12.223 8.531   1.00 41.39 ? 110 GLN A OE1 1 
ATOM   824  N NE2 . GLN A 1 110 ? 3.175   -12.686 9.571   1.00 40.11 ? 110 GLN A NE2 1 
ATOM   825  N N   . GLY A 1 111 ? 0.117   -7.381  6.419   1.00 14.15 ? 111 GLY A N   1 
ATOM   826  C CA  . GLY A 1 111 ? -1.094  -6.812  5.840   1.00 14.30 ? 111 GLY A CA  1 
ATOM   827  C C   . GLY A 1 111 ? -1.903  -6.003  6.833   1.00 14.76 ? 111 GLY A C   1 
ATOM   828  O O   . GLY A 1 111 ? -1.898  -6.245  8.038   1.00 16.21 ? 111 GLY A O   1 
ATOM   829  N N   . THR A 1 112 ? -2.620  -5.013  6.305   1.00 13.50 ? 112 THR A N   1 
ATOM   830  C CA  . THR A 1 112 ? -3.543  -4.205  7.086   1.00 13.20 ? 112 THR A CA  1 
ATOM   831  C C   . THR A 1 112 ? -4.864  -4.070  6.323   1.00 13.56 ? 112 THR A C   1 
ATOM   832  O O   . THR A 1 112 ? -4.889  -3.867  5.100   1.00 13.40 ? 112 THR A O   1 
ATOM   833  C CB  . THR A 1 112 ? -2.928  -2.832  7.424   1.00 14.50 ? 112 THR A CB  1 
ATOM   834  O OG1 . THR A 1 112 ? -3.830  -2.148  8.279   1.00 15.93 ? 112 THR A OG1 1 
ATOM   835  C CG2 . THR A 1 112 ? -2.686  -1.925  6.211   1.00 15.96 ? 112 THR A CG2 1 
ATOM   836  N N   . GLN A 1 113 ? -5.979  -4.195  7.038   1.00 13.98 ? 113 GLN A N   1 
ATOM   837  C CA  . GLN A 1 113 ? -7.296  -4.106  6.420   1.00 13.27 ? 113 GLN A CA  1 
ATOM   838  C C   . GLN A 1 113 ? -7.684  -2.666  6.169   1.00 12.77 ? 113 GLN A C   1 
ATOM   839  O O   . GLN A 1 113 ? -7.583  -1.812  7.061   1.00 13.70 ? 113 GLN A O   1 
ATOM   840  C CB  . GLN A 1 113 ? -8.348  -4.722  7.346   1.00 15.47 ? 113 GLN A CB  1 
ATOM   841  C CG  . GLN A 1 113 ? -9.807  -4.722  6.791   1.00 15.85 ? 113 GLN A CG  1 
ATOM   842  C CD  . GLN A 1 113 ? -9.963  -5.585  5.589   1.00 16.67 ? 113 GLN A CD  1 
ATOM   843  O OE1 . GLN A 1 113 ? -9.544  -6.755  5.624   1.00 22.37 ? 113 GLN A OE1 1 
ATOM   844  N NE2 . GLN A 1 113 ? -10.573 -5.099  4.548   1.00 17.47 ? 113 GLN A NE2 1 
ATOM   845  N N   . VAL A 1 114 ? -8.139  -2.407  4.946   1.00 12.73 ? 114 VAL A N   1 
ATOM   846  C CA  . VAL A 1 114 ? -8.766  -1.144  4.559   1.00 13.79 ? 114 VAL A CA  1 
ATOM   847  C C   . VAL A 1 114 ? -10.173 -1.470  4.076   1.00 13.40 ? 114 VAL A C   1 
ATOM   848  O O   . VAL A 1 114 ? -10.349 -2.335  3.211   1.00 14.67 ? 114 VAL A O   1 
ATOM   849  C CB  . VAL A 1 114 ? -7.964  -0.437  3.455   1.00 13.71 ? 114 VAL A CB  1 
ATOM   850  C CG1 . VAL A 1 114 ? -8.714  0.810   2.961   1.00 17.34 ? 114 VAL A CG1 1 
ATOM   851  C CG2 . VAL A 1 114 ? -6.554  -0.124  3.977   1.00 14.97 ? 114 VAL A CG2 1 
ATOM   852  N N   . THR A 1 115 ? -11.152 -0.754  4.637   1.00 13.99 ? 115 THR A N   1 
ATOM   853  C CA  . THR A 1 115 ? -12.574 -0.937  4.267   1.00 13.70 ? 115 THR A CA  1 
ATOM   854  C C   . THR A 1 115 ? -13.142 0.412   3.821   1.00 14.22 ? 115 THR A C   1 
ATOM   855  O O   . THR A 1 115 ? -12.942 1.391   4.517   1.00 14.45 ? 115 THR A O   1 
ATOM   856  C CB  . THR A 1 115 ? -13.387 -1.530  5.420   1.00 14.13 ? 115 THR A CB  1 
ATOM   857  O OG1 . THR A 1 115 ? -12.765 -2.751  5.813   1.00 17.32 ? 115 THR A OG1 1 
ATOM   858  C CG2 . THR A 1 115 ? -14.820 -1.816  5.038   1.00 16.46 ? 115 THR A CG2 1 
ATOM   859  N N   . VAL A 1 116 ? -13.778 0.417   2.659   1.00 12.95 ? 116 VAL A N   1 
ATOM   860  C CA  . VAL A 1 116 ? -14.390 1.653   2.124   1.00 13.59 ? 116 VAL A CA  1 
ATOM   861  C C   . VAL A 1 116 ? -15.888 1.396   2.018   1.00 13.85 ? 116 VAL A C   1 
ATOM   862  O O   . VAL A 1 116 ? -16.283 0.530   1.256   1.00 14.90 ? 116 VAL A O   1 
ATOM   863  C CB  . VAL A 1 116 ? -13.778 2.069   0.778   1.00 13.24 ? 116 VAL A CB  1 
ATOM   864  C CG1 . VAL A 1 116 ? -14.304 3.438   0.386   1.00 15.16 ? 116 VAL A CG1 1 
ATOM   865  C CG2 . VAL A 1 116 ? -12.259 2.096   0.838   1.00 15.10 ? 116 VAL A CG2 1 
ATOM   866  N N   . SER A 1 117 ? -16.657 2.165   2.766   1.00 15.32 ? 117 SER A N   1 
ATOM   867  C CA  . SER A 1 117 ? -18.121 1.944   2.803   1.00 15.97 ? 117 SER A CA  1 
ATOM   868  C C   . SER A 1 117 ? -18.846 2.537   1.593   1.00 14.90 ? 117 SER A C   1 
ATOM   869  O O   . SER A 1 117 ? -18.480 3.598   1.121   1.00 17.02 ? 117 SER A O   1 
ATOM   870  C CB  . SER A 1 117 ? -18.700 2.467   4.073   1.00 19.83 ? 117 SER A CB  1 
ATOM   871  O OG  . SER A 1 117 ? -18.410 3.830   4.219   1.00 23.33 ? 117 SER A OG  1 
ATOM   872  N N   . SER A 1 118 ? -19.891 1.840   1.190   1.00 18.20 ? 118 SER A N   1 
ATOM   873  C CA  . SER A 1 118 ? -20.722 2.283   0.046   1.00 15.83 ? 118 SER A CA  1 
ATOM   874  C C   . SER A 1 118 ? -21.789 3.271   0.523   1.00 17.08 ? 118 SER A C   1 
ATOM   875  O O   . SER A 1 118 ? -21.974 3.428   1.728   1.00 18.49 ? 118 SER A O   1 
ATOM   876  C CB  . SER A 1 118 ? -21.335 1.089   -0.603  1.00 18.26 ? 118 SER A CB  1 
ATOM   877  O OG  . SER A 1 118 ? -22.243 0.445   0.264   1.00 19.77 ? 118 SER A OG  1 
ATOM   878  N N   . LEU A 1 119 ? -22.475 3.902   -0.421  1.00 15.51 ? 119 LEU A N   1 
ATOM   879  C CA  . LEU A 1 119 ? -23.440 4.969   -0.052  1.00 17.21 ? 119 LEU A CA  1 
ATOM   880  C C   . LEU A 1 119 ? -24.654 4.380   0.670   1.00 18.71 ? 119 LEU A C   1 
ATOM   881  O O   . LEU A 1 119 ? -25.318 5.127   1.355   1.00 19.41 ? 119 LEU A O   1 
ATOM   882  C CB  . LEU A 1 119 ? -23.835 5.738   -1.317  1.00 18.41 ? 119 LEU A CB  1 
ATOM   883  C CG  . LEU A 1 119 ? -24.414 4.921   -2.472  1.00 15.57 ? 119 LEU A CG  1 
ATOM   884  C CD1 . LEU A 1 119 ? -25.922 4.780   -2.339  1.00 17.37 ? 119 LEU A CD1 1 
ATOM   885  C CD2 . LEU A 1 119 ? -24.063 5.566   -3.802  1.00 21.61 ? 119 LEU A CD2 1 
ATOM   886  N N   . GLU A 1 120 ? -24.900 3.093   0.511   1.00 17.80 ? 120 GLU A N   1 
ATOM   887  C CA  . GLU A 1 120 ? -26.053 2.449   1.177   1.00 21.10 ? 120 GLU A CA  1 
ATOM   888  C C   . GLU A 1 120 ? -25.939 2.659   2.691   1.00 22.45 ? 120 GLU A C   1 
ATOM   889  O O   . GLU A 1 120 ? -26.971 2.721   3.345   1.00 27.93 ? 120 GLU A O   1 
ATOM   890  C CB  . GLU A 1 120 ? -26.083 0.963   0.819   1.00 24.26 ? 120 GLU A CB  1 
ATOM   891  C CG  . GLU A 1 120 ? -27.321 0.237   1.301   1.00 30.25 ? 120 GLU A CG  1 
ATOM   892  C CD  . GLU A 1 120 ? -28.381 0.062   0.229   1.00 34.48 ? 120 GLU A CD  1 
ATOM   893  O OE1 . GLU A 1 120 ? -28.097 -0.606  -0.793  1.00 31.28 ? 120 GLU A OE1 1 
ATOM   894  O OE2 . GLU A 1 120 ? -29.492 0.583   0.423   1.00 39.20 ? 120 GLU A OE2 1 
ATOM   895  N N   . SER A 1 121 ? -24.722 2.763   3.215   1.00 24.44 ? 121 SER A N   1 
ATOM   896  C CA  . SER A 1 121 ? -24.492 2.898   4.680   1.00 26.80 ? 121 SER A CA  1 
ATOM   897  C C   . SER A 1 121 ? -24.380 4.361   5.110   1.00 25.73 ? 121 SER A C   1 
ATOM   898  O O   . SER A 1 121 ? -24.186 4.604   6.299   1.00 29.66 ? 121 SER A O   1 
ATOM   899  C CB  . SER A 1 121 ? -23.236 2.146   5.026   1.00 31.34 ? 121 SER A CB  1 
ATOM   900  O OG  . SER A 1 121 ? -22.089 2.826   4.565   1.00 33.44 ? 121 SER A OG  1 
ATOM   901  N N   . ALA A 1 122 ? -24.512 5.297   4.187   1.00 24.67 ? 122 ALA A N   1 
ATOM   902  C CA  . ALA A 1 122 ? -24.244 6.708   4.534   1.00 27.00 ? 122 ALA A CA  1 
ATOM   903  C C   . ALA A 1 122 ? -25.385 7.312   5.347   1.00 21.84 ? 122 ALA A C   1 
ATOM   904  O O   . ALA A 1 122 ? -25.212 8.405   5.883   1.00 25.51 ? 122 ALA A O   1 
ATOM   905  C CB  . ALA A 1 122 ? -23.998 7.510   3.286   1.00 28.30 ? 122 ALA A CB  1 
ATOM   906  N N   . TRP A 1 123 ? -26.509 6.608   5.404   1.00 24.63 ? 123 TRP A N   1 
ATOM   907  C CA  . TRP A 1 123 ? -27.651 7.098   6.208   1.00 27.97 ? 123 TRP A CA  1 
ATOM   908  C C   . TRP A 1 123 ? -28.517 5.922   6.636   1.00 29.67 ? 123 TRP A C   1 
ATOM   909  O O   . TRP A 1 123 ? -28.460 4.863   6.016   1.00 27.71 ? 123 TRP A O   1 
ATOM   910  C CB  . TRP A 1 123 ? -28.446 8.174   5.462   1.00 30.00 ? 123 TRP A CB  1 
ATOM   911  C CG  . TRP A 1 123 ? -29.520 7.700   4.534   1.00 30.00 ? 123 TRP A CG  1 
ATOM   912  C CD1 . TRP A 1 123 ? -30.863 7.887   4.681   1.00 30.00 ? 123 TRP A CD1 1 
ATOM   913  C CD2 . TRP A 1 123 ? -29.345 7.020   3.280   1.00 30.00 ? 123 TRP A CD2 1 
ATOM   914  N NE1 . TRP A 1 123 ? -31.537 7.356   3.617   1.00 30.00 ? 123 TRP A NE1 1 
ATOM   915  C CE2 . TRP A 1 123 ? -30.632 6.823   2.740   1.00 30.00 ? 123 TRP A CE2 1 
ATOM   916  C CE3 . TRP A 1 123 ? -28.237 6.559   2.563   1.00 30.00 ? 123 TRP A CE3 1 
ATOM   917  C CZ2 . TRP A 1 123 ? -30.839 6.175   1.526   1.00 30.00 ? 123 TRP A CZ2 1 
ATOM   918  C CZ3 . TRP A 1 123 ? -28.443 5.921   1.361   1.00 30.00 ? 123 TRP A CZ3 1 
ATOM   919  C CH2 . TRP A 1 123 ? -29.727 5.730   0.854   1.00 30.00 ? 123 TRP A CH2 1 
ATOM   920  N N   . SER A 1 124 ? -29.268 6.130   7.703   1.00 33.13 ? 124 SER A N   1 
ATOM   921  C CA  . SER A 1 124 ? -30.100 5.041   8.252   1.00 32.22 ? 124 SER A CA  1 
ATOM   922  C C   . SER A 1 124 ? -31.397 4.957   7.446   1.00 33.98 ? 124 SER A C   1 
ATOM   923  O O   . SER A 1 124 ? -32.063 5.985   7.318   1.00 31.43 ? 124 SER A O   1 
ATOM   924  C CB  . SER A 1 124 ? -30.337 5.299   9.718   1.00 37.01 ? 124 SER A CB  1 
ATOM   925  O OG  . SER A 1 124 ? -29.144 5.119   10.459  1.00 39.59 ? 124 SER A OG  1 
ATOM   926  N N   . HIS A 1 125 ? -31.693 3.779   6.905   1.00 29.45 ? 125 HIS A N   1 
ATOM   927  C CA  . HIS A 1 125 ? -32.910 3.596   6.074   1.00 34.24 ? 125 HIS A CA  1 
ATOM   928  C C   . HIS A 1 125 ? -33.263 2.105   5.946   1.00 41.93 ? 125 HIS A C   1 
ATOM   929  O O   . HIS A 1 125 ? -32.398 1.277   6.211   1.00 32.44 ? 125 HIS A O   1 
ATOM   930  C CB  . HIS A 1 125 ? -32.705 4.270   4.709   1.00 32.42 ? 125 HIS A CB  1 
ATOM   931  C CG  . HIS A 1 125 ? -31.702 3.571   3.862   1.00 28.18 ? 125 HIS A CG  1 
ATOM   932  N ND1 . HIS A 1 125 ? -30.354 3.834   3.950   1.00 25.72 ? 125 HIS A ND1 1 
ATOM   933  C CD2 . HIS A 1 125 ? -31.841 2.604   2.931   1.00 30.30 ? 125 HIS A CD2 1 
ATOM   934  C CE1 . HIS A 1 125 ? -29.710 3.073   3.095   1.00 31.08 ? 125 HIS A CE1 1 
ATOM   935  N NE2 . HIS A 1 125 ? -30.594 2.307   2.463   1.00 33.99 ? 125 HIS A NE2 1 
HETATM 936  S S   . SO4 B 2 .   ? 6.263   9.261   9.632   1.00 20.69 ? 201 SO4 A S   1 
HETATM 937  O O1  . SO4 B 2 .   ? 4.865   9.365   9.998   1.00 42.15 ? 201 SO4 A O1  1 
HETATM 938  O O2  . SO4 B 2 .   ? 7.186   9.230   10.788  1.00 22.84 ? 201 SO4 A O2  1 
HETATM 939  O O3  . SO4 B 2 .   ? 6.545   8.053   8.902   1.00 24.59 ? 201 SO4 A O3  1 
HETATM 940  O O4  . SO4 B 2 .   ? 6.708   10.334  8.764   1.00 26.34 ? 201 SO4 A O4  1 
HETATM 941  S S   . SO4 C 2 .   ? -11.859 8.143   -11.240 1.00 44.51 ? 202 SO4 A S   1 
HETATM 942  O O1  . SO4 C 2 .   ? -12.464 7.846   -9.951  1.00 51.53 ? 202 SO4 A O1  1 
HETATM 943  O O2  . SO4 C 2 .   ? -11.279 9.486   -11.215 1.00 43.62 ? 202 SO4 A O2  1 
HETATM 944  O O3  . SO4 C 2 .   ? -12.880 8.050   -12.281 1.00 54.17 ? 202 SO4 A O3  1 
HETATM 945  O O4  . SO4 C 2 .   ? -10.811 7.173   -11.538 1.00 54.23 ? 202 SO4 A O4  1 
HETATM 946  O O   . HOH D 3 .   ? -9.512  5.404   -10.664 1.00 29.50 ? 301 HOH A O   1 
HETATM 947  O O   . HOH D 3 .   ? -31.748 0.450   -0.338  1.00 25.40 ? 302 HOH A O   1 
HETATM 948  O O   . HOH D 3 .   ? 4.731   1.300   9.972   1.00 25.77 ? 303 HOH A O   1 
HETATM 949  O O   . HOH D 3 .   ? 2.218   10.131  2.057   1.00 28.23 ? 304 HOH A O   1 
HETATM 950  O O   . HOH D 3 .   ? 12.997  12.406  6.784   1.00 32.56 ? 305 HOH A O   1 
HETATM 951  O O   . HOH D 3 .   ? 5.688   11.071  1.789   1.00 32.16 ? 306 HOH A O   1 
HETATM 952  O O   . HOH D 3 .   ? 14.967  10.796  3.902   1.00 28.54 ? 307 HOH A O   1 
HETATM 953  O O   . HOH D 3 .   ? 3.891   9.195   -8.197  1.00 27.76 ? 308 HOH A O   1 
HETATM 954  O O   . HOH D 3 .   ? 4.166   -7.297  9.321   1.00 27.55 ? 309 HOH A O   1 
HETATM 955  O O   . HOH D 3 .   ? 5.963   9.713   -5.672  1.00 22.85 ? 310 HOH A O   1 
HETATM 956  O O   . HOH D 3 .   ? -16.558 11.239  0.971   1.00 27.14 ? 311 HOH A O   1 
HETATM 957  O O   . HOH D 3 .   ? -7.108  -2.155  9.670   1.00 19.39 ? 312 HOH A O   1 
HETATM 958  O O   . HOH D 3 .   ? -0.489  -3.411  10.656  1.00 23.16 ? 313 HOH A O   1 
HETATM 959  O O   . HOH D 3 .   ? -10.818 -9.028  5.016   1.00 34.58 ? 314 HOH A O   1 
HETATM 960  O O   . HOH D 3 .   ? 20.495  -8.863  -0.177  1.00 26.39 ? 315 HOH A O   1 
HETATM 961  O O   . HOH D 3 .   ? -0.826  -4.109  -11.123 1.00 23.70 ? 316 HOH A O   1 
HETATM 962  O O   . HOH D 3 .   ? -11.976 -2.334  8.338   1.00 24.66 ? 317 HOH A O   1 
HETATM 963  O O   . HOH D 3 .   ? -15.195 6.826   -11.710 1.00 26.05 ? 318 HOH A O   1 
HETATM 964  O O   . HOH D 3 .   ? -3.034  -12.537 4.671   1.00 37.49 ? 319 HOH A O   1 
HETATM 965  O O   . HOH D 3 .   ? 8.895   10.912  6.571   1.00 25.37 ? 320 HOH A O   1 
HETATM 966  O O   . HOH D 3 .   ? 14.242  5.475   -10.488 1.00 34.56 ? 321 HOH A O   1 
HETATM 967  O O   . HOH D 3 .   ? 12.362  1.577   9.430   1.00 18.42 ? 322 HOH A O   1 
HETATM 968  O O   . HOH D 3 .   ? 0.804   -1.533  12.859  1.00 29.78 ? 323 HOH A O   1 
HETATM 969  O O   . HOH D 3 .   ? -5.869  -11.589 2.076   1.00 35.16 ? 324 HOH A O   1 
HETATM 970  O O   . HOH D 3 .   ? 15.559  0.356   9.339   1.00 30.63 ? 325 HOH A O   1 
HETATM 971  O O   . HOH D 3 .   ? -5.062  11.879  -5.958  1.00 31.54 ? 326 HOH A O   1 
HETATM 972  O O   . HOH D 3 .   ? 5.470   11.260  6.531   1.00 32.96 ? 327 HOH A O   1 
HETATM 973  O O   . HOH D 3 .   ? -3.060  10.479  -3.894  1.00 23.32 ? 328 HOH A O   1 
HETATM 974  O O   . HOH D 3 .   ? -6.707  -9.028  -8.843  1.00 32.36 ? 329 HOH A O   1 
HETATM 975  O O   . HOH D 3 .   ? -8.564  4.688   10.355  1.00 26.59 ? 330 HOH A O   1 
HETATM 976  O O   . HOH D 3 .   ? -10.209 11.896  -0.945  1.00 17.00 ? 331 HOH A O   1 
HETATM 977  O O   . HOH D 3 .   ? 3.253   1.248   14.053  1.00 25.67 ? 332 HOH A O   1 
HETATM 978  O O   . HOH D 3 .   ? -7.423  5.156   -12.385 1.00 26.55 ? 333 HOH A O   1 
HETATM 979  O O   . HOH D 3 .   ? -4.399  -14.256 -4.789  1.00 22.44 ? 334 HOH A O   1 
HETATM 980  O O   . HOH D 3 .   ? -14.737 2.503   -10.296 1.00 29.42 ? 335 HOH A O   1 
HETATM 981  O O   . HOH D 3 .   ? -9.534  0.113   -7.512  1.00 17.85 ? 336 HOH A O   1 
HETATM 982  O O   . HOH D 3 .   ? 7.975   4.542   9.883   1.00 21.71 ? 337 HOH A O   1 
HETATM 983  O O   . HOH D 3 .   ? 2.649   9.310   -0.716  1.00 19.65 ? 338 HOH A O   1 
HETATM 984  O O   . HOH D 3 .   ? -7.016  -7.886  -5.135  1.00 21.53 ? 339 HOH A O   1 
HETATM 985  O O   . HOH D 3 .   ? -0.500  -0.152  -14.760 1.00 29.07 ? 340 HOH A O   1 
HETATM 986  O O   . HOH D 3 .   ? -11.140 2.684   -9.977  1.00 27.99 ? 341 HOH A O   1 
HETATM 987  O O   . HOH D 3 .   ? -17.227 -2.042  1.838   1.00 25.16 ? 342 HOH A O   1 
HETATM 988  O O   . HOH D 3 .   ? 16.032  6.406   10.999  1.00 25.86 ? 343 HOH A O   1 
HETATM 989  O O   . HOH D 3 .   ? -0.654  13.201  -4.988  1.00 27.02 ? 344 HOH A O   1 
HETATM 990  O O   . HOH D 3 .   ? -23.078 -1.833  -1.166  1.00 22.95 ? 345 HOH A O   1 
HETATM 991  O O   . HOH D 3 .   ? 19.896  -5.838  -1.637  1.00 27.28 ? 346 HOH A O   1 
HETATM 992  O O   . HOH D 3 .   ? 14.664  2.779   2.321   1.00 25.01 ? 347 HOH A O   1 
HETATM 993  O O   . HOH D 3 .   ? -3.539  -9.365  7.598   1.00 22.48 ? 348 HOH A O   1 
HETATM 994  O O   . HOH D 3 .   ? 8.634   -13.349 -1.162  1.00 14.93 ? 349 HOH A O   1 
HETATM 995  O O   . HOH D 3 .   ? -0.034  6.086   8.061   1.00 27.48 ? 350 HOH A O   1 
HETATM 996  O O   . HOH D 3 .   ? 8.745   9.854   -5.271  1.00 22.07 ? 351 HOH A O   1 
HETATM 997  O O   . HOH D 3 .   ? -15.712 -11.536 -3.433  1.00 29.35 ? 352 HOH A O   1 
HETATM 998  O O   . HOH D 3 .   ? -0.344  10.291  -7.852  1.00 27.22 ? 353 HOH A O   1 
HETATM 999  O O   . HOH D 3 .   ? -1.256  7.872   -9.329  1.00 21.53 ? 354 HOH A O   1 
HETATM 1000 O O   . HOH D 3 .   ? -14.014 8.233   -5.085  1.00 22.38 ? 355 HOH A O   1 
HETATM 1001 O O   . HOH D 3 .   ? 17.689  -6.464  2.162   1.00 32.73 ? 356 HOH A O   1 
HETATM 1002 O O   . HOH D 3 .   ? 5.144   -7.725  -8.546  1.00 22.88 ? 357 HOH A O   1 
HETATM 1003 O O   . HOH D 3 .   ? -11.045 11.559  4.312   1.00 25.27 ? 358 HOH A O   1 
HETATM 1004 O O   . HOH D 3 .   ? -16.573 -0.945  -8.995  1.00 22.17 ? 359 HOH A O   1 
HETATM 1005 O O   . HOH D 3 .   ? -5.103  10.924  4.341   1.00 30.50 ? 360 HOH A O   1 
HETATM 1006 O O   . HOH D 3 .   ? -0.243  -7.279  -10.144 1.00 26.31 ? 361 HOH A O   1 
HETATM 1007 O O   . HOH D 3 .   ? -7.996  9.080   -11.419 1.00 32.23 ? 362 HOH A O   1 
HETATM 1008 O O   . HOH D 3 .   ? 9.351   9.416   -2.524  1.00 18.40 ? 363 HOH A O   1 
HETATM 1009 O O   . HOH D 3 .   ? 12.441  4.297   1.915   1.00 24.53 ? 364 HOH A O   1 
HETATM 1010 O O   . HOH D 3 .   ? 4.260   10.355  12.684  1.00 23.53 ? 365 HOH A O   1 
HETATM 1011 O O   . HOH D 3 .   ? 8.380   -11.965 3.800   1.00 22.93 ? 366 HOH A O   1 
HETATM 1012 O O   . HOH D 3 .   ? 13.998  -2.441  -0.231  1.00 28.12 ? 367 HOH A O   1 
HETATM 1013 O O   . HOH D 3 .   ? -11.053 -7.238  2.540   1.00 24.70 ? 368 HOH A O   1 
HETATM 1014 O O   . HOH D 3 .   ? -4.706  8.796   7.135   1.00 27.27 ? 369 HOH A O   1 
HETATM 1015 O O   . HOH D 3 .   ? 7.797   -8.920  7.498   1.00 23.60 ? 370 HOH A O   1 
HETATM 1016 O O   . HOH D 3 .   ? -6.003  -2.085  -12.396 1.00 27.28 ? 371 HOH A O   1 
HETATM 1017 O O   . HOH D 3 .   ? -3.058  -2.462  -14.054 1.00 28.77 ? 372 HOH A O   1 
HETATM 1018 O O   . HOH D 3 .   ? 2.339   3.106   -13.747 1.00 25.62 ? 373 HOH A O   1 
HETATM 1019 O O   . HOH D 3 .   ? -14.390 8.688   6.365   1.00 26.29 ? 374 HOH A O   1 
HETATM 1020 O O   . HOH D 3 .   ? 20.308  -15.845 -1.702  1.00 24.46 ? 375 HOH A O   1 
HETATM 1021 O O   . HOH D 3 .   ? 7.788   7.296   -12.860 1.00 28.52 ? 376 HOH A O   1 
HETATM 1022 O O   . HOH D 3 .   ? 4.158   6.211   9.918   1.00 32.59 ? 377 HOH A O   1 
HETATM 1023 O O   . HOH D 3 .   ? 16.328  4.111   -8.301  1.00 29.14 ? 378 HOH A O   1 
HETATM 1024 O O   . HOH D 3 .   ? -7.988  -15.837 -7.363  1.00 34.37 ? 379 HOH A O   1 
HETATM 1025 O O   . HOH D 3 .   ? 14.835  7.405   -11.744 1.00 39.31 ? 380 HOH A O   1 
HETATM 1026 O O   . HOH D 3 .   ? -0.016  8.497   -11.540 1.00 36.23 ? 381 HOH A O   1 
# 
